data_4H7R
# 
_entry.id   4H7R 
# 
_audit_conform.dict_name       mmcif_pdbx.dic 
_audit_conform.dict_version    5.399 
_audit_conform.dict_location   http://mmcif.pdb.org/dictionaries/ascii/mmcif_pdbx.dic 
# 
loop_
_database_2.database_id 
_database_2.database_code 
_database_2.pdbx_database_accession 
_database_2.pdbx_DOI 
PDB   4H7R         pdb_00004h7r 10.2210/pdb4h7r/pdb 
RCSB  RCSB075125   ?            ?                   
WWPDB D_1000075125 ?            ?                   
# 
loop_
_pdbx_audit_revision_history.ordinal 
_pdbx_audit_revision_history.data_content_type 
_pdbx_audit_revision_history.major_revision 
_pdbx_audit_revision_history.minor_revision 
_pdbx_audit_revision_history.revision_date 
1 'Structure model' 1 0 2014-02-05 
2 'Structure model' 1 1 2024-11-20 
# 
_pdbx_audit_revision_details.ordinal             1 
_pdbx_audit_revision_details.revision_ordinal    1 
_pdbx_audit_revision_details.data_content_type   'Structure model' 
_pdbx_audit_revision_details.provider            repository 
_pdbx_audit_revision_details.type                'Initial release' 
_pdbx_audit_revision_details.description         ? 
_pdbx_audit_revision_details.details             ? 
# 
loop_
_pdbx_audit_revision_group.ordinal 
_pdbx_audit_revision_group.revision_ordinal 
_pdbx_audit_revision_group.data_content_type 
_pdbx_audit_revision_group.group 
1 2 'Structure model' 'Data collection'      
2 2 'Structure model' 'Database references'  
3 2 'Structure model' 'Derived calculations' 
4 2 'Structure model' 'Structure summary'    
# 
loop_
_pdbx_audit_revision_category.ordinal 
_pdbx_audit_revision_category.revision_ordinal 
_pdbx_audit_revision_category.data_content_type 
_pdbx_audit_revision_category.category 
1 2 'Structure model' chem_comp_atom            
2 2 'Structure model' chem_comp_bond            
3 2 'Structure model' database_2                
4 2 'Structure model' pdbx_entry_details        
5 2 'Structure model' pdbx_modification_feature 
6 2 'Structure model' struct_conn               
7 2 'Structure model' struct_site               
# 
loop_
_pdbx_audit_revision_item.ordinal 
_pdbx_audit_revision_item.revision_ordinal 
_pdbx_audit_revision_item.data_content_type 
_pdbx_audit_revision_item.item 
1 2 'Structure model' '_database_2.pdbx_DOI'                
2 2 'Structure model' '_database_2.pdbx_database_accession' 
3 2 'Structure model' '_struct_conn.pdbx_leaving_atom_flag' 
4 2 'Structure model' '_struct_site.pdbx_auth_asym_id'      
5 2 'Structure model' '_struct_site.pdbx_auth_comp_id'      
6 2 'Structure model' '_struct_site.pdbx_auth_seq_id'       
# 
_pdbx_database_status.status_code                     REL 
_pdbx_database_status.entry_id                        4H7R 
_pdbx_database_status.recvd_initial_deposition_date   2012-09-20 
_pdbx_database_status.deposit_site                    RCSB 
_pdbx_database_status.process_site                    RCSB 
_pdbx_database_status.status_code_sf                  REL 
_pdbx_database_status.status_code_mr                  ? 
_pdbx_database_status.SG_entry                        ? 
_pdbx_database_status.status_code_cs                  ? 
_pdbx_database_status.methods_development_category    ? 
_pdbx_database_status.pdb_format_compatible           Y 
_pdbx_database_status.status_code_nmr_data            ? 
# 
loop_
_pdbx_database_related.db_name 
_pdbx_database_related.db_id 
_pdbx_database_related.details 
_pdbx_database_related.content_type 
PDB 3R3K . unspecified 
PDB 3R4A . unspecified 
PDB 4H8F . unspecified 
PDB 4H8G . unspecified 
PDB 4H8L . unspecified 
PDB 4H8M . unspecified 
PDB 4H8O . unspecified 
# 
loop_
_audit_author.name 
_audit_author.pdbx_ordinal 
'Chi, B.'        1 
'Zaccai, N.R.'   2 
'Brady, R.L.'    3 
'Woolfson, D.N.' 4 
# 
_citation.id                        primary 
_citation.title                     TBA 
_citation.journal_abbrev            'To be Published' 
_citation.journal_volume            ? 
_citation.page_first                ? 
_citation.page_last                 ? 
_citation.year                      ? 
_citation.journal_id_ASTM           ? 
_citation.country                   ? 
_citation.journal_id_ISSN           ? 
_citation.journal_id_CSD            0353 
_citation.book_publisher            ? 
_citation.pdbx_database_id_PubMed   ? 
_citation.pdbx_database_id_DOI      ? 
# 
loop_
_citation_author.citation_id 
_citation_author.name 
_citation_author.ordinal 
_citation_author.identifier_ORCID 
primary 'Chi, B.'        1 ? 
primary 'Zaccai, N.R.'   2 ? 
primary 'Brady, R.L.'    3 ? 
primary 'Woolfson, D.N.' 4 ? 
# 
loop_
_entity.id 
_entity.type 
_entity.src_method 
_entity.pdbx_description 
_entity.formula_weight 
_entity.pdbx_number_of_molecules 
_entity.pdbx_ec 
_entity.pdbx_mutation 
_entity.pdbx_fragment 
_entity.details 
1 polymer     syn CC-Hex-II                3398.045 4   ? ? ? ? 
2 non-polymer syn '1,4-DIETHYLENE DIOXIDE' 88.105   4   ? ? ? ? 
3 non-polymer syn GLYCEROL                 92.094   2   ? ? ? ? 
4 water       nat water                    18.015   204 ? ? ? ? 
# 
_entity_poly.entity_id                      1 
_entity_poly.type                           'polypeptide(L)' 
_entity_poly.nstd_linkage                   no 
_entity_poly.nstd_monomer                   yes 
_entity_poly.pdbx_seq_one_letter_code       '(ACE)GEIKAIAQEIKAIAKEIKAIAWEIKAIAQGY(NH2)' 
_entity_poly.pdbx_seq_one_letter_code_can   XGEIKAIAQEIKAIAKEIKAIAWEIKAIAQGYX 
_entity_poly.pdbx_strand_id                 A,B,C,D 
_entity_poly.pdbx_target_identifier         ? 
# 
loop_
_pdbx_entity_nonpoly.entity_id 
_pdbx_entity_nonpoly.name 
_pdbx_entity_nonpoly.comp_id 
2 '1,4-DIETHYLENE DIOXIDE' DIO 
3 GLYCEROL                 GOL 
4 water                    HOH 
# 
loop_
_entity_poly_seq.entity_id 
_entity_poly_seq.num 
_entity_poly_seq.mon_id 
_entity_poly_seq.hetero 
1 1  ACE n 
1 2  GLY n 
1 3  GLU n 
1 4  ILE n 
1 5  LYS n 
1 6  ALA n 
1 7  ILE n 
1 8  ALA n 
1 9  GLN n 
1 10 GLU n 
1 11 ILE n 
1 12 LYS n 
1 13 ALA n 
1 14 ILE n 
1 15 ALA n 
1 16 LYS n 
1 17 GLU n 
1 18 ILE n 
1 19 LYS n 
1 20 ALA n 
1 21 ILE n 
1 22 ALA n 
1 23 TRP n 
1 24 GLU n 
1 25 ILE n 
1 26 LYS n 
1 27 ALA n 
1 28 ILE n 
1 29 ALA n 
1 30 GLN n 
1 31 GLY n 
1 32 TYR n 
1 33 NH2 n 
# 
_pdbx_entity_src_syn.entity_id              1 
_pdbx_entity_src_syn.pdbx_src_id            1 
_pdbx_entity_src_syn.pdbx_alt_source_flag   sample 
_pdbx_entity_src_syn.pdbx_beg_seq_num       ? 
_pdbx_entity_src_syn.pdbx_end_seq_num       ? 
_pdbx_entity_src_syn.organism_scientific    'Synthetic construct' 
_pdbx_entity_src_syn.organism_common_name   ? 
_pdbx_entity_src_syn.ncbi_taxonomy_id       32630 
_pdbx_entity_src_syn.details                ? 
# 
loop_
_chem_comp.id 
_chem_comp.type 
_chem_comp.mon_nstd_flag 
_chem_comp.name 
_chem_comp.pdbx_synonyms 
_chem_comp.formula 
_chem_comp.formula_weight 
ACE non-polymer         . 'ACETYL GROUP'           ?                               'C2 H4 O'        44.053  
ALA 'L-peptide linking' y ALANINE                  ?                               'C3 H7 N O2'     89.093  
DIO non-polymer         . '1,4-DIETHYLENE DIOXIDE' ?                               'C4 H8 O2'       88.105  
GLN 'L-peptide linking' y GLUTAMINE                ?                               'C5 H10 N2 O3'   146.144 
GLU 'L-peptide linking' y 'GLUTAMIC ACID'          ?                               'C5 H9 N O4'     147.129 
GLY 'peptide linking'   y GLYCINE                  ?                               'C2 H5 N O2'     75.067  
GOL non-polymer         . GLYCEROL                 'GLYCERIN; PROPANE-1,2,3-TRIOL' 'C3 H8 O3'       92.094  
HOH non-polymer         . WATER                    ?                               'H2 O'           18.015  
ILE 'L-peptide linking' y ISOLEUCINE               ?                               'C6 H13 N O2'    131.173 
LYS 'L-peptide linking' y LYSINE                   ?                               'C6 H15 N2 O2 1' 147.195 
NH2 non-polymer         . 'AMINO GROUP'            ?                               'H2 N'           16.023  
TRP 'L-peptide linking' y TRYPTOPHAN               ?                               'C11 H12 N2 O2'  204.225 
TYR 'L-peptide linking' y TYROSINE                 ?                               'C9 H11 N O3'    181.189 
# 
loop_
_pdbx_poly_seq_scheme.asym_id 
_pdbx_poly_seq_scheme.entity_id 
_pdbx_poly_seq_scheme.seq_id 
_pdbx_poly_seq_scheme.mon_id 
_pdbx_poly_seq_scheme.ndb_seq_num 
_pdbx_poly_seq_scheme.pdb_seq_num 
_pdbx_poly_seq_scheme.auth_seq_num 
_pdbx_poly_seq_scheme.pdb_mon_id 
_pdbx_poly_seq_scheme.auth_mon_id 
_pdbx_poly_seq_scheme.pdb_strand_id 
_pdbx_poly_seq_scheme.pdb_ins_code 
_pdbx_poly_seq_scheme.hetero 
A 1 1  ACE 1  0  0  ACE ACE A . n 
A 1 2  GLY 2  1  1  GLY GLY A . n 
A 1 3  GLU 3  2  2  GLU GLU A . n 
A 1 4  ILE 4  3  3  ILE ILE A . n 
A 1 5  LYS 5  4  4  LYS LYS A . n 
A 1 6  ALA 6  5  5  ALA ALA A . n 
A 1 7  ILE 7  6  6  ILE ILE A . n 
A 1 8  ALA 8  7  7  ALA ALA A . n 
A 1 9  GLN 9  8  8  GLN GLN A . n 
A 1 10 GLU 10 9  9  GLU GLU A . n 
A 1 11 ILE 11 10 10 ILE ILE A . n 
A 1 12 LYS 12 11 11 LYS LYS A . n 
A 1 13 ALA 13 12 12 ALA ALA A . n 
A 1 14 ILE 14 13 13 ILE ILE A . n 
A 1 15 ALA 15 14 14 ALA ALA A . n 
A 1 16 LYS 16 15 15 LYS LYS A . n 
A 1 17 GLU 17 16 16 GLU GLU A . n 
A 1 18 ILE 18 17 17 ILE ILE A . n 
A 1 19 LYS 19 18 18 LYS LYS A . n 
A 1 20 ALA 20 19 19 ALA ALA A . n 
A 1 21 ILE 21 20 20 ILE ILE A . n 
A 1 22 ALA 22 21 21 ALA ALA A . n 
A 1 23 TRP 23 22 22 TRP TRP A . n 
A 1 24 GLU 24 23 23 GLU GLU A . n 
A 1 25 ILE 25 24 24 ILE ILE A . n 
A 1 26 LYS 26 25 25 LYS LYS A . n 
A 1 27 ALA 27 26 26 ALA ALA A . n 
A 1 28 ILE 28 27 27 ILE ILE A . n 
A 1 29 ALA 29 28 28 ALA ALA A . n 
A 1 30 GLN 30 29 29 GLN GLN A . n 
A 1 31 GLY 31 30 30 GLY GLY A . n 
A 1 32 TYR 32 31 31 TYR TYR A . n 
A 1 33 NH2 33 32 32 NH2 NH2 A . n 
B 1 1  ACE 1  0  0  ACE ACE B . n 
B 1 2  GLY 2  1  1  GLY GLY B . n 
B 1 3  GLU 3  2  2  GLU GLU B . n 
B 1 4  ILE 4  3  3  ILE ILE B . n 
B 1 5  LYS 5  4  4  LYS LYS B . n 
B 1 6  ALA 6  5  5  ALA ALA B . n 
B 1 7  ILE 7  6  6  ILE ILE B . n 
B 1 8  ALA 8  7  7  ALA ALA B . n 
B 1 9  GLN 9  8  8  GLN GLN B . n 
B 1 10 GLU 10 9  9  GLU GLU B . n 
B 1 11 ILE 11 10 10 ILE ILE B . n 
B 1 12 LYS 12 11 11 LYS LYS B . n 
B 1 13 ALA 13 12 12 ALA ALA B . n 
B 1 14 ILE 14 13 13 ILE ILE B . n 
B 1 15 ALA 15 14 14 ALA ALA B . n 
B 1 16 LYS 16 15 15 LYS LYS B . n 
B 1 17 GLU 17 16 16 GLU GLU B . n 
B 1 18 ILE 18 17 17 ILE ILE B . n 
B 1 19 LYS 19 18 18 LYS LYS B . n 
B 1 20 ALA 20 19 19 ALA ALA B . n 
B 1 21 ILE 21 20 20 ILE ILE B . n 
B 1 22 ALA 22 21 21 ALA ALA B . n 
B 1 23 TRP 23 22 22 TRP TRP B . n 
B 1 24 GLU 24 23 23 GLU GLU B . n 
B 1 25 ILE 25 24 24 ILE ILE B . n 
B 1 26 LYS 26 25 25 LYS LYS B . n 
B 1 27 ALA 27 26 26 ALA ALA B . n 
B 1 28 ILE 28 27 27 ILE ILE B . n 
B 1 29 ALA 29 28 28 ALA ALA B . n 
B 1 30 GLN 30 29 29 GLN GLN B . n 
B 1 31 GLY 31 30 30 GLY GLY B . n 
B 1 32 TYR 32 31 31 TYR TYR B . n 
B 1 33 NH2 33 32 32 NH2 NH2 B . n 
C 1 1  ACE 1  0  0  ACE ACE C . n 
C 1 2  GLY 2  1  1  GLY GLY C . n 
C 1 3  GLU 3  2  2  GLU GLU C . n 
C 1 4  ILE 4  3  3  ILE ILE C . n 
C 1 5  LYS 5  4  4  LYS LYS C . n 
C 1 6  ALA 6  5  5  ALA ALA C . n 
C 1 7  ILE 7  6  6  ILE ILE C . n 
C 1 8  ALA 8  7  7  ALA ALA C . n 
C 1 9  GLN 9  8  8  GLN GLN C . n 
C 1 10 GLU 10 9  9  GLU GLU C . n 
C 1 11 ILE 11 10 10 ILE ILE C . n 
C 1 12 LYS 12 11 11 LYS LYS C . n 
C 1 13 ALA 13 12 12 ALA ALA C . n 
C 1 14 ILE 14 13 13 ILE ILE C . n 
C 1 15 ALA 15 14 14 ALA ALA C . n 
C 1 16 LYS 16 15 15 LYS LYS C . n 
C 1 17 GLU 17 16 16 GLU GLU C . n 
C 1 18 ILE 18 17 17 ILE ILE C . n 
C 1 19 LYS 19 18 18 LYS LYS C . n 
C 1 20 ALA 20 19 19 ALA ALA C . n 
C 1 21 ILE 21 20 20 ILE ILE C . n 
C 1 22 ALA 22 21 21 ALA ALA C . n 
C 1 23 TRP 23 22 22 TRP TRP C . n 
C 1 24 GLU 24 23 23 GLU GLU C . n 
C 1 25 ILE 25 24 24 ILE ILE C . n 
C 1 26 LYS 26 25 25 LYS LYS C . n 
C 1 27 ALA 27 26 26 ALA ALA C . n 
C 1 28 ILE 28 27 27 ILE ILE C . n 
C 1 29 ALA 29 28 28 ALA ALA C . n 
C 1 30 GLN 30 29 29 GLN GLN C . n 
C 1 31 GLY 31 30 30 GLY GLY C . n 
C 1 32 TYR 32 31 31 TYR TYR C . n 
C 1 33 NH2 33 32 32 NH2 NH2 C . n 
D 1 1  ACE 1  0  0  ACE ACE D . n 
D 1 2  GLY 2  1  1  GLY GLY D . n 
D 1 3  GLU 3  2  2  GLU GLU D . n 
D 1 4  ILE 4  3  3  ILE ILE D . n 
D 1 5  LYS 5  4  4  LYS LYS D . n 
D 1 6  ALA 6  5  5  ALA ALA D . n 
D 1 7  ILE 7  6  6  ILE ILE D . n 
D 1 8  ALA 8  7  7  ALA ALA D . n 
D 1 9  GLN 9  8  8  GLN GLN D . n 
D 1 10 GLU 10 9  9  GLU GLU D . n 
D 1 11 ILE 11 10 10 ILE ILE D . n 
D 1 12 LYS 12 11 11 LYS LYS D . n 
D 1 13 ALA 13 12 12 ALA ALA D . n 
D 1 14 ILE 14 13 13 ILE ILE D . n 
D 1 15 ALA 15 14 14 ALA ALA D . n 
D 1 16 LYS 16 15 15 LYS LYS D . n 
D 1 17 GLU 17 16 16 GLU GLU D . n 
D 1 18 ILE 18 17 17 ILE ILE D . n 
D 1 19 LYS 19 18 18 LYS LYS D . n 
D 1 20 ALA 20 19 19 ALA ALA D . n 
D 1 21 ILE 21 20 20 ILE ILE D . n 
D 1 22 ALA 22 21 21 ALA ALA D . n 
D 1 23 TRP 23 22 22 TRP TRP D . n 
D 1 24 GLU 24 23 23 GLU GLU D . n 
D 1 25 ILE 25 24 24 ILE ILE D . n 
D 1 26 LYS 26 25 25 LYS LYS D . n 
D 1 27 ALA 27 26 26 ALA ALA D . n 
D 1 28 ILE 28 27 27 ILE ILE D . n 
D 1 29 ALA 29 28 28 ALA ALA D . n 
D 1 30 GLN 30 29 29 GLN GLN D . n 
D 1 31 GLY 31 30 30 GLY GLY D . n 
D 1 32 TYR 32 31 31 TYR TYR D . n 
D 1 33 NH2 33 32 32 NH2 NH2 D . n 
# 
loop_
_pdbx_nonpoly_scheme.asym_id 
_pdbx_nonpoly_scheme.entity_id 
_pdbx_nonpoly_scheme.mon_id 
_pdbx_nonpoly_scheme.ndb_seq_num 
_pdbx_nonpoly_scheme.pdb_seq_num 
_pdbx_nonpoly_scheme.auth_seq_num 
_pdbx_nonpoly_scheme.pdb_mon_id 
_pdbx_nonpoly_scheme.auth_mon_id 
_pdbx_nonpoly_scheme.pdb_strand_id 
_pdbx_nonpoly_scheme.pdb_ins_code 
E 2 DIO 1  101 1   DIO DIO B . 
F 3 GOL 1  101 1   GOL GOL C . 
G 2 DIO 1  102 1   DIO DIO C . 
H 3 GOL 1  101 1   GOL GOL D . 
I 2 DIO 1  102 1   DIO DIO D . 
J 2 DIO 1  103 1   DIO DIO D . 
K 4 HOH 1  101 5   HOH HOH A . 
K 4 HOH 2  102 11  HOH HOH A . 
K 4 HOH 3  103 12  HOH HOH A . 
K 4 HOH 4  104 16  HOH HOH A . 
K 4 HOH 5  105 17  HOH HOH A . 
K 4 HOH 6  106 20  HOH HOH A . 
K 4 HOH 7  107 23  HOH HOH A . 
K 4 HOH 8  108 24  HOH HOH A . 
K 4 HOH 9  109 35  HOH HOH A . 
K 4 HOH 10 110 43  HOH HOH A . 
K 4 HOH 11 111 55  HOH HOH A . 
K 4 HOH 12 112 58  HOH HOH A . 
K 4 HOH 13 113 64  HOH HOH A . 
K 4 HOH 14 114 65  HOH HOH A . 
K 4 HOH 15 115 69  HOH HOH A . 
K 4 HOH 16 116 72  HOH HOH A . 
K 4 HOH 17 117 73  HOH HOH A . 
K 4 HOH 18 118 77  HOH HOH A . 
K 4 HOH 19 119 84  HOH HOH A . 
K 4 HOH 20 120 85  HOH HOH A . 
K 4 HOH 21 121 86  HOH HOH A . 
K 4 HOH 22 122 87  HOH HOH A . 
K 4 HOH 23 123 91  HOH HOH A . 
K 4 HOH 24 124 92  HOH HOH A . 
K 4 HOH 25 125 93  HOH HOH A . 
K 4 HOH 26 126 96  HOH HOH A . 
K 4 HOH 27 127 104 HOH HOH A . 
K 4 HOH 28 128 105 HOH HOH A . 
K 4 HOH 29 129 112 HOH HOH A . 
K 4 HOH 30 130 115 HOH HOH A . 
K 4 HOH 31 131 116 HOH HOH A . 
K 4 HOH 32 132 117 HOH HOH A . 
K 4 HOH 33 133 120 HOH HOH A . 
K 4 HOH 34 134 121 HOH HOH A . 
K 4 HOH 35 135 125 HOH HOH A . 
K 4 HOH 36 136 127 HOH HOH A . 
K 4 HOH 37 137 129 HOH HOH A . 
K 4 HOH 38 138 133 HOH HOH A . 
K 4 HOH 39 139 153 HOH HOH A . 
K 4 HOH 40 140 156 HOH HOH A . 
K 4 HOH 41 141 163 HOH HOH A . 
K 4 HOH 42 142 167 HOH HOH A . 
K 4 HOH 43 143 169 HOH HOH A . 
K 4 HOH 44 144 171 HOH HOH A . 
K 4 HOH 45 145 185 HOH HOH A . 
K 4 HOH 46 146 191 HOH HOH A . 
K 4 HOH 47 147 193 HOH HOH A . 
K 4 HOH 48 148 202 HOH HOH A . 
K 4 HOH 49 149 203 HOH HOH A . 
K 4 HOH 50 150 205 HOH HOH A . 
L 4 HOH 1  201 1   HOH HOH B . 
L 4 HOH 2  202 6   HOH HOH B . 
L 4 HOH 3  203 7   HOH HOH B . 
L 4 HOH 4  204 10  HOH HOH B . 
L 4 HOH 5  205 13  HOH HOH B . 
L 4 HOH 6  206 18  HOH HOH B . 
L 4 HOH 7  207 29  HOH HOH B . 
L 4 HOH 8  208 32  HOH HOH B . 
L 4 HOH 9  209 37  HOH HOH B . 
L 4 HOH 10 210 38  HOH HOH B . 
L 4 HOH 11 211 39  HOH HOH B . 
L 4 HOH 12 212 40  HOH HOH B . 
L 4 HOH 13 213 45  HOH HOH B . 
L 4 HOH 14 214 48  HOH HOH B . 
L 4 HOH 15 215 51  HOH HOH B . 
L 4 HOH 16 216 54  HOH HOH B . 
L 4 HOH 17 217 56  HOH HOH B . 
L 4 HOH 18 218 63  HOH HOH B . 
L 4 HOH 19 219 68  HOH HOH B . 
L 4 HOH 20 220 75  HOH HOH B . 
L 4 HOH 21 221 78  HOH HOH B . 
L 4 HOH 22 222 80  HOH HOH B . 
L 4 HOH 23 223 81  HOH HOH B . 
L 4 HOH 24 224 82  HOH HOH B . 
L 4 HOH 25 225 89  HOH HOH B . 
L 4 HOH 26 226 99  HOH HOH B . 
L 4 HOH 27 227 101 HOH HOH B . 
L 4 HOH 28 228 103 HOH HOH B . 
L 4 HOH 29 229 107 HOH HOH B . 
L 4 HOH 30 230 111 HOH HOH B . 
L 4 HOH 31 231 126 HOH HOH B . 
L 4 HOH 32 232 132 HOH HOH B . 
L 4 HOH 33 233 151 HOH HOH B . 
L 4 HOH 34 234 154 HOH HOH B . 
L 4 HOH 35 235 157 HOH HOH B . 
L 4 HOH 36 236 159 HOH HOH B . 
L 4 HOH 37 237 161 HOH HOH B . 
L 4 HOH 38 238 164 HOH HOH B . 
L 4 HOH 39 239 177 HOH HOH B . 
L 4 HOH 40 240 180 HOH HOH B . 
L 4 HOH 41 241 181 HOH HOH B . 
L 4 HOH 42 242 183 HOH HOH B . 
L 4 HOH 43 243 192 HOH HOH B . 
L 4 HOH 44 244 198 HOH HOH B . 
L 4 HOH 45 245 200 HOH HOH B . 
L 4 HOH 46 246 208 HOH HOH B . 
L 4 HOH 47 247 209 HOH HOH B . 
L 4 HOH 48 248 213 HOH HOH B . 
L 4 HOH 49 249 173 HOH HOH B . 
M 4 HOH 1  201 2   HOH HOH C . 
M 4 HOH 2  202 3   HOH HOH C . 
M 4 HOH 3  203 4   HOH HOH C . 
M 4 HOH 4  204 19  HOH HOH C . 
M 4 HOH 5  205 28  HOH HOH C . 
M 4 HOH 6  206 30  HOH HOH C . 
M 4 HOH 7  207 41  HOH HOH C . 
M 4 HOH 8  208 44  HOH HOH C . 
M 4 HOH 9  209 46  HOH HOH C . 
M 4 HOH 10 210 49  HOH HOH C . 
M 4 HOH 11 211 52  HOH HOH C . 
M 4 HOH 12 212 57  HOH HOH C . 
M 4 HOH 13 213 59  HOH HOH C . 
M 4 HOH 14 214 60  HOH HOH C . 
M 4 HOH 15 215 61  HOH HOH C . 
M 4 HOH 16 216 62  HOH HOH C . 
M 4 HOH 17 217 70  HOH HOH C . 
M 4 HOH 18 218 74  HOH HOH C . 
M 4 HOH 19 219 83  HOH HOH C . 
M 4 HOH 20 220 90  HOH HOH C . 
M 4 HOH 21 221 95  HOH HOH C . 
M 4 HOH 22 222 102 HOH HOH C . 
M 4 HOH 23 223 106 HOH HOH C . 
M 4 HOH 24 224 108 HOH HOH C . 
M 4 HOH 25 225 109 HOH HOH C . 
M 4 HOH 26 226 114 HOH HOH C . 
M 4 HOH 27 227 118 HOH HOH C . 
M 4 HOH 28 228 119 HOH HOH C . 
M 4 HOH 29 229 122 HOH HOH C . 
M 4 HOH 30 230 123 HOH HOH C . 
M 4 HOH 31 231 128 HOH HOH C . 
M 4 HOH 32 232 131 HOH HOH C . 
M 4 HOH 33 233 134 HOH HOH C . 
M 4 HOH 34 234 136 HOH HOH C . 
M 4 HOH 35 235 137 HOH HOH C . 
M 4 HOH 36 236 140 HOH HOH C . 
M 4 HOH 37 237 141 HOH HOH C . 
M 4 HOH 38 238 146 HOH HOH C . 
M 4 HOH 39 239 147 HOH HOH C . 
M 4 HOH 40 240 148 HOH HOH C . 
M 4 HOH 41 241 149 HOH HOH C . 
M 4 HOH 42 242 168 HOH HOH C . 
M 4 HOH 43 243 170 HOH HOH C . 
M 4 HOH 44 244 179 HOH HOH C . 
M 4 HOH 45 245 184 HOH HOH C . 
M 4 HOH 46 246 206 HOH HOH C . 
M 4 HOH 47 247 211 HOH HOH C . 
M 4 HOH 48 248 214 HOH HOH C . 
N 4 HOH 1  201 8   HOH HOH D . 
N 4 HOH 2  202 9   HOH HOH D . 
N 4 HOH 3  203 14  HOH HOH D . 
N 4 HOH 4  204 15  HOH HOH D . 
N 4 HOH 5  205 21  HOH HOH D . 
N 4 HOH 6  206 25  HOH HOH D . 
N 4 HOH 7  207 26  HOH HOH D . 
N 4 HOH 8  208 27  HOH HOH D . 
N 4 HOH 9  209 31  HOH HOH D . 
N 4 HOH 10 210 33  HOH HOH D . 
N 4 HOH 11 211 34  HOH HOH D . 
N 4 HOH 12 212 36  HOH HOH D . 
N 4 HOH 13 213 42  HOH HOH D . 
N 4 HOH 14 214 47  HOH HOH D . 
N 4 HOH 15 215 50  HOH HOH D . 
N 4 HOH 16 216 66  HOH HOH D . 
N 4 HOH 17 217 67  HOH HOH D . 
N 4 HOH 18 218 71  HOH HOH D . 
N 4 HOH 19 219 76  HOH HOH D . 
N 4 HOH 20 220 79  HOH HOH D . 
N 4 HOH 21 221 88  HOH HOH D . 
N 4 HOH 22 222 94  HOH HOH D . 
N 4 HOH 23 223 97  HOH HOH D . 
N 4 HOH 24 224 98  HOH HOH D . 
N 4 HOH 25 225 110 HOH HOH D . 
N 4 HOH 26 226 113 HOH HOH D . 
N 4 HOH 27 227 124 HOH HOH D . 
N 4 HOH 28 228 130 HOH HOH D . 
N 4 HOH 29 229 138 HOH HOH D . 
N 4 HOH 30 230 139 HOH HOH D . 
N 4 HOH 31 231 144 HOH HOH D . 
N 4 HOH 32 232 145 HOH HOH D . 
N 4 HOH 33 233 150 HOH HOH D . 
N 4 HOH 34 234 152 HOH HOH D . 
N 4 HOH 35 235 155 HOH HOH D . 
N 4 HOH 36 236 158 HOH HOH D . 
N 4 HOH 37 237 162 HOH HOH D . 
N 4 HOH 38 238 165 HOH HOH D . 
N 4 HOH 39 239 166 HOH HOH D . 
N 4 HOH 40 240 172 HOH HOH D . 
N 4 HOH 41 241 174 HOH HOH D . 
N 4 HOH 42 242 175 HOH HOH D . 
N 4 HOH 43 243 182 HOH HOH D . 
N 4 HOH 44 244 187 HOH HOH D . 
N 4 HOH 45 245 188 HOH HOH D . 
N 4 HOH 46 246 190 HOH HOH D . 
N 4 HOH 47 247 194 HOH HOH D . 
N 4 HOH 48 248 195 HOH HOH D . 
N 4 HOH 49 249 196 HOH HOH D . 
N 4 HOH 50 250 197 HOH HOH D . 
N 4 HOH 51 251 201 HOH HOH D . 
N 4 HOH 52 252 207 HOH HOH D . 
N 4 HOH 53 253 210 HOH HOH D . 
N 4 HOH 54 254 216 HOH HOH D . 
N 4 HOH 55 255 217 HOH HOH D . 
N 4 HOH 56 256 219 HOH HOH D . 
N 4 HOH 57 257 220 HOH HOH D . 
# 
_software.name             REFMAC 
_software.classification   refinement 
_software.version          5.6.0117 
_software.citation_id      ? 
_software.pdbx_ordinal     1 
# 
_cell.entry_id           4H7R 
_cell.length_a           36.630 
_cell.length_b           38.230 
_cell.length_c           88.740 
_cell.angle_alpha        90.00 
_cell.angle_beta         90.00 
_cell.angle_gamma        90.00 
_cell.Z_PDB              16 
_cell.pdbx_unique_axis   ? 
_cell.length_a_esd       ? 
_cell.length_b_esd       ? 
_cell.length_c_esd       ? 
_cell.angle_alpha_esd    ? 
_cell.angle_beta_esd     ? 
_cell.angle_gamma_esd    ? 
# 
_symmetry.entry_id                         4H7R 
_symmetry.space_group_name_H-M             'P 21 21 21' 
_symmetry.pdbx_full_space_group_name_H-M   ? 
_symmetry.cell_setting                     ? 
_symmetry.Int_Tables_number                19 
_symmetry.space_group_name_Hall            ? 
# 
_exptl.entry_id          4H7R 
_exptl.method            'X-RAY DIFFRACTION' 
_exptl.crystals_number   1 
# 
_exptl_crystal.id                    1 
_exptl_crystal.density_meas          ? 
_exptl_crystal.density_Matthews      2.29 
_exptl_crystal.density_percent_sol   46.19 
_exptl_crystal.description           ? 
_exptl_crystal.F_000                 ? 
_exptl_crystal.preparation           ? 
# 
_exptl_crystal_grow.crystal_id      1 
_exptl_crystal_grow.method          'VAPOR DIFFUSION, SITTING DROP' 
_exptl_crystal_grow.temp            291 
_exptl_crystal_grow.temp_details    ? 
_exptl_crystal_grow.pH              8.5 
_exptl_crystal_grow.pdbx_details    'pH 8.5, VAPOR DIFFUSION, SITTING DROP, temperature 291K' 
_exptl_crystal_grow.pdbx_pH_range   ? 
# 
_diffrn.id                     1 
_diffrn.ambient_temp           ? 
_diffrn.ambient_temp_details   ? 
_diffrn.crystal_id             1 
# 
_diffrn_detector.diffrn_id              1 
_diffrn_detector.detector               CCD 
_diffrn_detector.type                   'ADSC QUANTUM 315' 
_diffrn_detector.pdbx_collection_date   ? 
_diffrn_detector.details                ? 
# 
_diffrn_radiation.diffrn_id                        1 
_diffrn_radiation.wavelength_id                    1 
_diffrn_radiation.pdbx_monochromatic_or_laue_m_l   M 
_diffrn_radiation.monochromator                    ? 
_diffrn_radiation.pdbx_diffrn_protocol             'SINGLE WAVELENGTH' 
_diffrn_radiation.pdbx_scattering_type             x-ray 
# 
_diffrn_radiation_wavelength.id           1 
_diffrn_radiation_wavelength.wavelength   0.97 
_diffrn_radiation_wavelength.wt           1.0 
# 
_diffrn_source.diffrn_id                   1 
_diffrn_source.source                      SYNCHROTRON 
_diffrn_source.type                        'DIAMOND BEAMLINE I02' 
_diffrn_source.pdbx_synchrotron_site       Diamond 
_diffrn_source.pdbx_synchrotron_beamline   I02 
_diffrn_source.pdbx_wavelength             ? 
_diffrn_source.pdbx_wavelength_list        0.97 
# 
_reflns.entry_id                     4H7R 
_reflns.observed_criterion_sigma_I   ? 
_reflns.observed_criterion_sigma_F   ? 
_reflns.d_resolution_low             23.4 
_reflns.d_resolution_high            1.33 
_reflns.number_obs                   27774 
_reflns.number_all                   29350 
_reflns.percent_possible_obs         ? 
_reflns.pdbx_Rmerge_I_obs            ? 
_reflns.pdbx_Rsym_value              ? 
_reflns.pdbx_netI_over_sigmaI        ? 
_reflns.B_iso_Wilson_estimate        ? 
_reflns.pdbx_redundancy              ? 
_reflns.R_free_details               ? 
_reflns.limit_h_max                  ? 
_reflns.limit_h_min                  ? 
_reflns.limit_k_max                  ? 
_reflns.limit_k_min                  ? 
_reflns.limit_l_max                  ? 
_reflns.limit_l_min                  ? 
_reflns.observed_criterion_F_max     ? 
_reflns.observed_criterion_F_min     ? 
_reflns.pdbx_chi_squared             ? 
_reflns.pdbx_scaling_rejects         ? 
_reflns.pdbx_ordinal                 1 
_reflns.pdbx_diffrn_id               1 
# 
_refine.entry_id                                 4H7R 
_refine.ls_number_reflns_obs                     27774 
_refine.ls_number_reflns_all                     ? 
_refine.pdbx_ls_sigma_I                          ? 
_refine.pdbx_ls_sigma_F                          ? 
_refine.pdbx_data_cutoff_high_absF               ? 
_refine.pdbx_data_cutoff_low_absF                ? 
_refine.pdbx_data_cutoff_high_rms_absF           ? 
_refine.ls_d_res_low                             23.39 
_refine.ls_d_res_high                            1.33 
_refine.ls_percent_reflns_obs                    99.52 
_refine.ls_R_factor_obs                          0.19912 
_refine.ls_R_factor_all                          ? 
_refine.ls_R_factor_R_work                       0.19757 
_refine.ls_R_factor_R_free                       0.22669 
_refine.ls_R_factor_R_free_error                 ? 
_refine.ls_R_factor_R_free_error_details         ? 
_refine.ls_percent_reflns_R_free                 5.1 
_refine.ls_number_reflns_R_free                  1491 
_refine.ls_number_parameters                     ? 
_refine.ls_number_restraints                     ? 
_refine.occupancy_min                            ? 
_refine.occupancy_max                            ? 
_refine.correlation_coeff_Fo_to_Fc               0.964 
_refine.correlation_coeff_Fo_to_Fc_free          0.956 
_refine.B_iso_mean                               22.969 
_refine.aniso_B[1][1]                            1.28 
_refine.aniso_B[2][2]                            0.36 
_refine.aniso_B[3][3]                            -1.64 
_refine.aniso_B[1][2]                            -0.00 
_refine.aniso_B[1][3]                            0.00 
_refine.aniso_B[2][3]                            -0.00 
_refine.solvent_model_details                    MASK 
_refine.solvent_model_param_ksol                 ? 
_refine.solvent_model_param_bsol                 ? 
_refine.pdbx_solvent_vdw_probe_radii             1.20 
_refine.pdbx_solvent_ion_probe_radii             0.80 
_refine.pdbx_solvent_shrinkage_radii             0.80 
_refine.pdbx_ls_cross_valid_method               THROUGHOUT 
_refine.details                                  'HYDROGENS HAVE BEEN USED IF PRESENT IN THE INPUT' 
_refine.pdbx_starting_model                      ? 
_refine.pdbx_method_to_determine_struct          'MOLECULAR REPLACEMENT' 
_refine.pdbx_isotropic_thermal_model             ? 
_refine.pdbx_stereochemistry_target_values       'MAXIMUM LIKELIHOOD' 
_refine.pdbx_stereochem_target_val_spec_case     ? 
_refine.pdbx_R_Free_selection_details            RANDOM 
_refine.pdbx_overall_ESU_R                       0.063 
_refine.pdbx_overall_ESU_R_Free                  0.065 
_refine.overall_SU_ML                            0.047 
_refine.pdbx_overall_phase_error                 ? 
_refine.overall_SU_B                             1.161 
_refine.overall_SU_R_Cruickshank_DPI             ? 
_refine.ls_redundancy_reflns_obs                 ? 
_refine.B_iso_min                                ? 
_refine.B_iso_max                                ? 
_refine.overall_SU_R_free                        ? 
_refine.ls_wR_factor_R_free                      ? 
_refine.ls_wR_factor_R_work                      ? 
_refine.overall_FOM_free_R_set                   ? 
_refine.overall_FOM_work_R_set                   ? 
_refine.pdbx_diffrn_id                           1 
_refine.pdbx_refine_id                           'X-RAY DIFFRACTION' 
_refine.pdbx_TLS_residual_ADP_flag               ? 
_refine.pdbx_overall_SU_R_free_Cruickshank_DPI   ? 
_refine.pdbx_overall_SU_R_Blow_DPI               ? 
_refine.pdbx_overall_SU_R_free_Blow_DPI          ? 
# 
_refine_hist.pdbx_refine_id                   'X-RAY DIFFRACTION' 
_refine_hist.cycle_id                         LAST 
_refine_hist.pdbx_number_atoms_protein        964 
_refine_hist.pdbx_number_atoms_nucleic_acid   0 
_refine_hist.pdbx_number_atoms_ligand         36 
_refine_hist.number_atoms_solvent             204 
_refine_hist.number_atoms_total               1204 
_refine_hist.d_res_high                       1.33 
_refine_hist.d_res_low                        23.39 
# 
loop_
_refine_ls_restr.type 
_refine_ls_restr.dev_ideal 
_refine_ls_restr.dev_ideal_target 
_refine_ls_restr.weight 
_refine_ls_restr.number 
_refine_ls_restr.pdbx_restraint_function 
_refine_ls_restr.pdbx_refine_id 
r_bond_refined_d             0.013  0.019  ? 1064 ? 'X-RAY DIFFRACTION' 
r_bond_other_d               ?      ?      ? ?    ? 'X-RAY DIFFRACTION' 
r_angle_refined_deg          2.916  1.987  ? 1412 ? 'X-RAY DIFFRACTION' 
r_angle_other_deg            ?      ?      ? ?    ? 'X-RAY DIFFRACTION' 
r_dihedral_angle_1_deg       3.805  5.000  ? 132  ? 'X-RAY DIFFRACTION' 
r_dihedral_angle_2_deg       33.878 27.429 ? 35   ? 'X-RAY DIFFRACTION' 
r_dihedral_angle_3_deg       13.528 15.000 ? 207  ? 'X-RAY DIFFRACTION' 
r_dihedral_angle_4_deg       ?      ?      ? ?    ? 'X-RAY DIFFRACTION' 
r_chiral_restr               0.137  0.200  ? 155  ? 'X-RAY DIFFRACTION' 
r_gen_planes_refined         0.015  0.020  ? 714  ? 'X-RAY DIFFRACTION' 
r_gen_planes_other           ?      ?      ? ?    ? 'X-RAY DIFFRACTION' 
r_nbd_refined                ?      ?      ? ?    ? 'X-RAY DIFFRACTION' 
r_nbd_other                  ?      ?      ? ?    ? 'X-RAY DIFFRACTION' 
r_nbtor_refined              ?      ?      ? ?    ? 'X-RAY DIFFRACTION' 
r_nbtor_other                ?      ?      ? ?    ? 'X-RAY DIFFRACTION' 
r_xyhbond_nbd_refined        ?      ?      ? ?    ? 'X-RAY DIFFRACTION' 
r_xyhbond_nbd_other          ?      ?      ? ?    ? 'X-RAY DIFFRACTION' 
r_metal_ion_refined          ?      ?      ? ?    ? 'X-RAY DIFFRACTION' 
r_metal_ion_other            ?      ?      ? ?    ? 'X-RAY DIFFRACTION' 
r_symmetry_vdw_refined       ?      ?      ? ?    ? 'X-RAY DIFFRACTION' 
r_symmetry_vdw_other         ?      ?      ? ?    ? 'X-RAY DIFFRACTION' 
r_symmetry_hbond_refined     ?      ?      ? ?    ? 'X-RAY DIFFRACTION' 
r_symmetry_hbond_other       ?      ?      ? ?    ? 'X-RAY DIFFRACTION' 
r_symmetry_metal_ion_refined ?      ?      ? ?    ? 'X-RAY DIFFRACTION' 
r_symmetry_metal_ion_other   ?      ?      ? ?    ? 'X-RAY DIFFRACTION' 
r_mcbond_it                  ?      ?      ? ?    ? 'X-RAY DIFFRACTION' 
r_mcbond_other               ?      ?      ? ?    ? 'X-RAY DIFFRACTION' 
r_mcangle_it                 ?      ?      ? ?    ? 'X-RAY DIFFRACTION' 
r_scbond_it                  ?      ?      ? ?    ? 'X-RAY DIFFRACTION' 
r_scangle_it                 ?      ?      ? ?    ? 'X-RAY DIFFRACTION' 
r_rigid_bond_restr           ?      ?      ? ?    ? 'X-RAY DIFFRACTION' 
r_sphericity_free            ?      ?      ? ?    ? 'X-RAY DIFFRACTION' 
r_sphericity_bonded          ?      ?      ? ?    ? 'X-RAY DIFFRACTION' 
# 
_refine_ls_shell.pdbx_total_number_of_bins_used   20 
_refine_ls_shell.d_res_high                       1.330 
_refine_ls_shell.d_res_low                        1.364 
_refine_ls_shell.number_reflns_R_work             1849 
_refine_ls_shell.R_factor_R_work                  0.384 
_refine_ls_shell.percent_reflns_obs               99.44 
_refine_ls_shell.R_factor_R_free                  0.400 
_refine_ls_shell.R_factor_R_free_error            ? 
_refine_ls_shell.percent_reflns_R_free            ? 
_refine_ls_shell.number_reflns_R_free             105 
_refine_ls_shell.number_reflns_all                ? 
_refine_ls_shell.R_factor_all                     ? 
_refine_ls_shell.number_reflns_obs                ? 
_refine_ls_shell.redundancy_reflns_obs            ? 
_refine_ls_shell.pdbx_refine_id                   'X-RAY DIFFRACTION' 
# 
_struct.entry_id                  4H7R 
_struct.title                     'Crystal structure of a parallel 4-helix coiled coil CC-Hex-II' 
_struct.pdbx_model_details        ? 
_struct.pdbx_CASP_flag            ? 
_struct.pdbx_model_type_details   ? 
# 
_struct_keywords.entry_id        4H7R 
_struct_keywords.pdbx_keywords   'DE NOVO PROTEIN' 
_struct_keywords.text            
'4-helix coiled coil, de novo peptide, none, N-terminal acetylation, C-terminal amidation, DE NOVO PROTEIN' 
# 
loop_
_struct_asym.id 
_struct_asym.pdbx_blank_PDB_chainid_flag 
_struct_asym.pdbx_modified 
_struct_asym.entity_id 
_struct_asym.details 
A N N 1 ? 
B N N 1 ? 
C N N 1 ? 
D N N 1 ? 
E N N 2 ? 
F N N 3 ? 
G N N 2 ? 
H N N 3 ? 
I N N 2 ? 
J N N 2 ? 
K N N 4 ? 
L N N 4 ? 
M N N 4 ? 
N N N 4 ? 
# 
_struct_ref.id                         1 
_struct_ref.db_name                    PDB 
_struct_ref.db_code                    4H7R 
_struct_ref.pdbx_db_accession          4H7R 
_struct_ref.entity_id                  1 
_struct_ref.pdbx_align_begin           ? 
_struct_ref.pdbx_seq_one_letter_code   ? 
_struct_ref.pdbx_db_isoform            ? 
# 
loop_
_struct_ref_seq.align_id 
_struct_ref_seq.ref_id 
_struct_ref_seq.pdbx_PDB_id_code 
_struct_ref_seq.pdbx_strand_id 
_struct_ref_seq.seq_align_beg 
_struct_ref_seq.pdbx_seq_align_beg_ins_code 
_struct_ref_seq.seq_align_end 
_struct_ref_seq.pdbx_seq_align_end_ins_code 
_struct_ref_seq.pdbx_db_accession 
_struct_ref_seq.db_align_beg 
_struct_ref_seq.pdbx_db_align_beg_ins_code 
_struct_ref_seq.db_align_end 
_struct_ref_seq.pdbx_db_align_end_ins_code 
_struct_ref_seq.pdbx_auth_seq_align_beg 
_struct_ref_seq.pdbx_auth_seq_align_end 
1 1 4H7R A 1 ? 33 ? 4H7R 0 ? 32 ? 0 32 
2 1 4H7R B 1 ? 33 ? 4H7R 0 ? 32 ? 0 32 
3 1 4H7R C 1 ? 33 ? 4H7R 0 ? 32 ? 0 32 
4 1 4H7R D 1 ? 33 ? 4H7R 0 ? 32 ? 0 32 
# 
_pdbx_struct_assembly.id                   1 
_pdbx_struct_assembly.details              author_and_software_defined_assembly 
_pdbx_struct_assembly.method_details       PISA 
_pdbx_struct_assembly.oligomeric_details   tetrameric 
_pdbx_struct_assembly.oligomeric_count     4 
# 
loop_
_pdbx_struct_assembly_prop.biol_id 
_pdbx_struct_assembly_prop.type 
_pdbx_struct_assembly_prop.value 
_pdbx_struct_assembly_prop.details 
1 'ABSA (A^2)' 7690 ? 
1 MORE         -46  ? 
1 'SSA (A^2)'  6930 ? 
# 
_pdbx_struct_assembly_gen.assembly_id       1 
_pdbx_struct_assembly_gen.oper_expression   1 
_pdbx_struct_assembly_gen.asym_id_list      A,B,C,D,E,F,G,H,I,J,K,L,M,N 
# 
_pdbx_struct_oper_list.id                   1 
_pdbx_struct_oper_list.type                 'identity operation' 
_pdbx_struct_oper_list.name                 1_555 
_pdbx_struct_oper_list.symmetry_operation   x,y,z 
_pdbx_struct_oper_list.matrix[1][1]         1.0000000000 
_pdbx_struct_oper_list.matrix[1][2]         0.0000000000 
_pdbx_struct_oper_list.matrix[1][3]         0.0000000000 
_pdbx_struct_oper_list.vector[1]            0.0000000000 
_pdbx_struct_oper_list.matrix[2][1]         0.0000000000 
_pdbx_struct_oper_list.matrix[2][2]         1.0000000000 
_pdbx_struct_oper_list.matrix[2][3]         0.0000000000 
_pdbx_struct_oper_list.vector[2]            0.0000000000 
_pdbx_struct_oper_list.matrix[3][1]         0.0000000000 
_pdbx_struct_oper_list.matrix[3][2]         0.0000000000 
_pdbx_struct_oper_list.matrix[3][3]         1.0000000000 
_pdbx_struct_oper_list.vector[3]            0.0000000000 
# 
_struct_biol.id        1 
_struct_biol.details   'crystallized as tetramer, solution-phase biophysics (AUC) suggest hexamer' 
# 
loop_
_struct_conf.conf_type_id 
_struct_conf.id 
_struct_conf.pdbx_PDB_helix_id 
_struct_conf.beg_label_comp_id 
_struct_conf.beg_label_asym_id 
_struct_conf.beg_label_seq_id 
_struct_conf.pdbx_beg_PDB_ins_code 
_struct_conf.end_label_comp_id 
_struct_conf.end_label_asym_id 
_struct_conf.end_label_seq_id 
_struct_conf.pdbx_end_PDB_ins_code 
_struct_conf.beg_auth_comp_id 
_struct_conf.beg_auth_asym_id 
_struct_conf.beg_auth_seq_id 
_struct_conf.end_auth_comp_id 
_struct_conf.end_auth_asym_id 
_struct_conf.end_auth_seq_id 
_struct_conf.pdbx_PDB_helix_class 
_struct_conf.details 
_struct_conf.pdbx_PDB_helix_length 
HELX_P HELX_P1 1 GLY A 2 ? ALA A 29 ? GLY A 1 ALA A 28 1 ? 28 
HELX_P HELX_P2 2 GLY B 2 ? GLY B 31 ? GLY B 1 GLY B 30 1 ? 30 
HELX_P HELX_P3 3 GLY C 2 ? GLY C 31 ? GLY C 1 GLY C 30 1 ? 30 
HELX_P HELX_P4 4 GLY D 2 ? GLN D 30 ? GLY D 1 GLN D 29 1 ? 29 
# 
_struct_conf_type.id          HELX_P 
_struct_conf_type.criteria    ? 
_struct_conf_type.reference   ? 
# 
loop_
_struct_conn.id 
_struct_conn.conn_type_id 
_struct_conn.pdbx_leaving_atom_flag 
_struct_conn.pdbx_PDB_id 
_struct_conn.ptnr1_label_asym_id 
_struct_conn.ptnr1_label_comp_id 
_struct_conn.ptnr1_label_seq_id 
_struct_conn.ptnr1_label_atom_id 
_struct_conn.pdbx_ptnr1_label_alt_id 
_struct_conn.pdbx_ptnr1_PDB_ins_code 
_struct_conn.pdbx_ptnr1_standard_comp_id 
_struct_conn.ptnr1_symmetry 
_struct_conn.ptnr2_label_asym_id 
_struct_conn.ptnr2_label_comp_id 
_struct_conn.ptnr2_label_seq_id 
_struct_conn.ptnr2_label_atom_id 
_struct_conn.pdbx_ptnr2_label_alt_id 
_struct_conn.pdbx_ptnr2_PDB_ins_code 
_struct_conn.ptnr1_auth_asym_id 
_struct_conn.ptnr1_auth_comp_id 
_struct_conn.ptnr1_auth_seq_id 
_struct_conn.ptnr2_auth_asym_id 
_struct_conn.ptnr2_auth_comp_id 
_struct_conn.ptnr2_auth_seq_id 
_struct_conn.ptnr2_symmetry 
_struct_conn.pdbx_ptnr3_label_atom_id 
_struct_conn.pdbx_ptnr3_label_seq_id 
_struct_conn.pdbx_ptnr3_label_comp_id 
_struct_conn.pdbx_ptnr3_label_asym_id 
_struct_conn.pdbx_ptnr3_label_alt_id 
_struct_conn.pdbx_ptnr3_PDB_ins_code 
_struct_conn.details 
_struct_conn.pdbx_dist_value 
_struct_conn.pdbx_value_order 
_struct_conn.pdbx_role 
covale1 covale both ? A ACE 1  C ? ? ? 1_555 A GLY 2  N ? ? A ACE 0  A GLY 1  1_555 ? ? ? ? ? ? ? 1.316 ? ? 
covale2 covale both ? A TYR 32 C ? ? ? 1_555 A NH2 33 N ? ? A TYR 31 A NH2 32 1_555 ? ? ? ? ? ? ? 1.331 ? ? 
covale3 covale both ? B ACE 1  C ? ? ? 1_555 B GLY 2  N ? ? B ACE 0  B GLY 1  1_555 ? ? ? ? ? ? ? 1.332 ? ? 
covale4 covale both ? B TYR 32 C ? ? ? 1_555 B NH2 33 N ? ? B TYR 31 B NH2 32 1_555 ? ? ? ? ? ? ? 1.326 ? ? 
covale5 covale both ? C ACE 1  C ? ? ? 1_555 C GLY 2  N ? ? C ACE 0  C GLY 1  1_555 ? ? ? ? ? ? ? 1.336 ? ? 
covale6 covale both ? C TYR 32 C ? ? ? 1_555 C NH2 33 N ? ? C TYR 31 C NH2 32 1_555 ? ? ? ? ? ? ? 1.330 ? ? 
covale7 covale both ? D ACE 1  C ? ? ? 1_555 D GLY 2  N ? ? D ACE 0  D GLY 1  1_555 ? ? ? ? ? ? ? 1.332 ? ? 
covale8 covale both ? D TYR 32 C ? ? ? 1_555 D NH2 33 N ? ? D TYR 31 D NH2 32 1_555 ? ? ? ? ? ? ? 1.331 ? ? 
# 
_struct_conn_type.id          covale 
_struct_conn_type.criteria    ? 
_struct_conn_type.reference   ? 
# 
loop_
_pdbx_modification_feature.ordinal 
_pdbx_modification_feature.label_comp_id 
_pdbx_modification_feature.label_asym_id 
_pdbx_modification_feature.label_seq_id 
_pdbx_modification_feature.label_alt_id 
_pdbx_modification_feature.modified_residue_label_comp_id 
_pdbx_modification_feature.modified_residue_label_asym_id 
_pdbx_modification_feature.modified_residue_label_seq_id 
_pdbx_modification_feature.modified_residue_label_alt_id 
_pdbx_modification_feature.auth_comp_id 
_pdbx_modification_feature.auth_asym_id 
_pdbx_modification_feature.auth_seq_id 
_pdbx_modification_feature.PDB_ins_code 
_pdbx_modification_feature.symmetry 
_pdbx_modification_feature.modified_residue_auth_comp_id 
_pdbx_modification_feature.modified_residue_auth_asym_id 
_pdbx_modification_feature.modified_residue_auth_seq_id 
_pdbx_modification_feature.modified_residue_PDB_ins_code 
_pdbx_modification_feature.modified_residue_symmetry 
_pdbx_modification_feature.comp_id_linking_atom 
_pdbx_modification_feature.modified_residue_id_linking_atom 
_pdbx_modification_feature.modified_residue_id 
_pdbx_modification_feature.ref_pcm_id 
_pdbx_modification_feature.ref_comp_id 
_pdbx_modification_feature.type 
_pdbx_modification_feature.category 
1 ACE A 1  ? GLY A 2  ? ACE A 0  ? 1_555 GLY A 1  ? 1_555 . . GLY 12 ACE None 'Terminal acetylation' 
2 ACE B 1  ? GLY B 2  ? ACE B 0  ? 1_555 GLY B 1  ? 1_555 . . GLY 12 ACE None 'Terminal acetylation' 
3 ACE C 1  ? GLY C 2  ? ACE C 0  ? 1_555 GLY C 1  ? 1_555 . . GLY 12 ACE None 'Terminal acetylation' 
4 ACE D 1  ? GLY D 2  ? ACE D 0  ? 1_555 GLY D 1  ? 1_555 . . GLY 12 ACE None 'Terminal acetylation' 
5 NH2 A 33 ? TYR A 32 ? NH2 A 32 ? 1_555 TYR A 31 ? 1_555 . . TYR 5  NH2 None 'Terminal amidation'   
6 NH2 B 33 ? TYR B 32 ? NH2 B 32 ? 1_555 TYR B 31 ? 1_555 . . TYR 5  NH2 None 'Terminal amidation'   
7 NH2 C 33 ? TYR C 32 ? NH2 C 32 ? 1_555 TYR C 31 ? 1_555 . . TYR 5  NH2 None 'Terminal amidation'   
8 NH2 D 33 ? TYR D 32 ? NH2 D 32 ? 1_555 TYR D 31 ? 1_555 . . TYR 5  NH2 None 'Terminal amidation'   
# 
loop_
_struct_site.id 
_struct_site.pdbx_evidence_code 
_struct_site.pdbx_auth_asym_id 
_struct_site.pdbx_auth_comp_id 
_struct_site.pdbx_auth_seq_id 
_struct_site.pdbx_auth_ins_code 
_struct_site.pdbx_num_residues 
_struct_site.details 
AC1 Software B DIO 101 ? 5 'BINDING SITE FOR RESIDUE DIO B 101' 
AC2 Software C GOL 101 ? 7 'BINDING SITE FOR RESIDUE GOL C 101' 
AC3 Software C DIO 102 ? 5 'BINDING SITE FOR RESIDUE DIO C 102' 
AC4 Software D GOL 101 ? 7 'BINDING SITE FOR RESIDUE GOL D 101' 
AC5 Software D DIO 102 ? 8 'BINDING SITE FOR RESIDUE DIO D 102' 
AC6 Software D DIO 103 ? 4 'BINDING SITE FOR RESIDUE DIO D 103' 
# 
loop_
_struct_site_gen.id 
_struct_site_gen.site_id 
_struct_site_gen.pdbx_num_res 
_struct_site_gen.label_comp_id 
_struct_site_gen.label_asym_id 
_struct_site_gen.label_seq_id 
_struct_site_gen.pdbx_auth_ins_code 
_struct_site_gen.auth_comp_id 
_struct_site_gen.auth_asym_id 
_struct_site_gen.auth_seq_id 
_struct_site_gen.label_atom_id 
_struct_site_gen.label_alt_id 
_struct_site_gen.symmetry 
_struct_site_gen.details 
1  AC1 5 ALA A 29 ? ALA A 28  . ? 1_555 ? 
2  AC1 5 ILE B 25 ? ILE B 24  . ? 1_555 ? 
3  AC1 5 ALA B 29 ? ALA B 28  . ? 1_555 ? 
4  AC1 5 ILE C 25 ? ILE C 24  . ? 1_555 ? 
5  AC1 5 ALA C 29 ? ALA C 28  . ? 1_555 ? 
6  AC2 7 TRP A 23 ? TRP A 22  . ? 3_645 ? 
7  AC2 7 HOH L .  ? HOH B 238 . ? 1_555 ? 
8  AC2 7 GLU C 3  ? GLU C 2   . ? 1_555 ? 
9  AC2 7 ALA C 6  ? ALA C 5   . ? 1_555 ? 
10 AC2 7 ILE C 7  ? ILE C 6   . ? 1_555 ? 
11 AC2 7 GLU C 10 ? GLU C 9   . ? 1_555 ? 
12 AC2 7 HOH M .  ? HOH C 210 . ? 1_555 ? 
13 AC3 5 ALA A 22 ? ALA A 21  . ? 1_555 ? 
14 AC3 5 ILE B 18 ? ILE B 17  . ? 1_555 ? 
15 AC3 5 ALA B 22 ? ALA B 21  . ? 1_555 ? 
16 AC3 5 ALA C 22 ? ALA C 21  . ? 1_555 ? 
17 AC3 5 ALA D 22 ? ALA D 21  . ? 1_555 ? 
18 AC4 7 LYS A 26 ? LYS A 25  . ? 4_555 ? 
19 AC4 7 GLN A 30 ? GLN A 29  . ? 4_555 ? 
20 AC4 7 ACE C 1  ? ACE C 0   . ? 2_654 ? 
21 AC4 7 GLY C 2  ? GLY C 1   . ? 2_654 ? 
22 AC4 7 HOH M .  ? HOH C 222 . ? 2_654 ? 
23 AC4 7 TYR D 32 ? TYR D 31  . ? 1_555 ? 
24 AC4 7 HOH N .  ? HOH D 247 . ? 1_555 ? 
25 AC5 8 ILE A 11 ? ILE A 10  . ? 1_555 ? 
26 AC5 8 ALA A 15 ? ALA A 14  . ? 1_555 ? 
27 AC5 8 ALA B 15 ? ALA B 14  . ? 1_555 ? 
28 AC5 8 ILE C 11 ? ILE C 10  . ? 1_555 ? 
29 AC5 8 ALA C 15 ? ALA C 14  . ? 1_555 ? 
30 AC5 8 ILE D 11 ? ILE D 10  . ? 1_555 ? 
31 AC5 8 ALA D 15 ? ALA D 14  . ? 1_555 ? 
32 AC5 8 ILE D 18 ? ILE D 17  . ? 1_555 ? 
33 AC6 4 ILE B 4  ? ILE B 3   . ? 1_555 ? 
34 AC6 4 ALA B 8  ? ALA B 7   . ? 1_555 ? 
35 AC6 4 ALA C 8  ? ALA C 7   . ? 1_555 ? 
36 AC6 4 ALA D 8  ? ALA D 7   . ? 1_555 ? 
# 
_pdbx_entry_details.entry_id                   4H7R 
_pdbx_entry_details.compound_details           ? 
_pdbx_entry_details.source_details             ? 
_pdbx_entry_details.nonpolymer_details         ? 
_pdbx_entry_details.sequence_details           ? 
_pdbx_entry_details.has_ligand_of_interest     ? 
_pdbx_entry_details.has_protein_modification   Y 
# 
loop_
_pdbx_validate_symm_contact.id 
_pdbx_validate_symm_contact.PDB_model_num 
_pdbx_validate_symm_contact.auth_atom_id_1 
_pdbx_validate_symm_contact.auth_asym_id_1 
_pdbx_validate_symm_contact.auth_comp_id_1 
_pdbx_validate_symm_contact.auth_seq_id_1 
_pdbx_validate_symm_contact.PDB_ins_code_1 
_pdbx_validate_symm_contact.label_alt_id_1 
_pdbx_validate_symm_contact.site_symmetry_1 
_pdbx_validate_symm_contact.auth_atom_id_2 
_pdbx_validate_symm_contact.auth_asym_id_2 
_pdbx_validate_symm_contact.auth_comp_id_2 
_pdbx_validate_symm_contact.auth_seq_id_2 
_pdbx_validate_symm_contact.PDB_ins_code_2 
_pdbx_validate_symm_contact.label_alt_id_2 
_pdbx_validate_symm_contact.site_symmetry_2 
_pdbx_validate_symm_contact.dist 
1 1 OH A TYR 31  ? ? 1_555 NE2 D GLN 29  ? ? 4_455 1.62 
2 1 O  B HOH 228 ? ? 1_555 O   C HOH 246 ? ? 2_655 1.95 
3 1 CZ A TYR 31  ? ? 1_555 NE2 D GLN 29  ? ? 4_455 2.00 
4 1 O  B HOH 244 ? ? 1_555 O   D HOH 226 ? ? 2_655 2.07 
5 1 O  A HOH 150 ? ? 1_555 O   B HOH 218 ? ? 3_655 2.08 
# 
_pdbx_validate_rmsd_bond.id                        1 
_pdbx_validate_rmsd_bond.PDB_model_num             1 
_pdbx_validate_rmsd_bond.auth_atom_id_1            CE2 
_pdbx_validate_rmsd_bond.auth_asym_id_1            D 
_pdbx_validate_rmsd_bond.auth_comp_id_1            TRP 
_pdbx_validate_rmsd_bond.auth_seq_id_1             22 
_pdbx_validate_rmsd_bond.PDB_ins_code_1            ? 
_pdbx_validate_rmsd_bond.label_alt_id_1            ? 
_pdbx_validate_rmsd_bond.auth_atom_id_2            CD2 
_pdbx_validate_rmsd_bond.auth_asym_id_2            D 
_pdbx_validate_rmsd_bond.auth_comp_id_2            TRP 
_pdbx_validate_rmsd_bond.auth_seq_id_2             22 
_pdbx_validate_rmsd_bond.PDB_ins_code_2            ? 
_pdbx_validate_rmsd_bond.label_alt_id_2            ? 
_pdbx_validate_rmsd_bond.bond_value                1.490 
_pdbx_validate_rmsd_bond.bond_target_value         1.409 
_pdbx_validate_rmsd_bond.bond_deviation            0.081 
_pdbx_validate_rmsd_bond.bond_standard_deviation   0.012 
_pdbx_validate_rmsd_bond.linker_flag               N 
# 
loop_
_pdbx_validate_rmsd_angle.id 
_pdbx_validate_rmsd_angle.PDB_model_num 
_pdbx_validate_rmsd_angle.auth_atom_id_1 
_pdbx_validate_rmsd_angle.auth_asym_id_1 
_pdbx_validate_rmsd_angle.auth_comp_id_1 
_pdbx_validate_rmsd_angle.auth_seq_id_1 
_pdbx_validate_rmsd_angle.PDB_ins_code_1 
_pdbx_validate_rmsd_angle.label_alt_id_1 
_pdbx_validate_rmsd_angle.auth_atom_id_2 
_pdbx_validate_rmsd_angle.auth_asym_id_2 
_pdbx_validate_rmsd_angle.auth_comp_id_2 
_pdbx_validate_rmsd_angle.auth_seq_id_2 
_pdbx_validate_rmsd_angle.PDB_ins_code_2 
_pdbx_validate_rmsd_angle.label_alt_id_2 
_pdbx_validate_rmsd_angle.auth_atom_id_3 
_pdbx_validate_rmsd_angle.auth_asym_id_3 
_pdbx_validate_rmsd_angle.auth_comp_id_3 
_pdbx_validate_rmsd_angle.auth_seq_id_3 
_pdbx_validate_rmsd_angle.PDB_ins_code_3 
_pdbx_validate_rmsd_angle.label_alt_id_3 
_pdbx_validate_rmsd_angle.angle_value 
_pdbx_validate_rmsd_angle.angle_target_value 
_pdbx_validate_rmsd_angle.angle_deviation 
_pdbx_validate_rmsd_angle.angle_standard_deviation 
_pdbx_validate_rmsd_angle.linker_flag 
1 1 OE1 A GLU 23 ? ? CD A GLU 23 ? ? OE2 A GLU 23 ? ? 115.53 123.30 -7.77 1.20 N 
2 1 CB  D TYR 31 ? ? CG D TYR 31 ? ? CD2 D TYR 31 ? ? 124.96 121.00 3.96  0.60 N 
3 1 CB  D TYR 31 ? ? CG D TYR 31 ? ? CD1 D TYR 31 ? ? 116.32 121.00 -4.68 0.60 N 
# 
loop_
_chem_comp_atom.comp_id 
_chem_comp_atom.atom_id 
_chem_comp_atom.type_symbol 
_chem_comp_atom.pdbx_aromatic_flag 
_chem_comp_atom.pdbx_stereo_config 
_chem_comp_atom.pdbx_ordinal 
ACE C      C N N 1   
ACE O      O N N 2   
ACE CH3    C N N 3   
ACE H      H N N 4   
ACE H1     H N N 5   
ACE H2     H N N 6   
ACE H3     H N N 7   
ALA N      N N N 8   
ALA CA     C N S 9   
ALA C      C N N 10  
ALA O      O N N 11  
ALA CB     C N N 12  
ALA OXT    O N N 13  
ALA H      H N N 14  
ALA H2     H N N 15  
ALA HA     H N N 16  
ALA HB1    H N N 17  
ALA HB2    H N N 18  
ALA HB3    H N N 19  
ALA HXT    H N N 20  
DIO C1     C N N 21  
DIO C2     C N N 22  
DIO "C1'"  C N N 23  
DIO "C2'"  C N N 24  
DIO O1     O N N 25  
DIO "O1'"  O N N 26  
DIO H11    H N N 27  
DIO H12    H N N 28  
DIO H21    H N N 29  
DIO H22    H N N 30  
DIO "H1'1" H N N 31  
DIO "H1'2" H N N 32  
DIO "H2'1" H N N 33  
DIO "H2'2" H N N 34  
GLN N      N N N 35  
GLN CA     C N S 36  
GLN C      C N N 37  
GLN O      O N N 38  
GLN CB     C N N 39  
GLN CG     C N N 40  
GLN CD     C N N 41  
GLN OE1    O N N 42  
GLN NE2    N N N 43  
GLN OXT    O N N 44  
GLN H      H N N 45  
GLN H2     H N N 46  
GLN HA     H N N 47  
GLN HB2    H N N 48  
GLN HB3    H N N 49  
GLN HG2    H N N 50  
GLN HG3    H N N 51  
GLN HE21   H N N 52  
GLN HE22   H N N 53  
GLN HXT    H N N 54  
GLU N      N N N 55  
GLU CA     C N S 56  
GLU C      C N N 57  
GLU O      O N N 58  
GLU CB     C N N 59  
GLU CG     C N N 60  
GLU CD     C N N 61  
GLU OE1    O N N 62  
GLU OE2    O N N 63  
GLU OXT    O N N 64  
GLU H      H N N 65  
GLU H2     H N N 66  
GLU HA     H N N 67  
GLU HB2    H N N 68  
GLU HB3    H N N 69  
GLU HG2    H N N 70  
GLU HG3    H N N 71  
GLU HE2    H N N 72  
GLU HXT    H N N 73  
GLY N      N N N 74  
GLY CA     C N N 75  
GLY C      C N N 76  
GLY O      O N N 77  
GLY OXT    O N N 78  
GLY H      H N N 79  
GLY H2     H N N 80  
GLY HA2    H N N 81  
GLY HA3    H N N 82  
GLY HXT    H N N 83  
GOL C1     C N N 84  
GOL O1     O N N 85  
GOL C2     C N N 86  
GOL O2     O N N 87  
GOL C3     C N N 88  
GOL O3     O N N 89  
GOL H11    H N N 90  
GOL H12    H N N 91  
GOL HO1    H N N 92  
GOL H2     H N N 93  
GOL HO2    H N N 94  
GOL H31    H N N 95  
GOL H32    H N N 96  
GOL HO3    H N N 97  
HOH O      O N N 98  
HOH H1     H N N 99  
HOH H2     H N N 100 
ILE N      N N N 101 
ILE CA     C N S 102 
ILE C      C N N 103 
ILE O      O N N 104 
ILE CB     C N S 105 
ILE CG1    C N N 106 
ILE CG2    C N N 107 
ILE CD1    C N N 108 
ILE OXT    O N N 109 
ILE H      H N N 110 
ILE H2     H N N 111 
ILE HA     H N N 112 
ILE HB     H N N 113 
ILE HG12   H N N 114 
ILE HG13   H N N 115 
ILE HG21   H N N 116 
ILE HG22   H N N 117 
ILE HG23   H N N 118 
ILE HD11   H N N 119 
ILE HD12   H N N 120 
ILE HD13   H N N 121 
ILE HXT    H N N 122 
LYS N      N N N 123 
LYS CA     C N S 124 
LYS C      C N N 125 
LYS O      O N N 126 
LYS CB     C N N 127 
LYS CG     C N N 128 
LYS CD     C N N 129 
LYS CE     C N N 130 
LYS NZ     N N N 131 
LYS OXT    O N N 132 
LYS H      H N N 133 
LYS H2     H N N 134 
LYS HA     H N N 135 
LYS HB2    H N N 136 
LYS HB3    H N N 137 
LYS HG2    H N N 138 
LYS HG3    H N N 139 
LYS HD2    H N N 140 
LYS HD3    H N N 141 
LYS HE2    H N N 142 
LYS HE3    H N N 143 
LYS HZ1    H N N 144 
LYS HZ2    H N N 145 
LYS HZ3    H N N 146 
LYS HXT    H N N 147 
NH2 N      N N N 148 
NH2 HN1    H N N 149 
NH2 HN2    H N N 150 
TRP N      N N N 151 
TRP CA     C N S 152 
TRP C      C N N 153 
TRP O      O N N 154 
TRP CB     C N N 155 
TRP CG     C Y N 156 
TRP CD1    C Y N 157 
TRP CD2    C Y N 158 
TRP NE1    N Y N 159 
TRP CE2    C Y N 160 
TRP CE3    C Y N 161 
TRP CZ2    C Y N 162 
TRP CZ3    C Y N 163 
TRP CH2    C Y N 164 
TRP OXT    O N N 165 
TRP H      H N N 166 
TRP H2     H N N 167 
TRP HA     H N N 168 
TRP HB2    H N N 169 
TRP HB3    H N N 170 
TRP HD1    H N N 171 
TRP HE1    H N N 172 
TRP HE3    H N N 173 
TRP HZ2    H N N 174 
TRP HZ3    H N N 175 
TRP HH2    H N N 176 
TRP HXT    H N N 177 
TYR N      N N N 178 
TYR CA     C N S 179 
TYR C      C N N 180 
TYR O      O N N 181 
TYR CB     C N N 182 
TYR CG     C Y N 183 
TYR CD1    C Y N 184 
TYR CD2    C Y N 185 
TYR CE1    C Y N 186 
TYR CE2    C Y N 187 
TYR CZ     C Y N 188 
TYR OH     O N N 189 
TYR OXT    O N N 190 
TYR H      H N N 191 
TYR H2     H N N 192 
TYR HA     H N N 193 
TYR HB2    H N N 194 
TYR HB3    H N N 195 
TYR HD1    H N N 196 
TYR HD2    H N N 197 
TYR HE1    H N N 198 
TYR HE2    H N N 199 
TYR HH     H N N 200 
TYR HXT    H N N 201 
# 
loop_
_chem_comp_bond.comp_id 
_chem_comp_bond.atom_id_1 
_chem_comp_bond.atom_id_2 
_chem_comp_bond.value_order 
_chem_comp_bond.pdbx_aromatic_flag 
_chem_comp_bond.pdbx_stereo_config 
_chem_comp_bond.pdbx_ordinal 
ACE C     O      doub N N 1   
ACE C     CH3    sing N N 2   
ACE C     H      sing N N 3   
ACE CH3   H1     sing N N 4   
ACE CH3   H2     sing N N 5   
ACE CH3   H3     sing N N 6   
ALA N     CA     sing N N 7   
ALA N     H      sing N N 8   
ALA N     H2     sing N N 9   
ALA CA    C      sing N N 10  
ALA CA    CB     sing N N 11  
ALA CA    HA     sing N N 12  
ALA C     O      doub N N 13  
ALA C     OXT    sing N N 14  
ALA CB    HB1    sing N N 15  
ALA CB    HB2    sing N N 16  
ALA CB    HB3    sing N N 17  
ALA OXT   HXT    sing N N 18  
DIO C1    "C1'"  sing N N 19  
DIO C1    O1     sing N N 20  
DIO C1    H11    sing N N 21  
DIO C1    H12    sing N N 22  
DIO C2    "C2'"  sing N N 23  
DIO C2    O1     sing N N 24  
DIO C2    H21    sing N N 25  
DIO C2    H22    sing N N 26  
DIO "C1'" "O1'"  sing N N 27  
DIO "C1'" "H1'1" sing N N 28  
DIO "C1'" "H1'2" sing N N 29  
DIO "C2'" "O1'"  sing N N 30  
DIO "C2'" "H2'1" sing N N 31  
DIO "C2'" "H2'2" sing N N 32  
GLN N     CA     sing N N 33  
GLN N     H      sing N N 34  
GLN N     H2     sing N N 35  
GLN CA    C      sing N N 36  
GLN CA    CB     sing N N 37  
GLN CA    HA     sing N N 38  
GLN C     O      doub N N 39  
GLN C     OXT    sing N N 40  
GLN CB    CG     sing N N 41  
GLN CB    HB2    sing N N 42  
GLN CB    HB3    sing N N 43  
GLN CG    CD     sing N N 44  
GLN CG    HG2    sing N N 45  
GLN CG    HG3    sing N N 46  
GLN CD    OE1    doub N N 47  
GLN CD    NE2    sing N N 48  
GLN NE2   HE21   sing N N 49  
GLN NE2   HE22   sing N N 50  
GLN OXT   HXT    sing N N 51  
GLU N     CA     sing N N 52  
GLU N     H      sing N N 53  
GLU N     H2     sing N N 54  
GLU CA    C      sing N N 55  
GLU CA    CB     sing N N 56  
GLU CA    HA     sing N N 57  
GLU C     O      doub N N 58  
GLU C     OXT    sing N N 59  
GLU CB    CG     sing N N 60  
GLU CB    HB2    sing N N 61  
GLU CB    HB3    sing N N 62  
GLU CG    CD     sing N N 63  
GLU CG    HG2    sing N N 64  
GLU CG    HG3    sing N N 65  
GLU CD    OE1    doub N N 66  
GLU CD    OE2    sing N N 67  
GLU OE2   HE2    sing N N 68  
GLU OXT   HXT    sing N N 69  
GLY N     CA     sing N N 70  
GLY N     H      sing N N 71  
GLY N     H2     sing N N 72  
GLY CA    C      sing N N 73  
GLY CA    HA2    sing N N 74  
GLY CA    HA3    sing N N 75  
GLY C     O      doub N N 76  
GLY C     OXT    sing N N 77  
GLY OXT   HXT    sing N N 78  
GOL C1    O1     sing N N 79  
GOL C1    C2     sing N N 80  
GOL C1    H11    sing N N 81  
GOL C1    H12    sing N N 82  
GOL O1    HO1    sing N N 83  
GOL C2    O2     sing N N 84  
GOL C2    C3     sing N N 85  
GOL C2    H2     sing N N 86  
GOL O2    HO2    sing N N 87  
GOL C3    O3     sing N N 88  
GOL C3    H31    sing N N 89  
GOL C3    H32    sing N N 90  
GOL O3    HO3    sing N N 91  
HOH O     H1     sing N N 92  
HOH O     H2     sing N N 93  
ILE N     CA     sing N N 94  
ILE N     H      sing N N 95  
ILE N     H2     sing N N 96  
ILE CA    C      sing N N 97  
ILE CA    CB     sing N N 98  
ILE CA    HA     sing N N 99  
ILE C     O      doub N N 100 
ILE C     OXT    sing N N 101 
ILE CB    CG1    sing N N 102 
ILE CB    CG2    sing N N 103 
ILE CB    HB     sing N N 104 
ILE CG1   CD1    sing N N 105 
ILE CG1   HG12   sing N N 106 
ILE CG1   HG13   sing N N 107 
ILE CG2   HG21   sing N N 108 
ILE CG2   HG22   sing N N 109 
ILE CG2   HG23   sing N N 110 
ILE CD1   HD11   sing N N 111 
ILE CD1   HD12   sing N N 112 
ILE CD1   HD13   sing N N 113 
ILE OXT   HXT    sing N N 114 
LYS N     CA     sing N N 115 
LYS N     H      sing N N 116 
LYS N     H2     sing N N 117 
LYS CA    C      sing N N 118 
LYS CA    CB     sing N N 119 
LYS CA    HA     sing N N 120 
LYS C     O      doub N N 121 
LYS C     OXT    sing N N 122 
LYS CB    CG     sing N N 123 
LYS CB    HB2    sing N N 124 
LYS CB    HB3    sing N N 125 
LYS CG    CD     sing N N 126 
LYS CG    HG2    sing N N 127 
LYS CG    HG3    sing N N 128 
LYS CD    CE     sing N N 129 
LYS CD    HD2    sing N N 130 
LYS CD    HD3    sing N N 131 
LYS CE    NZ     sing N N 132 
LYS CE    HE2    sing N N 133 
LYS CE    HE3    sing N N 134 
LYS NZ    HZ1    sing N N 135 
LYS NZ    HZ2    sing N N 136 
LYS NZ    HZ3    sing N N 137 
LYS OXT   HXT    sing N N 138 
NH2 N     HN1    sing N N 139 
NH2 N     HN2    sing N N 140 
TRP N     CA     sing N N 141 
TRP N     H      sing N N 142 
TRP N     H2     sing N N 143 
TRP CA    C      sing N N 144 
TRP CA    CB     sing N N 145 
TRP CA    HA     sing N N 146 
TRP C     O      doub N N 147 
TRP C     OXT    sing N N 148 
TRP CB    CG     sing N N 149 
TRP CB    HB2    sing N N 150 
TRP CB    HB3    sing N N 151 
TRP CG    CD1    doub Y N 152 
TRP CG    CD2    sing Y N 153 
TRP CD1   NE1    sing Y N 154 
TRP CD1   HD1    sing N N 155 
TRP CD2   CE2    doub Y N 156 
TRP CD2   CE3    sing Y N 157 
TRP NE1   CE2    sing Y N 158 
TRP NE1   HE1    sing N N 159 
TRP CE2   CZ2    sing Y N 160 
TRP CE3   CZ3    doub Y N 161 
TRP CE3   HE3    sing N N 162 
TRP CZ2   CH2    doub Y N 163 
TRP CZ2   HZ2    sing N N 164 
TRP CZ3   CH2    sing Y N 165 
TRP CZ3   HZ3    sing N N 166 
TRP CH2   HH2    sing N N 167 
TRP OXT   HXT    sing N N 168 
TYR N     CA     sing N N 169 
TYR N     H      sing N N 170 
TYR N     H2     sing N N 171 
TYR CA    C      sing N N 172 
TYR CA    CB     sing N N 173 
TYR CA    HA     sing N N 174 
TYR C     O      doub N N 175 
TYR C     OXT    sing N N 176 
TYR CB    CG     sing N N 177 
TYR CB    HB2    sing N N 178 
TYR CB    HB3    sing N N 179 
TYR CG    CD1    doub Y N 180 
TYR CG    CD2    sing Y N 181 
TYR CD1   CE1    sing Y N 182 
TYR CD1   HD1    sing N N 183 
TYR CD2   CE2    doub Y N 184 
TYR CD2   HD2    sing N N 185 
TYR CE1   CZ     doub Y N 186 
TYR CE1   HE1    sing N N 187 
TYR CE2   CZ     sing Y N 188 
TYR CE2   HE2    sing N N 189 
TYR CZ    OH     sing N N 190 
TYR OH    HH     sing N N 191 
TYR OXT   HXT    sing N N 192 
# 
_atom_sites.entry_id                    4H7R 
_atom_sites.fract_transf_matrix[1][1]   -0.02258455 
_atom_sites.fract_transf_matrix[1][2]   -0.01526953 
_atom_sites.fract_transf_matrix[1][3]   0.00143864 
_atom_sites.fract_transf_matrix[2][1]   0.01412002 
_atom_sites.fract_transf_matrix[2][2]   -0.02138023 
_atom_sites.fract_transf_matrix[2][3]   -0.00526302 
_atom_sites.fract_transf_matrix[3][1]   0.00175362 
_atom_sites.fract_transf_matrix[3][2]   -0.00155521 
_atom_sites.fract_transf_matrix[3][3]   0.01102255 
_atom_sites.fract_transf_vector[1]      0.736032 
_atom_sites.fract_transf_vector[2]      -0.034404 
_atom_sites.fract_transf_vector[3]      0.179263 
# 
loop_
_atom_type.symbol 
C 
N 
O 
# 
loop_
_atom_site.group_PDB 
_atom_site.id 
_atom_site.type_symbol 
_atom_site.label_atom_id 
_atom_site.label_alt_id 
_atom_site.label_comp_id 
_atom_site.label_asym_id 
_atom_site.label_entity_id 
_atom_site.label_seq_id 
_atom_site.pdbx_PDB_ins_code 
_atom_site.Cartn_x 
_atom_site.Cartn_y 
_atom_site.Cartn_z 
_atom_site.occupancy 
_atom_site.B_iso_or_equiv 
_atom_site.pdbx_formal_charge 
_atom_site.auth_seq_id 
_atom_site.auth_comp_id 
_atom_site.auth_asym_id 
_atom_site.auth_atom_id 
_atom_site.pdbx_PDB_model_num 
HETATM 1    C C     . ACE A 1 1  ? 0.815   -8.413  21.682  1.00 17.21  ? 0   ACE A C     1 
HETATM 2    O O     . ACE A 1 1  ? 0.887   -7.965  20.513  1.00 16.01  ? 0   ACE A O     1 
HETATM 3    C CH3   . ACE A 1 1  ? 0.775   -7.462  22.875  1.00 19.77  ? 0   ACE A CH3   1 
ATOM   4    N N     . GLY A 1 2  ? 0.840   -9.714  21.880  1.00 16.09  ? 1   GLY A N     1 
ATOM   5    C CA    . GLY A 1 2  ? 1.153   -10.693 20.839  1.00 14.20  ? 1   GLY A CA    1 
ATOM   6    C C     . GLY A 1 2  ? 0.037   -10.713 19.804  1.00 13.89  ? 1   GLY A C     1 
ATOM   7    O O     . GLY A 1 2  ? 0.396   -10.902 18.641  1.00 15.86  ? 1   GLY A O     1 
ATOM   8    N N     . GLU A 1 3  ? -1.211  -10.429 20.135  1.00 14.75  ? 2   GLU A N     1 
ATOM   9    C CA    . GLU A 1 3  ? -2.254  -10.465 19.100  1.00 15.48  ? 2   GLU A CA    1 
ATOM   10   C C     . GLU A 1 3  ? -2.083  -9.284  18.165  1.00 17.70  ? 2   GLU A C     1 
ATOM   11   O O     . GLU A 1 3  ? -2.155  -9.438  16.941  1.00 16.49  ? 2   GLU A O     1 
ATOM   12   C CB    . GLU A 1 3  ? -3.575  -10.346 19.795  1.00 18.13  ? 2   GLU A CB    1 
ATOM   13   C CG    . GLU A 1 3  ? -4.766  -10.431 18.859  1.00 27.39  ? 2   GLU A CG    1 
ATOM   14   C CD    . GLU A 1 3  ? -6.110  -10.451 19.568  1.00 36.20  ? 2   GLU A CD    1 
ATOM   15   O OE1   . GLU A 1 3  ? -6.153  -10.303 20.813  1.00 37.66  ? 2   GLU A OE1   1 
ATOM   16   O OE2   . GLU A 1 3  ? -7.102  -10.564 18.813  1.00 44.42  ? 2   GLU A OE2   1 
ATOM   17   N N     . ILE A 1 4  ? -1.768  -8.122  18.705  1.00 15.23  ? 3   ILE A N     1 
ATOM   18   C CA    . ILE A 1 4  ? -1.524  -6.936  17.845  1.00 14.66  ? 3   ILE A CA    1 
ATOM   19   C C     . ILE A 1 4  ? -0.244  -7.172  17.054  1.00 15.93  ? 3   ILE A C     1 
ATOM   20   O O     . ILE A 1 4  ? -0.196  -6.837  15.844  1.00 15.53  ? 3   ILE A O     1 
ATOM   21   C CB    . ILE A 1 4  ? -1.384  -5.704  18.736  1.00 16.86  ? 3   ILE A CB    1 
ATOM   22   C CG1   . ILE A 1 4  ? -2.752  -5.371  19.322  1.00 17.81  ? 3   ILE A CG1   1 
ATOM   23   C CG2   . ILE A 1 4  ? -0.835  -4.553  17.886  1.00 16.50  ? 3   ILE A CG2   1 
ATOM   24   C CD1   . ILE A 1 4  ? -2.654  -4.455  20.527  1.00 22.79  ? 3   ILE A CD1   1 
ATOM   25   N N     . LYS A 1 5  ? 0.824   -7.744  17.612  1.00 15.59  ? 4   LYS A N     1 
ATOM   26   C CA    . LYS A 1 5  ? 2.043   -8.006  16.856  1.00 15.39  ? 4   LYS A CA    1 
ATOM   27   C C     . LYS A 1 5  ? 1.748   -8.951  15.686  1.00 14.98  ? 4   LYS A C     1 
ATOM   28   O O     . LYS A 1 5  ? 2.313   -8.682  14.605  1.00 14.88  ? 4   LYS A O     1 
ATOM   29   C CB    . LYS A 1 5  ? 3.011   -8.662  17.861  1.00 17.47  ? 4   LYS A CB    1 
ATOM   30   C CG    . LYS A 1 5  ? 4.365   -8.850  17.205  1.00 20.68  ? 4   LYS A CG    1 
ATOM   31   C CD    . LYS A 1 5  ? 5.220   -9.715  18.122  1.00 27.52  ? 4   LYS A CD    1 
ATOM   32   C CE    . LYS A 1 5  ? 5.530   -8.836  19.326  1.00 34.30  ? 4   LYS A CE    1 
ATOM   33   N NZ    . LYS A 1 5  ? 6.395   -9.465  20.369  1.00 29.83  ? 4   LYS A NZ    1 
ATOM   34   N N     . ALA A 1 6  ? 0.881   -9.938  15.851  1.00 14.84  ? 5   ALA A N     1 
ATOM   35   C CA    . ALA A 1 6  ? 0.586   -10.836 14.764  1.00 15.55  ? 5   ALA A CA    1 
ATOM   36   C C     . ALA A 1 6  ? -0.147  -10.079 13.655  1.00 15.58  ? 5   ALA A C     1 
ATOM   37   O O     . ALA A 1 6  ? 0.217   -10.352 12.480  1.00 16.16  ? 5   ALA A O     1 
ATOM   38   C CB    . ALA A 1 6  ? -0.295  -11.980 15.245  1.00 17.09  ? 5   ALA A CB    1 
ATOM   39   N N     . ILE A 1 7  ? -1.082  -9.190  14.002  1.00 13.54  ? 6   ILE A N     1 
ATOM   40   C CA    . ILE A 1 7  ? -1.756  -8.446  12.928  1.00 13.97  ? 6   ILE A CA    1 
ATOM   41   C C     . ILE A 1 7  ? -0.710  -7.539  12.261  1.00 14.35  ? 6   ILE A C     1 
ATOM   42   O O     . ILE A 1 7  ? -0.728  -7.373  11.027  1.00 13.61  ? 6   ILE A O     1 
ATOM   43   C CB    . ILE A 1 7  ? -2.912  -7.596  13.486  1.00 14.75  ? 6   ILE A CB    1 
ATOM   44   C CG1   . ILE A 1 7  ? -3.987  -8.490  14.099  1.00 18.43  ? 6   ILE A CG1   1 
ATOM   45   C CG2   . ILE A 1 7  ? -3.577  -6.885  12.309  1.00 18.02  ? 6   ILE A CG2   1 
ATOM   46   C CD1   . ILE A 1 7  ? -4.885  -7.702  15.020  1.00 18.69  ? 6   ILE A CD1   1 
ATOM   47   N N     . ALA A 1 8  ? 0.210   -6.894  12.978  1.00 13.20  ? 7   ALA A N     1 
ATOM   48   C CA    . ALA A 1 8  ? 1.245   -6.043  12.366  1.00 12.60  ? 7   ALA A CA    1 
ATOM   49   C C     . ALA A 1 8  ? 2.111   -6.857  11.441  1.00 13.71  ? 7   ALA A C     1 
ATOM   50   O O     . ALA A 1 8  ? 2.421   -6.367  10.354  1.00 13.63  ? 7   ALA A O     1 
ATOM   51   C CB    . ALA A 1 8  ? 2.086   -5.386  13.465  1.00 14.71  ? 7   ALA A CB    1 
ATOM   52   N N     . GLN A 1 9  ? 2.474   -8.083  11.797  1.00 14.29  ? 8   GLN A N     1 
ATOM   53   C CA    . GLN A 1 9  ? 3.296   -8.903  10.908  1.00 15.40  ? 8   GLN A CA    1 
ATOM   54   C C     . GLN A 1 9  ? 2.462   -9.248  9.661   1.00 14.67  ? 8   GLN A C     1 
ATOM   55   O O     . GLN A 1 9  ? 3.065   -9.231  8.568   1.00 15.56  ? 8   GLN A O     1 
ATOM   56   C CB    . GLN A 1 9  ? 3.724   -10.202 11.606  1.00 18.04  ? 8   GLN A CB    1 
ATOM   57   C CG    . GLN A 1 9  ? 4.766   -9.882  12.657  1.00 19.42  ? 8   GLN A CG    1 
ATOM   58   C CD    . GLN A 1 9  ? 4.976   -11.041 13.596  1.00 33.79  ? 8   GLN A CD    1 
ATOM   59   O OE1   . GLN A 1 9  ? 4.030   -11.771 13.923  1.00 33.94  ? 8   GLN A OE1   1 
ATOM   60   N NE2   . GLN A 1 9  ? 6.214   -11.177 14.063  1.00 36.66  ? 8   GLN A NE2   1 
ATOM   61   N N     . GLU A 1 10 ? 1.163   -9.466  9.774   1.00 14.40  ? 9   GLU A N     1 
ATOM   62   C CA    . GLU A 1 10 ? 0.307   -9.783  8.598   1.00 14.96  ? 9   GLU A CA    1 
ATOM   63   C C     . GLU A 1 10 ? 0.371   -8.551  7.694   1.00 16.35  ? 9   GLU A C     1 
ATOM   64   O O     . GLU A 1 10 ? 0.455   -8.661  6.435   1.00 16.33  ? 9   GLU A O     1 
ATOM   65   C CB    . GLU A 1 10 ? -1.124  -10.080 8.982   1.00 17.17  ? 9   GLU A CB    1 
ATOM   66   C CG    . GLU A 1 10 ? -1.201  -11.460 9.612   1.00 21.04  ? 9   GLU A CG    1 
ATOM   67   C CD    . GLU A 1 10 ? -2.503  -11.706 10.360  1.00 26.39  ? 9   GLU A CD    1 
ATOM   68   O OE1   . GLU A 1 10 ? -3.387  -10.875 10.681  1.00 29.57  ? 9   GLU A OE1   1 
ATOM   69   O OE2   . GLU A 1 10 ? -2.635  -12.916 10.697  1.00 36.69  ? 9   GLU A OE2   1 
ATOM   70   N N     . ILE A 1 11 ? 0.169   -7.378  8.294   1.00 13.66  ? 10  ILE A N     1 
ATOM   71   C CA    . ILE A 1 11 ? 0.183   -6.127  7.499   1.00 13.20  ? 10  ILE A CA    1 
ATOM   72   C C     . ILE A 1 11 ? 1.505   -5.950  6.785   1.00 12.44  ? 10  ILE A C     1 
ATOM   73   O O     . ILE A 1 11 ? 1.539   -5.563  5.594   1.00 13.82  ? 10  ILE A O     1 
ATOM   74   C CB    . ILE A 1 11 ? -0.090  -4.868  8.376   1.00 11.76  ? 10  ILE A CB    1 
ATOM   75   C CG1   . ILE A 1 11 ? -1.516  -4.916  8.923   1.00 13.39  ? 10  ILE A CG1   1 
ATOM   76   C CG2   . ILE A 1 11 ? 0.175   -3.530  7.612   1.00 13.59  ? 10  ILE A CG2   1 
ATOM   77   C CD1   . ILE A 1 11 ? -1.700  -3.993  10.125  1.00 14.55  ? 10  ILE A CD1   1 
ATOM   78   N N     . LYS A 1 12 ? 2.632   -6.182  7.436   1.00 13.35  ? 11  LYS A N     1 
ATOM   79   C CA    . LYS A 1 12 ? 3.941   -6.033  6.814   1.00 14.16  ? 11  LYS A CA    1 
ATOM   80   C C     . LYS A 1 12 ? 4.071   -6.986  5.623   1.00 15.23  ? 11  LYS A C     1 
ATOM   81   O O     . LYS A 1 12 ? 4.591   -6.577  4.560   1.00 14.19  ? 11  LYS A O     1 
ATOM   82   C CB    . LYS A 1 12 ? 5.014   -6.300  7.865   1.00 15.76  ? 11  LYS A CB    1 
ATOM   83   C CG    . LYS A 1 12 ? 6.403   -6.155  7.294   1.00 19.05  ? 11  LYS A CG    1 
ATOM   84   C CD    . LYS A 1 12 ? 7.588   -6.251  8.267   1.00 22.81  ? 11  LYS A CD    1 
ATOM   85   C CE    . LYS A 1 12 ? 7.547   -7.556  9.045   1.00 34.06  ? 11  LYS A CE    1 
ATOM   86   N NZ    . LYS A 1 12 ? 8.929   -7.920  9.471   1.00 46.12  ? 11  LYS A NZ    1 
ATOM   87   N N     . ALA A 1 13 ? 3.568   -8.202  5.770   1.00 15.29  ? 12  ALA A N     1 
ATOM   88   C CA    . ALA A 1 13 ? 3.603   -9.167  4.646   1.00 15.84  ? 12  ALA A CA    1 
ATOM   89   C C     . ALA A 1 13 ? 2.792   -8.665  3.460   1.00 15.89  ? 12  ALA A C     1 
ATOM   90   O O     . ALA A 1 13 ? 3.276   -8.720  2.305   1.00 16.28  ? 12  ALA A O     1 
ATOM   91   C CB    . ALA A 1 13 ? 3.121   -10.539 5.111   1.00 17.92  ? 12  ALA A CB    1 
ATOM   92   N N     . ILE A 1 14 ? 1.615   -8.120  3.714   1.00 14.29  ? 13  ILE A N     1 
ATOM   93   C CA    . ILE A 1 14 ? 0.727   -7.696  2.580   1.00 14.44  ? 13  ILE A CA    1 
ATOM   94   C C     . ILE A 1 14 ? 1.378   -6.448  2.022   1.00 13.29  ? 13  ILE A C     1 
ATOM   95   O O     . ILE A 1 14 ? 1.385   -6.284  0.789   1.00 13.95  ? 13  ILE A O     1 
ATOM   96   C CB    . ILE A 1 14 ? -0.666  -7.345  3.107   1.00 12.98  ? 13  ILE A CB    1 
ATOM   97   C CG1   . ILE A 1 14 ? -1.346  -8.632  3.584   1.00 16.20  ? 13  ILE A CG1   1 
ATOM   98   C CG2   . ILE A 1 14 ? -1.447  -6.729  1.947   1.00 15.60  ? 13  ILE A CG2   1 
ATOM   99   C CD1   . ILE A 1 14 ? -2.561  -8.376  4.454   1.00 18.43  ? 13  ILE A CD1   1 
ATOM   100  N N     . ALA A 1 15 ? 1.966   -5.551  2.814   1.00 13.80  ? 14  ALA A N     1 
ATOM   101  C CA    . ALA A 1 15 ? 2.681   -4.377  2.237   1.00 13.52  ? 14  ALA A CA    1 
ATOM   102  C C     . ALA A 1 15 ? 3.865   -4.761  1.350   1.00 12.82  ? 14  ALA A C     1 
ATOM   103  O O     . ALA A 1 15 ? 3.933   -4.198  0.257   1.00 13.21  ? 14  ALA A O     1 
ATOM   104  C CB    . ALA A 1 15 ? 3.212   -3.469  3.374   1.00 13.95  ? 14  ALA A CB    1 
ATOM   105  N N     . LYS A 1 16 ? 4.578   -5.825  1.693   1.00 14.38  ? 15  LYS A N     1 
ATOM   106  C CA    . LYS A 1 16 ? 5.689   -6.274  0.843   1.00 15.29  ? 15  LYS A CA    1 
ATOM   107  C C     . LYS A 1 16 ? 5.116   -6.844  -0.444  1.00 15.57  ? 15  LYS A C     1 
ATOM   108  O O     . LYS A 1 16 ? 5.706   -6.638  -1.535  1.00 16.68  ? 15  LYS A O     1 
ATOM   109  C CB    . LYS A 1 16 ? 6.550   -7.313  1.577   1.00 17.75  ? 15  LYS A CB    1 
ATOM   110  C CG    . LYS A 1 16 ? 7.430   -6.676  2.631   1.00 18.84  ? 15  LYS A CG    1 
ATOM   111  C CD    . LYS A 1 16 ? 8.255   -7.769  3.306   1.00 23.50  ? 15  LYS A CD    1 
ATOM   112  C CE    . LYS A 1 16 ? 8.734   -7.403  4.699   1.00 36.39  ? 15  LYS A CE    1 
ATOM   113  N NZ    . LYS A 1 16 ? 10.108  -6.835  4.792   1.00 47.22  ? 15  LYS A NZ    1 
ATOM   114  N N     . GLU A 1 17 ? 3.955   -7.482  -0.372  1.00 14.34  ? 16  GLU A N     1 
ATOM   115  C CA    . GLU A 1 17 ? 3.292   -8.066  -1.561  1.00 14.99  ? 16  GLU A CA    1 
ATOM   116  C C     . GLU A 1 17 ? 2.840   -6.933  -2.477  1.00 16.11  ? 16  GLU A C     1 
ATOM   117  O O     . GLU A 1 17 ? 2.988   -7.001  -3.719  1.00 15.56  ? 16  GLU A O     1 
ATOM   118  C CB    . GLU A 1 17 ? 2.056   -8.899  -1.235  1.00 16.81  ? 16  GLU A CB    1 
ATOM   119  C CG    . GLU A 1 17 ? 2.390   -10.198 -0.510  1.00 19.57  ? 16  GLU A CG    1 
ATOM   120  C CD    . GLU A 1 17 ? 1.198   -10.708 0.294   1.00 25.06  ? 16  GLU A CD    1 
ATOM   121  O OE1   . GLU A 1 17 ? 0.018   -10.331 0.133   1.00 25.27  ? 16  GLU A OE1   1 
ATOM   122  O OE2   . GLU A 1 17 ? 1.451   -11.585 1.157   1.00 30.44  ? 16  GLU A OE2   1 
ATOM   123  N N     . ILE A 1 18 ? 2.237   -5.892  -1.911  1.00 14.44  ? 17  ILE A N     1 
ATOM   124  C CA    . ILE A 1 18 ? 1.813   -4.754  -2.722  1.00 14.54  ? 17  ILE A CA    1 
ATOM   125  C C     . ILE A 1 18 ? 3.025   -4.088  -3.354  1.00 12.98  ? 17  ILE A C     1 
ATOM   126  O O     . ILE A 1 18 ? 2.993   -3.690  -4.539  1.00 14.29  ? 17  ILE A O     1 
ATOM   127  C CB    . ILE A 1 18 ? 1.106   -3.696  -1.854  1.00 11.46  ? 17  ILE A CB    1 
ATOM   128  C CG1   . ILE A 1 18 ? -0.233  -4.274  -1.401  1.00 12.89  ? 17  ILE A CG1   1 
ATOM   129  C CG2   . ILE A 1 18 ? 0.888   -2.388  -2.637  1.00 13.12  ? 17  ILE A CG2   1 
ATOM   130  C CD1   . ILE A 1 18 ? -0.875  -3.551  -0.209  1.00 13.69  ? 17  ILE A CD1   1 
ATOM   131  N N     . LYS A 1 19 ? 4.130   -3.887  -2.637  1.00 13.35  ? 18  LYS A N     1 
ATOM   132  C CA    . LYS A 1 19 ? 5.340   -3.278  -3.201  1.00 13.51  ? 18  LYS A CA    1 
ATOM   133  C C     . LYS A 1 19 ? 5.848   -4.127  -4.359  1.00 14.54  ? 18  LYS A C     1 
ATOM   134  O O     . LYS A 1 19 ? 6.284   -3.569  -5.372  1.00 14.78  ? 18  LYS A O     1 
ATOM   135  C CB    . LYS A 1 19 ? 6.378   -3.143  -2.079  1.00 18.27  ? 18  LYS A CB    1 
ATOM   136  C CG    . LYS A 1 19 ? 7.724   -2.572  -2.513  1.00 20.04  ? 18  LYS A CG    1 
ATOM   137  C CD    . LYS A 1 19 ? 8.622   -2.472  -1.266  1.00 21.94  ? 18  LYS A CD    1 
ATOM   138  C CE    . LYS A 1 19 ? 9.996   -2.033  -1.731  1.00 28.56  ? 18  LYS A CE    1 
ATOM   139  N NZ    . LYS A 1 19 ? 10.867  -2.363  -0.562  1.00 26.92  ? 18  LYS A NZ    1 
ATOM   140  N N     . ALA A 1 20 ? 5.810   -5.442  -4.208  1.00 15.17  ? 19  ALA A N     1 
ATOM   141  C CA    . ALA A 1 20 ? 6.258   -6.326  -5.310  1.00 15.42  ? 19  ALA A CA    1 
ATOM   142  C C     . ALA A 1 20 ? 5.427   -6.108  -6.558  1.00 16.01  ? 19  ALA A C     1 
ATOM   143  O O     . ALA A 1 20 ? 5.942   -6.010  -7.689  1.00 16.96  ? 19  ALA A O     1 
ATOM   144  C CB    . ALA A 1 20 ? 6.240   -7.784  -4.896  1.00 16.71  ? 19  ALA A CB    1 
ATOM   145  N N     . ILE A 1 21 ? 4.109   -6.030  -6.437  1.00 14.92  ? 20  ILE A N     1 
ATOM   146  C CA    . ILE A 1 21 ? 3.246   -5.834  -7.578  1.00 14.80  ? 20  ILE A CA    1 
ATOM   147  C C     . ILE A 1 21 ? 3.480   -4.451  -8.138  1.00 14.55  ? 20  ILE A C     1 
ATOM   148  O O     . ILE A 1 21 ? 3.482   -4.246  -9.360  1.00 15.32  ? 20  ILE A O     1 
ATOM   149  C CB    . ILE A 1 21 ? 1.751   -5.951  -7.177  1.00 16.44  ? 20  ILE A CB    1 
ATOM   150  C CG1   . ILE A 1 21 ? 1.405   -7.393  -6.752  1.00 16.33  ? 20  ILE A CG1   1 
ATOM   151  C CG2   . ILE A 1 21 ? 0.857   -5.631  -8.364  1.00 18.04  ? 20  ILE A CG2   1 
ATOM   152  C CD1   . ILE A 1 21 ? 0.119   -7.537  -5.951  1.00 18.78  ? 20  ILE A CD1   1 
ATOM   153  N N     . ALA A 1 22 ? 3.652   -3.419  -7.306  1.00 14.99  ? 21  ALA A N     1 
ATOM   154  C CA    . ALA A 1 22 ? 3.927   -2.096  -7.854  1.00 13.48  ? 21  ALA A CA    1 
ATOM   155  C C     . ALA A 1 22 ? 5.208   -2.065  -8.695  1.00 14.12  ? 21  ALA A C     1 
ATOM   156  O O     . ALA A 1 22 ? 5.192   -1.452  -9.748  1.00 14.66  ? 21  ALA A O     1 
ATOM   157  C CB    . ALA A 1 22 ? 4.098   -1.099  -6.700  1.00 16.43  ? 21  ALA A CB    1 
ATOM   158  N N     . TRP A 1 23 ? 6.250   -2.765  -8.237  1.00 14.84  ? 22  TRP A N     1 
ATOM   159  C CA    . TRP A 1 23 ? 7.491   -2.869  -9.021  1.00 16.20  ? 22  TRP A CA    1 
ATOM   160  C C     . TRP A 1 23 ? 7.186   -3.624  -10.291 1.00 17.58  ? 22  TRP A C     1 
ATOM   161  O O     . TRP A 1 23 ? 7.774   -3.254  -11.304 1.00 19.70  ? 22  TRP A O     1 
ATOM   162  C CB    . TRP A 1 23 ? 8.536   -3.613  -8.200  1.00 17.71  ? 22  TRP A CB    1 
ATOM   163  C CG    . TRP A 1 23 ? 9.383   -2.591  -7.488  1.00 18.69  ? 22  TRP A CG    1 
ATOM   164  C CD1   . TRP A 1 23 ? 9.416   -2.252  -6.140  1.00 20.67  ? 22  TRP A CD1   1 
ATOM   165  C CD2   . TRP A 1 23 ? 10.307  -1.643  -8.140  1.00 17.56  ? 22  TRP A CD2   1 
ATOM   166  N NE1   . TRP A 1 23 ? 10.229  -1.172  -5.921  1.00 19.30  ? 22  TRP A NE1   1 
ATOM   167  C CE2   . TRP A 1 23 ? 10.803  -0.761  -7.076  1.00 19.35  ? 22  TRP A CE2   1 
ATOM   168  C CE3   . TRP A 1 23 ? 10.743  -1.452  -9.449  1.00 22.06  ? 22  TRP A CE3   1 
ATOM   169  C CZ2   . TRP A 1 23 ? 11.707  0.261   -7.357  1.00 21.18  ? 22  TRP A CZ2   1 
ATOM   170  C CZ3   . TRP A 1 23 ? 11.661  -0.436  -9.696  1.00 23.24  ? 22  TRP A CZ3   1 
ATOM   171  C CH2   . TRP A 1 23 ? 12.143  0.395   -8.669  1.00 21.06  ? 22  TRP A CH2   1 
ATOM   172  N N     . GLU A 1 24 ? 6.353   -4.653  -10.270 1.00 15.66  ? 23  GLU A N     1 
ATOM   173  C CA    . GLU A 1 24 ? 6.071   -5.379  -11.531 1.00 18.34  ? 23  GLU A CA    1 
ATOM   174  C C     . GLU A 1 24 ? 5.357   -4.429  -12.476 1.00 18.53  ? 23  GLU A C     1 
ATOM   175  O O     . GLU A 1 24 ? 5.678   -4.384  -13.682 1.00 19.69  ? 23  GLU A O     1 
ATOM   176  C CB    . GLU A 1 24 ? 5.154   -6.566  -11.260 1.00 19.30  ? 23  GLU A CB    1 
ATOM   177  C CG    . GLU A 1 24 ? 5.825   -7.738  -10.554 1.00 23.97  ? 23  GLU A CG    1 
ATOM   178  C CD    . GLU A 1 24 ? 4.882   -8.780  -9.944  1.00 30.42  ? 23  GLU A CD    1 
ATOM   179  O OE1   . GLU A 1 24 ? 3.634   -8.721  -9.968  1.00 28.33  ? 23  GLU A OE1   1 
ATOM   180  O OE2   . GLU A 1 24 ? 5.366   -9.730  -9.282  1.00 36.71  ? 23  GLU A OE2   1 
ATOM   181  N N     . ILE A 1 25 ? 4.470   -3.549  -12.017 1.00 15.40  ? 24  ILE A N     1 
ATOM   182  C CA    . ILE A 1 25 ? 3.769   -2.651  -12.896 1.00 16.46  ? 24  ILE A CA    1 
ATOM   183  C C     . ILE A 1 25 ? 4.731   -1.613  -13.444 1.00 17.94  ? 24  ILE A C     1 
ATOM   184  O O     . ILE A 1 25 ? 4.653   -1.314  -14.633 1.00 19.18  ? 24  ILE A O     1 
ATOM   185  C CB    . ILE A 1 25 ? 2.637   -1.930  -12.134 1.00 15.97  ? 24  ILE A CB    1 
ATOM   186  C CG1   . ILE A 1 25 ? 1.539   -2.898  -11.717 1.00 16.09  ? 24  ILE A CG1   1 
ATOM   187  C CG2   . ILE A 1 25 ? 1.999   -0.806  -12.944 1.00 17.38  ? 24  ILE A CG2   1 
ATOM   188  C CD1   . ILE A 1 25 ? 0.631   -2.380  -10.621 1.00 16.64  ? 24  ILE A CD1   1 
ATOM   189  N N     . LYS A 1 26 ? 5.611   -1.069  -12.600 1.00 17.23  ? 25  LYS A N     1 
ATOM   190  C CA    . LYS A 1 26 ? 6.521   0.020   -12.961 1.00 22.74  ? 25  LYS A CA    1 
ATOM   191  C C     . LYS A 1 26 ? 7.405   -0.542  -14.064 1.00 21.92  ? 25  LYS A C     1 
ATOM   192  O O     . LYS A 1 26 ? 7.572   0.168   -15.061 1.00 26.13  ? 25  LYS A O     1 
ATOM   193  C CB    . LYS A 1 26 ? 7.253   0.579   -11.716 1.00 24.29  ? 25  LYS A CB    1 
ATOM   194  C CG    . LYS A 1 26 ? 8.280   1.675   -11.982 1.00 27.37  ? 25  LYS A CG    1 
ATOM   195  C CD    . LYS A 1 26 ? 8.980   2.002   -10.664 1.00 24.83  ? 25  LYS A CD    1 
ATOM   196  C CE    . LYS A 1 26 ? 10.213  2.833   -10.953 1.00 27.44  ? 25  LYS A CE    1 
ATOM   197  N NZ    . LYS A 1 26 ? 10.722  3.368   -9.665  1.00 30.53  ? 25  LYS A NZ    1 
ATOM   198  N N     . ALA A 1 27 ? 7.790   -1.812  -14.044 1.00 22.43  ? 26  ALA A N     1 
ATOM   199  C CA    . ALA A 1 27 ? 8.671   -2.377  -15.074 1.00 25.95  ? 26  ALA A CA    1 
ATOM   200  C C     . ALA A 1 27 ? 7.888   -2.464  -16.386 1.00 27.79  ? 26  ALA A C     1 
ATOM   201  O O     . ALA A 1 27 ? 8.277   -1.897  -17.439 1.00 26.20  ? 26  ALA A O     1 
ATOM   202  C CB    . ALA A 1 27 ? 9.146   -3.748  -14.675 1.00 24.10  ? 26  ALA A CB    1 
ATOM   203  N N     . ILE A 1 28 ? 6.785   -3.200  -16.295 1.00 20.53  ? 27  ILE A N     1 
ATOM   204  C CA    . ILE A 1 28 ? 5.962   -3.494  -17.471 1.00 25.15  ? 27  ILE A CA    1 
ATOM   205  C C     . ILE A 1 28 ? 5.583   -2.182  -18.146 1.00 28.18  ? 27  ILE A C     1 
ATOM   206  O O     . ILE A 1 28 ? 5.447   -2.153  -19.383 1.00 30.26  ? 27  ILE A O     1 
ATOM   207  C CB    . ILE A 1 28 ? 4.652   -4.190  -17.075 1.00 21.19  ? 27  ILE A CB    1 
ATOM   208  C CG1   . ILE A 1 28 ? 4.906   -5.595  -16.549 1.00 24.98  ? 27  ILE A CG1   1 
ATOM   209  C CG2   . ILE A 1 28 ? 3.645   -4.397  -18.210 1.00 26.48  ? 27  ILE A CG2   1 
ATOM   210  C CD1   . ILE A 1 28 ? 3.732   -6.046  -15.718 1.00 26.49  ? 27  ILE A CD1   1 
ATOM   211  N N     . ALA A 1 29 ? 5.334   -1.109  -17.406 1.00 27.77  ? 28  ALA A N     1 
ATOM   212  C CA    . ALA A 1 29 ? 4.700   0.080   -17.969 1.00 35.55  ? 28  ALA A CA    1 
ATOM   213  C C     . ALA A 1 29 ? 5.750   0.961   -18.617 1.00 40.64  ? 28  ALA A C     1 
ATOM   214  O O     . ALA A 1 29 ? 5.438   2.048   -19.105 1.00 49.19  ? 28  ALA A O     1 
ATOM   215  C CB    . ALA A 1 29 ? 3.900   0.853   -16.924 1.00 37.81  ? 28  ALA A CB    1 
ATOM   216  N N     . GLN A 1 30 ? 6.989   0.491   -18.672 1.00 32.04  ? 29  GLN A N     1 
ATOM   217  C CA    . GLN A 1 30 ? 7.988   1.224   -19.434 1.00 35.20  ? 29  GLN A CA    1 
ATOM   218  C C     . GLN A 1 30 ? 8.462   0.298   -20.546 1.00 39.66  ? 29  GLN A C     1 
ATOM   219  O O     . GLN A 1 30 ? 9.371   0.599   -21.319 1.00 46.52  ? 29  GLN A O     1 
ATOM   220  C CB    . GLN A 1 30 ? 9.141   1.607   -18.517 1.00 36.43  ? 29  GLN A CB    1 
ATOM   221  C CG    . GLN A 1 30 ? 8.762   2.573   -17.411 1.00 38.67  ? 29  GLN A CG    1 
ATOM   222  C CD    . GLN A 1 30 ? 9.870   2.617   -16.377 1.00 47.17  ? 29  GLN A CD    1 
ATOM   223  O OE1   . GLN A 1 30 ? 10.898  3.269   -16.571 1.00 53.21  ? 29  GLN A OE1   1 
ATOM   224  N NE2   . GLN A 1 30 ? 9.685   1.873   -15.292 1.00 43.99  ? 29  GLN A NE2   1 
ATOM   225  N N     . GLY A 1 31 ? 7.769   -0.824  -20.681 1.00 38.15  ? 30  GLY A N     1 
ATOM   226  C CA    . GLY A 1 31 ? 8.116   -1.714  -21.786 1.00 40.88  ? 30  GLY A CA    1 
ATOM   227  C C     . GLY A 1 31 ? 9.217   -2.669  -21.360 1.00 52.43  ? 30  GLY A C     1 
ATOM   228  O O     . GLY A 1 31 ? 9.889   -3.240  -22.222 1.00 49.14  ? 30  GLY A O     1 
ATOM   229  N N     . TYR A 1 32 ? 9.416   -2.818  -20.049 1.00 44.02  ? 31  TYR A N     1 
ATOM   230  C CA    . TYR A 1 32 ? 10.298  -3.846  -19.486 1.00 47.11  ? 31  TYR A CA    1 
ATOM   231  C C     . TYR A 1 32 ? 9.473   -5.052  -19.032 1.00 50.54  ? 31  TYR A C     1 
ATOM   232  O O     . TYR A 1 32 ? 9.784   -5.712  -18.039 1.00 57.50  ? 31  TYR A O     1 
ATOM   233  C CB    . TYR A 1 32 ? 11.224  -3.248  -18.411 1.00 35.58  ? 31  TYR A CB    1 
ATOM   234  C CG    . TYR A 1 32 ? 11.824  -1.960  -18.933 1.00 44.48  ? 31  TYR A CG    1 
ATOM   235  C CD1   . TYR A 1 32 ? 12.230  -1.871  -20.260 1.00 45.06  ? 31  TYR A CD1   1 
ATOM   236  C CD2   . TYR A 1 32 ? 11.920  -0.819  -18.145 1.00 42.75  ? 31  TYR A CD2   1 
ATOM   237  C CE1   . TYR A 1 32 ? 12.759  -0.705  -20.780 1.00 46.59  ? 31  TYR A CE1   1 
ATOM   238  C CE2   . TYR A 1 32 ? 12.440  0.363   -18.650 1.00 48.88  ? 31  TYR A CE2   1 
ATOM   239  C CZ    . TYR A 1 32 ? 12.840  0.415   -19.975 1.00 53.10  ? 31  TYR A CZ    1 
ATOM   240  O OH    . TYR A 1 32 ? 13.318  1.581   -20.536 1.00 54.26  ? 31  TYR A OH    1 
HETATM 241  N N     . NH2 A 1 33 ? 8.412   -5.341  -19.781 1.00 46.44  ? 32  NH2 A N     1 
HETATM 242  C C     . ACE B 1 1  ? 7.701   -1.070  21.610  1.00 18.46  ? 0   ACE B C     1 
HETATM 243  O O     . ACE B 1 1  ? 6.898   -1.858  21.118  1.00 19.19  ? 0   ACE B O     1 
HETATM 244  C CH3   . ACE B 1 1  ? 7.235   0.304   22.099  1.00 22.74  ? 0   ACE B CH3   1 
ATOM   245  N N     . GLY B 1 2  ? 8.989   -1.364  21.776  1.00 19.08  ? 1   GLY B N     1 
ATOM   246  C CA    . GLY B 1 2  ? 9.502   -2.679  21.540  1.00 18.46  ? 1   GLY B CA    1 
ATOM   247  C C     . GLY B 1 2  ? 9.241   -3.165  20.125  1.00 16.33  ? 1   GLY B C     1 
ATOM   248  O O     . GLY B 1 2  ? 9.349   -2.375  19.181  1.00 16.99  ? 1   GLY B O     1 
ATOM   249  N N     . GLU B 1 3  ? 9.041   -4.452  19.988  1.00 15.69  ? 2   GLU B N     1 
ATOM   250  C CA    A GLU B 1 3  ? 8.877   -5.093  18.686  0.50 17.44  ? 2   GLU B CA    1 
ATOM   251  C CA    B GLU B 1 3  ? 8.896   -5.057  18.676  0.50 17.43  ? 2   GLU B CA    1 
ATOM   252  C C     . GLU B 1 3  ? 7.714   -4.490  17.906  1.00 15.41  ? 2   GLU B C     1 
ATOM   253  O O     . GLU B 1 3  ? 7.878   -4.273  16.686  1.00 16.82  ? 2   GLU B O     1 
ATOM   254  C CB    A GLU B 1 3  ? 8.793   -6.620  18.820  0.50 18.65  ? 2   GLU B CB    1 
ATOM   255  C CB    B GLU B 1 3  ? 8.849   -6.583  18.773  0.50 18.50  ? 2   GLU B CB    1 
ATOM   256  C CG    A GLU B 1 3  ? 8.755   -7.435  17.530  0.50 20.24  ? 2   GLU B CG    1 
ATOM   257  C CG    B GLU B 1 3  ? 8.993   -7.250  17.414  0.50 19.79  ? 2   GLU B CG    1 
ATOM   258  C CD    A GLU B 1 3  ? 10.026  -7.390  16.695  0.50 22.24  ? 2   GLU B CD    1 
ATOM   259  C CD    B GLU B 1 3  ? 8.898   -8.756  17.494  0.50 21.30  ? 2   GLU B CD    1 
ATOM   260  O OE1   A GLU B 1 3  ? 11.121  -7.078  17.223  0.50 24.34  ? 2   GLU B OE1   1 
ATOM   261  O OE1   B GLU B 1 3  ? 8.520   -9.261  18.561  0.50 19.70  ? 2   GLU B OE1   1 
ATOM   262  O OE2   A GLU B 1 3  ? 9.928   -7.688  15.482  0.50 29.00  ? 2   GLU B OE2   1 
ATOM   263  O OE2   B GLU B 1 3  ? 9.236   -9.419  16.498  0.50 28.43  ? 2   GLU B OE2   1 
ATOM   264  N N     . ILE B 1 4  ? 6.564   -4.255  18.522  1.00 15.52  ? 3   ILE B N     1 
ATOM   265  C CA    . ILE B 1 4  ? 5.461   -3.743  17.723  1.00 15.05  ? 3   ILE B CA    1 
ATOM   266  C C     . ILE B 1 4  ? 5.828   -2.376  17.197  1.00 14.38  ? 3   ILE B C     1 
ATOM   267  O O     . ILE B 1 4  ? 5.501   -2.103  16.013  1.00 14.44  ? 3   ILE B O     1 
ATOM   268  C CB    . ILE B 1 4  ? 4.193   -3.660  18.593  1.00 14.24  ? 3   ILE B CB    1 
ATOM   269  C CG1   . ILE B 1 4  ? 3.613   -5.045  19.000  1.00 17.61  ? 3   ILE B CG1   1 
ATOM   270  C CG2   . ILE B 1 4  ? 3.114   -2.885  17.832  1.00 15.58  ? 3   ILE B CG2   1 
ATOM   271  C CD1   . ILE B 1 4  ? 2.497   -5.136  20.064  1.00 19.75  ? 3   ILE B CD1   1 
ATOM   272  N N     . LYS B 1 5  ? 6.525   -1.498  17.881  1.00 13.68  ? 4   LYS B N     1 
ATOM   273  C CA    . LYS B 1 5  ? 6.932   -0.183  17.374  1.00 14.81  ? 4   LYS B CA    1 
ATOM   274  C C     . LYS B 1 5  ? 7.884   -0.439  16.236  1.00 14.41  ? 4   LYS B C     1 
ATOM   275  O O     . LYS B 1 5  ? 7.755   0.251   15.197  1.00 14.89  ? 4   LYS B O     1 
ATOM   276  C CB    . LYS B 1 5  ? 7.699   0.598   18.448  1.00 16.62  ? 4   LYS B CB    1 
ATOM   277  C CG    . LYS B 1 5  ? 8.167   1.945   17.924  1.00 18.39  ? 4   LYS B CG    1 
ATOM   278  C CD    . LYS B 1 5  ? 8.776   2.722   19.097  1.00 20.63  ? 4   LYS B CD    1 
ATOM   279  C CE    . LYS B 1 5  ? 9.599   3.877   18.552  1.00 25.45  ? 4   LYS B CE    1 
ATOM   280  N NZ    . LYS B 1 5  ? 10.332  4.641   19.597  1.00 28.97  ? 4   LYS B NZ    1 
ATOM   281  N N     . ALA B 1 6  ? 8.814   -1.377  16.277  1.00 15.67  ? 5   ALA B N     1 
ATOM   282  C CA    . ALA B 1 6  ? 9.794   -1.632  15.236  1.00 15.84  ? 5   ALA B CA    1 
ATOM   283  C C     . ALA B 1 6  ? 9.031   -2.015  13.979  1.00 15.37  ? 5   ALA B C     1 
ATOM   284  O O     . ALA B 1 6  ? 9.372   -1.588  12.856  1.00 16.17  ? 5   ALA B O     1 
ATOM   285  C CB    . ALA B 1 6  ? 10.755  -2.750  15.665  1.00 17.65  ? 5   ALA B CB    1 
ATOM   286  N N     . ILE B 1 7  ? 8.092   -2.937  14.088  1.00 14.15  ? 6   ILE B N     1 
ATOM   287  C CA    . ILE B 1 7  ? 7.333   -3.489  12.944  1.00 14.93  ? 6   ILE B CA    1 
ATOM   288  C C     . ILE B 1 7  ? 6.546   -2.308  12.382  1.00 13.39  ? 6   ILE B C     1 
ATOM   289  O O     . ILE B 1 7  ? 6.466   -2.179  11.150  1.00 13.31  ? 6   ILE B O     1 
ATOM   290  C CB    . ILE B 1 7  ? 6.438   -4.681  13.304  1.00 13.79  ? 6   ILE B CB    1 
ATOM   291  C CG1   . ILE B 1 7  ? 7.250   -5.881  13.783  1.00 15.55  ? 6   ILE B CG1   1 
ATOM   292  C CG2   . ILE B 1 7  ? 5.568   -5.026  12.089  1.00 17.88  ? 6   ILE B CG2   1 
ATOM   293  C CD1   . ILE B 1 7  ? 6.352   -6.828  14.573  1.00 18.70  ? 6   ILE B CD1   1 
ATOM   294  N N     . ALA B 1 8  ? 5.903   -1.493  13.200  1.00 13.02  ? 7   ALA B N     1 
ATOM   295  C CA    . ALA B 1 8  ? 5.093   -0.347  12.676  1.00 12.69  ? 7   ALA B CA    1 
ATOM   296  C C     . ALA B 1 8  ? 6.029   0.586   11.947  1.00 13.27  ? 7   ALA B C     1 
ATOM   297  O O     . ALA B 1 8  ? 5.616   1.068   10.862  1.00 13.05  ? 7   ALA B O     1 
ATOM   298  C CB    . ALA B 1 8  ? 4.405   0.370   13.826  1.00 15.53  ? 7   ALA B CB    1 
ATOM   299  N N     . GLN B 1 9  ? 7.248   0.890   12.404  1.00 13.35  ? 8   GLN B N     1 
ATOM   300  C CA    . GLN B 1 9  ? 8.157   1.795   11.649  1.00 14.08  ? 8   GLN B CA    1 
ATOM   301  C C     . GLN B 1 9  ? 8.463   1.127   10.340  1.00 14.28  ? 8   GLN B C     1 
ATOM   302  O O     . GLN B 1 9  ? 8.564   1.863   9.307   1.00 16.56  ? 8   GLN B O     1 
ATOM   303  C CB    . GLN B 1 9  ? 9.445   2.014   12.454  1.00 16.31  ? 8   GLN B CB    1 
ATOM   304  C CG    . GLN B 1 9  ? 9.136   2.875   13.669  1.00 19.18  ? 8   GLN B CG    1 
ATOM   305  C CD    . GLN B 1 9  ? 10.342  2.969   14.563  1.00 23.45  ? 8   GLN B CD    1 
ATOM   306  O OE1   . GLN B 1 9  ? 11.100  2.016   14.725  1.00 28.93  ? 8   GLN B OE1   1 
ATOM   307  N NE2   . GLN B 1 9  ? 10.538  4.158   15.119  1.00 27.67  ? 8   GLN B NE2   1 
ATOM   308  N N     . GLU B 1 10 ? 8.701   -0.176  10.282  1.00 14.57  ? 9   GLU B N     1 
ATOM   309  C CA    A GLU B 1 10 ? 9.011   -0.807  9.017   0.50 15.28  ? 9   GLU B CA    1 
ATOM   310  C CA    B GLU B 1 10 ? 8.993   -0.890  9.047   0.50 15.49  ? 9   GLU B CA    1 
ATOM   311  C C     . GLU B 1 10 ? 7.816   -0.702  8.072   1.00 14.99  ? 9   GLU B C     1 
ATOM   312  O O     . GLU B 1 10 ? 8.024   -0.480  6.855   1.00 15.47  ? 9   GLU B O     1 
ATOM   313  C CB    A GLU B 1 10 ? 9.427   -2.266  9.187   0.50 15.74  ? 9   GLU B CB    1 
ATOM   314  C CB    B GLU B 1 10 ? 9.299   -2.371  9.337   0.50 17.07  ? 9   GLU B CB    1 
ATOM   315  C CG    A GLU B 1 10 ? 9.856   -2.797  7.830   0.50 18.93  ? 9   GLU B CG    1 
ATOM   316  C CG    B GLU B 1 10 ? 10.668  -2.719  9.933   0.50 20.80  ? 9   GLU B CG    1 
ATOM   317  C CD    A GLU B 1 10 ? 10.517  -4.153  7.833   0.50 24.81  ? 9   GLU B CD    1 
ATOM   318  C CD    B GLU B 1 10 ? 10.633  -3.944  10.851  0.50 24.29  ? 9   GLU B CD    1 
ATOM   319  O OE1   A GLU B 1 10 ? 10.808  -4.680  8.927   0.50 31.17  ? 9   GLU B OE1   1 
ATOM   320  O OE1   B GLU B 1 10 ? 9.855   -4.910  10.701  0.50 22.24  ? 9   GLU B OE1   1 
ATOM   321  O OE2   A GLU B 1 10 ? 10.755  -4.647  6.706   0.50 27.07  ? 9   GLU B OE2   1 
ATOM   322  O OE2   B GLU B 1 10 ? 11.469  -4.008  11.779  0.50 30.47  ? 9   GLU B OE2   1 
ATOM   323  N N     . ILE B 1 11 ? 6.591   -0.954  8.539   1.00 12.85  ? 10  ILE B N     1 
ATOM   324  C CA    . ILE B 1 11 ? 5.408   -0.895  7.660   1.00 12.53  ? 10  ILE B CA    1 
ATOM   325  C C     . ILE B 1 11 ? 5.317   0.540   7.169   1.00 13.78  ? 10  ILE B C     1 
ATOM   326  O O     . ILE B 1 11 ? 5.008   0.697   5.966   1.00 13.42  ? 10  ILE B O     1 
ATOM   327  C CB    . ILE B 1 11 ? 4.141   -1.235  8.465   1.00 12.93  ? 10  ILE B CB    1 
ATOM   328  C CG1   . ILE B 1 11 ? 4.102   -2.729  8.840   1.00 13.71  ? 10  ILE B CG1   1 
ATOM   329  C CG2   . ILE B 1 11 ? 2.891   -0.852  7.667   1.00 13.18  ? 10  ILE B CG2   1 
ATOM   330  C CD1   . ILE B 1 11 ? 3.083   -3.055  9.924   1.00 13.07  ? 10  ILE B CD1   1 
ATOM   331  N N     . LYS B 1 12 ? 5.524   1.580   7.954   1.00 13.04  ? 11  LYS B N     1 
ATOM   332  C CA    . LYS B 1 12 ? 5.413   2.954   7.490   1.00 12.41  ? 11  LYS B CA    1 
ATOM   333  C C     . LYS B 1 12 ? 6.441   3.169   6.390   1.00 13.93  ? 11  LYS B C     1 
ATOM   334  O O     . LYS B 1 12 ? 6.100   3.814   5.389   1.00 14.06  ? 11  LYS B O     1 
ATOM   335  C CB    . LYS B 1 12 ? 5.604   3.948   8.668   1.00 15.20  ? 11  LYS B CB    1 
ATOM   336  C CG    . LYS B 1 12 ? 5.491   5.424   8.233   1.00 16.87  ? 11  LYS B CG    1 
ATOM   337  C CD    . LYS B 1 12 ? 5.465   6.364   9.438   1.00 20.51  ? 11  LYS B CD    1 
ATOM   338  C CE    . LYS B 1 12 ? 6.743   6.349   10.240  1.00 30.57  ? 11  LYS B CE    1 
ATOM   339  N NZ    . LYS B 1 12 ? 6.789   7.680   10.931  1.00 40.94  ? 11  LYS B NZ    1 
ATOM   340  N N     . ALA B 1 13 ? 7.662   2.667   6.480   1.00 14.40  ? 12  ALA B N     1 
ATOM   341  C CA    . ALA B 1 13 ? 8.687   2.866   5.453   1.00 14.66  ? 12  ALA B CA    1 
ATOM   342  C C     . ALA B 1 13 ? 8.212   2.173   4.193   1.00 14.51  ? 12  ALA B C     1 
ATOM   343  O O     . ALA B 1 13 ? 8.365   2.803   3.107   1.00 15.54  ? 12  ALA B O     1 
ATOM   344  C CB    . ALA B 1 13 ? 10.028  2.358   5.920   1.00 16.12  ? 12  ALA B CB    1 
ATOM   345  N N     . ILE B 1 14 ? 7.707   0.954   4.280   1.00 13.42  ? 13  ILE B N     1 
ATOM   346  C CA    . ILE B 1 14 ? 7.302   0.278   3.060   1.00 14.14  ? 13  ILE B CA    1 
ATOM   347  C C     . ILE B 1 14 ? 6.124   1.078   2.458   1.00 13.26  ? 13  ILE B C     1 
ATOM   348  O O     . ILE B 1 14 ? 6.016   1.203   1.203   1.00 13.74  ? 13  ILE B O     1 
ATOM   349  C CB    . ILE B 1 14 ? 6.910   -1.162  3.363   1.00 14.30  ? 13  ILE B CB    1 
ATOM   350  C CG1   . ILE B 1 14 ? 8.120   -1.996  3.770   1.00 16.23  ? 13  ILE B CG1   1 
ATOM   351  C CG2   . ILE B 1 14 ? 6.288   -1.818  2.126   1.00 15.55  ? 13  ILE B CG2   1 
ATOM   352  C CD1   . ILE B 1 14 ? 7.684   -3.208  4.561   1.00 19.58  ? 13  ILE B CD1   1 
ATOM   353  N N     . ALA B 1 15 ? 5.203   1.583   3.255   1.00 13.43  ? 14  ALA B N     1 
ATOM   354  C CA    . ALA B 1 15 ? 3.999   2.279   2.775   1.00 13.73  ? 14  ALA B CA    1 
ATOM   355  C C     . ALA B 1 15 ? 4.523   3.522   2.035   1.00 12.91  ? 14  ALA B C     1 
ATOM   356  O O     . ALA B 1 15 ? 3.980   3.871   0.963   1.00 12.32  ? 14  ALA B O     1 
ATOM   357  C CB    . ALA B 1 15 ? 3.107   2.693   3.931   1.00 14.93  ? 14  ALA B CB    1 
ATOM   358  N N     . LYS B 1 16 ? 5.538   4.239   2.498   1.00 13.16  ? 15  LYS B N     1 
ATOM   359  C CA    . LYS B 1 16 ? 5.996   5.486   1.840   1.00 14.21  ? 15  LYS B CA    1 
ATOM   360  C C     . LYS B 1 16 ? 6.649   5.022   0.524   1.00 14.94  ? 15  LYS B C     1 
ATOM   361  O O     . LYS B 1 16 ? 6.456   5.728   -0.499  1.00 16.30  ? 15  LYS B O     1 
ATOM   362  C CB    . LYS B 1 16 ? 6.953   6.279   2.747   1.00 16.81  ? 15  LYS B CB    1 
ATOM   363  C CG    . LYS B 1 16 ? 6.218   6.980   3.853   1.00 17.88  ? 15  LYS B CG    1 
ATOM   364  C CD    . LYS B 1 16 ? 7.265   7.687   4.723   1.00 21.23  ? 15  LYS B CD    1 
ATOM   365  C CE    . LYS B 1 16 ? 7.484   9.099   4.189   1.00 35.15  ? 15  LYS B CE    1 
ATOM   366  N NZ    . LYS B 1 16 ? 8.588   9.903   4.783   1.00 40.46  ? 15  LYS B NZ    1 
ATOM   367  N N     . GLU B 1 17 ? 7.290   3.869   0.417   1.00 14.09  ? 16  GLU B N     1 
ATOM   368  C CA    . GLU B 1 17 ? 7.934   3.393   -0.811  1.00 14.58  ? 16  GLU B CA    1 
ATOM   369  C C     . GLU B 1 17 ? 6.815   3.112   -1.812  1.00 14.37  ? 16  GLU B C     1 
ATOM   370  O O     . GLU B 1 17 ? 6.871   3.448   -3.019  1.00 14.32  ? 16  GLU B O     1 
ATOM   371  C CB    . GLU B 1 17 ? 8.724   2.112   -0.583  1.00 17.14  ? 16  GLU B CB    1 
ATOM   372  C CG    . GLU B 1 17 ? 10.051  2.406   0.132   1.00 21.78  ? 16  GLU B CG    1 
ATOM   373  C CD    . GLU B 1 17 ? 10.665  1.147   0.729   1.00 31.66  ? 16  GLU B CD    1 
ATOM   374  O OE1   . GLU B 1 17 ? 10.076  0.038   0.763   1.00 29.20  ? 16  GLU B OE1   1 
ATOM   375  O OE2   . GLU B 1 17 ? 11.765  1.281   1.310   1.00 38.00  ? 16  GLU B OE2   1 
ATOM   376  N N     . ILE B 1 18 ? 5.747   2.464   -1.374  1.00 13.01  ? 17  ILE B N     1 
ATOM   377  C CA    . ILE B 1 18 ? 4.610   2.063   -2.242  1.00 12.69  ? 17  ILE B CA    1 
ATOM   378  C C     . ILE B 1 18 ? 3.988   3.357   -2.745  1.00 11.87  ? 17  ILE B C     1 
ATOM   379  O O     . ILE B 1 18 ? 3.657   3.461   -3.950  1.00 13.09  ? 17  ILE B O     1 
ATOM   380  C CB    . ILE B 1 18 ? 3.524   1.243   -1.505  1.00 11.97  ? 17  ILE B CB    1 
ATOM   381  C CG1   . ILE B 1 18 ? 4.121   -0.157  -1.213  1.00 13.22  ? 17  ILE B CG1   1 
ATOM   382  C CG2   . ILE B 1 18 ? 2.275   1.101   -2.388  1.00 14.37  ? 17  ILE B CG2   1 
ATOM   383  C CD1   . ILE B 1 18 ? 3.284   -0.841  -0.127  1.00 12.98  ? 17  ILE B CD1   1 
ATOM   384  N N     . LYS B 1 19 ? 3.818   4.377   -1.929  1.00 12.05  ? 18  LYS B N     1 
ATOM   385  C CA    . LYS B 1 19 ? 3.141   5.588   -2.348  1.00 12.67  ? 18  LYS B CA    1 
ATOM   386  C C     . LYS B 1 19 ? 3.999   6.295   -3.392  1.00 12.58  ? 18  LYS B C     1 
ATOM   387  O O     . LYS B 1 19 ? 3.455   6.786   -4.408  1.00 12.64  ? 18  LYS B O     1 
ATOM   388  C CB    . LYS B 1 19 ? 2.814   6.475   -1.137  1.00 16.27  ? 18  LYS B CB    1 
ATOM   389  C CG    . LYS B 1 19 ? 2.203   7.807   -1.570  1.00 16.83  ? 18  LYS B CG    1 
ATOM   390  C CD    . LYS B 1 19 ? 1.668   8.587   -0.387  1.00 20.27  ? 18  LYS B CD    1 
ATOM   391  C CE    . LYS B 1 19 ? 2.768   9.058   0.547   1.00 28.88  ? 18  LYS B CE    1 
ATOM   392  N NZ    . LYS B 1 19 ? 2.348   10.353  1.163   1.00 38.47  ? 18  LYS B NZ    1 
ATOM   393  N N     . ALA B 1 20 ? 5.323   6.258   -3.303  1.00 12.59  ? 19  ALA B N     1 
ATOM   394  C CA    . ALA B 1 20 ? 6.216   6.943   -4.257  1.00 12.66  ? 19  ALA B CA    1 
ATOM   395  C C     . ALA B 1 20 ? 6.064   6.185   -5.551  1.00 13.01  ? 19  ALA B C     1 
ATOM   396  O O     . ALA B 1 20 ? 5.970   6.821   -6.640  1.00 14.61  ? 19  ALA B O     1 
ATOM   397  C CB    . ALA B 1 20 ? 7.646   6.935   -3.703  1.00 15.94  ? 19  ALA B CB    1 
ATOM   398  N N     . ILE B 1 21 ? 6.051   4.861   -5.556  1.00 12.67  ? 20  ILE B N     1 
ATOM   399  C CA    . ILE B 1 21 ? 5.931   4.073   -6.817  1.00 13.02  ? 20  ILE B CA    1 
ATOM   400  C C     . ILE B 1 21 ? 4.516   4.341   -7.363  1.00 12.43  ? 20  ILE B C     1 
ATOM   401  O O     . ILE B 1 21 ? 4.414   4.485   -8.626  1.00 12.80  ? 20  ILE B O     1 
ATOM   402  C CB    . ILE B 1 21 ? 6.167   2.577   -6.614  1.00 13.40  ? 20  ILE B CB    1 
ATOM   403  C CG1   . ILE B 1 21 ? 7.609   2.331   -6.167  1.00 18.08  ? 20  ILE B CG1   1 
ATOM   404  C CG2   . ILE B 1 21 ? 5.818   1.825   -7.903  1.00 16.73  ? 20  ILE B CG2   1 
ATOM   405  C CD1   . ILE B 1 21 ? 7.770   0.985   -5.492  1.00 22.44  ? 20  ILE B CD1   1 
ATOM   406  N N     . ALA B 1 22 ? 3.461   4.471   -6.571  1.00 12.73  ? 21  ALA B N     1 
ATOM   407  C CA    . ALA B 1 22 ? 2.123   4.677   -7.116  1.00 12.14  ? 21  ALA B CA    1 
ATOM   408  C C     . ALA B 1 22 ? 2.106   6.010   -7.836  1.00 12.38  ? 21  ALA B C     1 
ATOM   409  O O     . ALA B 1 22 ? 1.513   6.102   -8.932  1.00 12.13  ? 21  ALA B O     1 
ATOM   410  C CB    . ALA B 1 22 ? 1.070   4.646   -5.990  1.00 14.82  ? 21  ALA B CB    1 
ATOM   411  N N     . TRP B 1 23 ? 2.762   7.040   -7.338  1.00 13.23  ? 22  TRP B N     1 
ATOM   412  C CA    A TRP B 1 23 ? 2.776   8.337   -8.018  0.50 12.64  ? 22  TRP B CA    1 
ATOM   413  C CA    B TRP B 1 23 ? 2.805   8.337   -7.993  0.50 13.47  ? 22  TRP B CA    1 
ATOM   414  C C     . TRP B 1 23 ? 3.546   8.222   -9.301  1.00 12.71  ? 22  TRP B C     1 
ATOM   415  O O     . TRP B 1 23 ? 3.121   8.856   -10.311 1.00 13.64  ? 22  TRP B O     1 
ATOM   416  C CB    A TRP B 1 23 ? 3.453   9.421   -7.193  0.50 14.28  ? 22  TRP B CB    1 
ATOM   417  C CB    B TRP B 1 23 ? 3.495   9.296   -7.036  0.50 16.53  ? 22  TRP B CB    1 
ATOM   418  C CG    A TRP B 1 23 ? 2.611   10.038  -6.116  0.50 14.93  ? 22  TRP B CG    1 
ATOM   419  C CG    B TRP B 1 23 ? 3.151   10.725  -7.330  0.50 20.76  ? 22  TRP B CG    1 
ATOM   420  C CD1   A TRP B 1 23 ? 2.888   10.042  -4.754  0.50 15.98  ? 22  TRP B CD1   1 
ATOM   421  C CD1   B TRP B 1 23 ? 4.000   11.719  -7.779  0.50 20.17  ? 22  TRP B CD1   1 
ATOM   422  C CD2   A TRP B 1 23 ? 1.318   10.746  -6.238  0.50 14.65  ? 22  TRP B CD2   1 
ATOM   423  C CD2   B TRP B 1 23 ? 1.829   11.376  -7.219  0.50 19.59  ? 22  TRP B CD2   1 
ATOM   424  N NE1   A TRP B 1 23 ? 1.945   10.710  -4.067  0.50 15.42  ? 22  TRP B NE1   1 
ATOM   425  N NE1   B TRP B 1 23 ? 3.340   12.893  -7.921  0.50 21.88  ? 22  TRP B NE1   1 
ATOM   426  C CE2   A TRP B 1 23 ? 0.950   11.131  -4.866  0.50 15.64  ? 22  TRP B CE2   1 
ATOM   427  C CE2   B TRP B 1 23 ? 2.040   12.783  -7.629  0.50 22.46  ? 22  TRP B CE2   1 
ATOM   428  C CE3   A TRP B 1 23 ? 0.475   11.097  -7.286  0.50 17.15  ? 22  TRP B CE3   1 
ATOM   429  C CE3   B TRP B 1 23 ? 0.571   10.977  -6.785  0.50 21.70  ? 22  TRP B CE3   1 
ATOM   430  C CZ2   A TRP B 1 23 ? -0.187  11.877  -4.604  0.50 17.48  ? 22  TRP B CZ2   1 
ATOM   431  C CZ2   B TRP B 1 23 ? 1.026   13.717  -7.566  0.50 24.17  ? 22  TRP B CZ2   1 
ATOM   432  C CZ3   A TRP B 1 23 ? -0.711  11.800  -6.986  0.50 16.88  ? 22  TRP B CZ3   1 
ATOM   433  C CZ3   B TRP B 1 23 ? -0.448  11.930  -6.775  0.50 24.81  ? 22  TRP B CZ3   1 
ATOM   434  C CH2   A TRP B 1 23 ? -1.017  12.185  -5.680  0.50 17.38  ? 22  TRP B CH2   1 
ATOM   435  C CH2   B TRP B 1 23 ? -0.225  13.245  -7.170  0.50 24.33  ? 22  TRP B CH2   1 
ATOM   436  N N     . GLU B 1 24 ? 4.620   7.442   -9.383  1.00 12.34  ? 23  GLU B N     1 
ATOM   437  C CA    . GLU B 1 24 ? 5.350   7.209   -10.619 1.00 13.15  ? 23  GLU B CA    1 
ATOM   438  C C     . GLU B 1 24 ? 4.425   6.508   -11.604 1.00 13.18  ? 23  GLU B C     1 
ATOM   439  O O     . GLU B 1 24 ? 4.419   6.839   -12.824 1.00 13.95  ? 23  GLU B O     1 
ATOM   440  C CB    . GLU B 1 24 ? 6.653   6.421   -10.409 1.00 15.54  ? 23  GLU B CB    1 
ATOM   441  C CG    . GLU B 1 24 ? 7.741   7.191   -9.678  1.00 15.21  ? 23  GLU B CG    1 
ATOM   442  C CD    . GLU B 1 24 ? 8.869   6.300   -9.205  1.00 25.54  ? 23  GLU B CD    1 
ATOM   443  O OE1   . GLU B 1 24 ? 8.743   5.062   -9.146  1.00 26.16  ? 23  GLU B OE1   1 
ATOM   444  O OE2   . GLU B 1 24 ? 9.868   6.884   -8.712  1.00 36.15  ? 23  GLU B OE2   1 
ATOM   445  N N     . ILE B 1 25 ? 3.648   5.525   -11.173 1.00 11.76  ? 24  ILE B N     1 
ATOM   446  C CA    . ILE B 1 25 ? 2.759   4.793   -12.086 1.00 11.79  ? 24  ILE B CA    1 
ATOM   447  C C     . ILE B 1 25 ? 1.718   5.783   -12.600 1.00 12.98  ? 24  ILE B C     1 
ATOM   448  O O     . ILE B 1 25 ? 1.309   5.718   -13.773 1.00 13.81  ? 24  ILE B O     1 
ATOM   449  C CB    . ILE B 1 25 ? 2.207   3.534   -11.425 1.00 10.75  ? 24  ILE B CB    1 
ATOM   450  C CG1   . ILE B 1 25 ? 3.302   2.519   -11.192 1.00 12.61  ? 24  ILE B CG1   1 
ATOM   451  C CG2   . ILE B 1 25 ? 1.096   2.902   -12.273 1.00 13.45  ? 24  ILE B CG2   1 
ATOM   452  C CD1   . ILE B 1 25 ? 2.845   1.458   -10.184 1.00 14.79  ? 24  ILE B CD1   1 
ATOM   453  N N     . LYS B 1 26 ? 1.154   6.609   -11.757 1.00 12.50  ? 25  LYS B N     1 
ATOM   454  C CA    . LYS B 1 26 ? 0.150   7.598   -12.164 1.00 12.95  ? 25  LYS B CA    1 
ATOM   455  C C     . LYS B 1 26 ? 0.767   8.504   -13.232 1.00 13.45  ? 25  LYS B C     1 
ATOM   456  O O     . LYS B 1 26 ? 0.074   8.773   -14.247 1.00 14.29  ? 25  LYS B O     1 
ATOM   457  C CB    . LYS B 1 26 ? -0.288  8.452   -10.957 1.00 14.00  ? 25  LYS B CB    1 
ATOM   458  C CG    . LYS B 1 26 ? -1.472  9.366   -11.339 1.00 16.01  ? 25  LYS B CG    1 
ATOM   459  C CD    . LYS B 1 26 ? -1.984  10.188  -10.148 1.00 18.17  ? 25  LYS B CD    1 
ATOM   460  C CE    . LYS B 1 26 ? -3.185  11.042  -10.592 1.00 18.84  ? 25  LYS B CE    1 
ATOM   461  N NZ    . LYS B 1 26 ? -3.555  12.111  -9.597  1.00 21.87  ? 25  LYS B NZ    1 
ATOM   462  N N     . ALA B 1 27 ? 2.012   8.909   -13.098 1.00 13.73  ? 26  ALA B N     1 
ATOM   463  C CA    . ALA B 1 27 ? 2.642   9.783   -14.104 1.00 15.25  ? 26  ALA B CA    1 
ATOM   464  C C     . ALA B 1 27 ? 2.649   9.045   -15.419 1.00 14.58  ? 26  ALA B C     1 
ATOM   465  O O     . ALA B 1 27 ? 2.362   9.640   -16.503 1.00 15.59  ? 26  ALA B O     1 
ATOM   466  C CB    . ALA B 1 27 ? 4.041   10.165  -13.701 1.00 15.10  ? 26  ALA B CB    1 
ATOM   467  N N     . ILE B 1 28 ? 2.997   7.766   -15.432 1.00 13.95  ? 27  ILE B N     1 
ATOM   468  C CA    . ILE B 1 28 ? 3.071   7.011   -16.705 1.00 15.48  ? 27  ILE B CA    1 
ATOM   469  C C     . ILE B 1 28 ? 1.643   6.887   -17.228 1.00 15.63  ? 27  ILE B C     1 
ATOM   470  O O     . ILE B 1 28 ? 1.418   7.080   -18.441 1.00 16.33  ? 27  ILE B O     1 
ATOM   471  C CB    . ILE B 1 28 ? 3.671   5.599   -16.502 1.00 15.11  ? 27  ILE B CB    1 
ATOM   472  C CG1   . ILE B 1 28 ? 5.160   5.733   -16.176 1.00 17.83  ? 27  ILE B CG1   1 
ATOM   473  C CG2   . ILE B 1 28 ? 3.545   4.758   -17.799 1.00 18.07  ? 27  ILE B CG2   1 
ATOM   474  C CD1   . ILE B 1 28 ? 5.805   4.496   -15.644 1.00 20.20  ? 27  ILE B CD1   1 
ATOM   475  N N     . ALA B 1 29 ? 0.633   6.616   -16.407 1.00 15.37  ? 28  ALA B N     1 
ATOM   476  C CA    . ALA B 1 29 ? -0.746  6.456   -16.897 1.00 16.44  ? 28  ALA B CA    1 
ATOM   477  C C     . ALA B 1 29 ? -1.288  7.708   -17.536 1.00 18.27  ? 28  ALA B C     1 
ATOM   478  O O     . ALA B 1 29 ? -1.983  7.641   -18.565 1.00 20.55  ? 28  ALA B O     1 
ATOM   479  C CB    . ALA B 1 29 ? -1.697  6.127   -15.736 1.00 15.98  ? 28  ALA B CB    1 
ATOM   480  N N     . GLN B 1 30 ? -0.896  8.866   -17.047 1.00 17.12  ? 29  GLN B N     1 
ATOM   481  C CA    . GLN B 1 30 ? -1.521  10.089  -17.552 1.00 21.11  ? 29  GLN B CA    1 
ATOM   482  C C     . GLN B 1 30 ? -0.599  10.610  -18.640 1.00 21.38  ? 29  GLN B C     1 
ATOM   483  O O     . GLN B 1 30 ? -1.084  11.477  -19.386 1.00 24.43  ? 29  GLN B O     1 
ATOM   484  C CB    . GLN B 1 30 ? -1.990  10.973  -16.423 1.00 24.64  ? 29  GLN B CB    1 
ATOM   485  C CG    . GLN B 1 30 ? -0.742  11.593  -15.907 1.00 21.39  ? 29  GLN B CG    1 
ATOM   486  C CD    . GLN B 1 30 ? -0.934  12.259  -14.579 1.00 26.36  ? 29  GLN B CD    1 
ATOM   487  O OE1   . GLN B 1 30 ? 0.039   12.837  -14.109 1.00 28.73  ? 29  GLN B OE1   1 
ATOM   488  N NE2   . GLN B 1 30 ? -2.135  12.316  -14.083 1.00 28.71  ? 29  GLN B NE2   1 
ATOM   489  N N     . GLY B 1 31 ? 0.606   10.081  -18.824 1.00 19.00  ? 30  GLY B N     1 
ATOM   490  C CA    . GLY B 1 31 ? 1.572   10.385  -19.886 1.00 21.17  ? 30  GLY B CA    1 
ATOM   491  C C     . GLY B 1 31 ? 2.392   11.624  -19.641 1.00 22.79  ? 30  GLY B C     1 
ATOM   492  O O     . GLY B 1 31 ? 3.021   12.141  -20.572 1.00 24.77  ? 30  GLY B O     1 
ATOM   493  N N     . TYR B 1 32 ? 2.471   12.047  -18.383 1.00 28.34  ? 31  TYR B N     1 
ATOM   494  C CA    . TYR B 1 32 ? 3.196   13.273  -18.015 1.00 29.49  ? 31  TYR B CA    1 
ATOM   495  C C     . TYR B 1 32 ? 3.461   13.169  -16.525 1.00 23.21  ? 31  TYR B C     1 
ATOM   496  O O     . TYR B 1 32 ? 2.599   12.679  -15.759 1.00 27.48  ? 31  TYR B O     1 
ATOM   497  C CB    . TYR B 1 32 ? 2.481   14.603  -18.357 1.00 27.44  ? 31  TYR B CB    1 
ATOM   498  C CG    . TYR B 1 32 ? 1.279   15.025  -17.512 1.00 28.34  ? 31  TYR B CG    1 
ATOM   499  C CD1   . TYR B 1 32 ? 1.421   15.905  -16.456 1.00 27.65  ? 31  TYR B CD1   1 
ATOM   500  C CD2   . TYR B 1 32 ? -0.007  14.562  -17.793 1.00 30.04  ? 31  TYR B CD2   1 
ATOM   501  C CE1   . TYR B 1 32 ? 0.336   16.334  -15.697 1.00 27.46  ? 31  TYR B CE1   1 
ATOM   502  C CE2   . TYR B 1 32 ? -1.095  14.955  -17.029 1.00 32.98  ? 31  TYR B CE2   1 
ATOM   503  C CZ    . TYR B 1 32 ? -0.900  15.814  -15.960 1.00 33.72  ? 31  TYR B CZ    1 
ATOM   504  O OH    . TYR B 1 32 ? -1.964  16.229  -15.182 1.00 42.20  ? 31  TYR B OH    1 
HETATM 505  N N     . NH2 B 1 33 ? 4.672   13.562  -16.154 1.00 24.42  ? 32  NH2 B N     1 
HETATM 506  C C     . ACE C 1 1  ? -0.023  4.779   22.430  1.00 15.20  ? 0   ACE C C     1 
HETATM 507  O O     . ACE C 1 1  ? 0.749   4.005   21.820  1.00 16.87  ? 0   ACE C O     1 
HETATM 508  C CH3   . ACE C 1 1  ? -1.413  4.348   22.877  1.00 19.60  ? 0   ACE C CH3   1 
ATOM   509  N N     . GLY C 1 2  ? 0.307   6.006   22.843  1.00 16.53  ? 1   GLY C N     1 
ATOM   510  C CA    . GLY C 1 2  ? 1.679   6.431   22.755  1.00 16.51  ? 1   GLY C CA    1 
ATOM   511  C C     . GLY C 1 2  ? 2.242   6.466   21.344  1.00 15.30  ? 1   GLY C C     1 
ATOM   512  O O     . GLY C 1 2  ? 1.503   6.766   20.391  1.00 16.90  ? 1   GLY C O     1 
ATOM   513  N N     . GLU C 1 3  ? 3.503   6.113   21.179  1.00 15.01  ? 2   GLU C N     1 
ATOM   514  C CA    . GLU C 1 3  ? 4.180   6.192   19.877  1.00 16.53  ? 2   GLU C CA    1 
ATOM   515  C C     . GLU C 1 3  ? 3.541   5.128   18.978  1.00 16.87  ? 2   GLU C C     1 
ATOM   516  O O     . GLU C 1 3  ? 3.342   5.378   17.761  1.00 17.00  ? 2   GLU C O     1 
ATOM   517  C CB    . GLU C 1 3  ? 5.677   5.887   20.020  1.00 18.19  ? 2   GLU C CB    1 
ATOM   518  C CG    . GLU C 1 3  ? 6.308   6.934   20.940  1.00 19.91  ? 2   GLU C CG    1 
ATOM   519  C CD    . GLU C 1 3  ? 7.710   6.648   21.431  1.00 30.62  ? 2   GLU C CD    1 
ATOM   520  O OE1   . GLU C 1 3  ? 8.222   5.524   21.366  1.00 28.05  ? 2   GLU C OE1   1 
ATOM   521  O OE2   . GLU C 1 3  ? 8.335   7.592   21.964  1.00 42.80  ? 2   GLU C OE2   1 
ATOM   522  N N     . ILE C 1 4  ? 3.214   3.917   19.445  1.00 17.71  ? 3   ILE C N     1 
ATOM   523  C CA    . ILE C 1 4  ? 2.643   2.875   18.585  1.00 16.33  ? 3   ILE C CA    1 
ATOM   524  C C     . ILE C 1 4  ? 1.335   3.414   17.990  1.00 17.05  ? 3   ILE C C     1 
ATOM   525  O O     . ILE C 1 4  ? 1.077   3.227   16.773  1.00 17.37  ? 3   ILE C O     1 
ATOM   526  C CB    . ILE C 1 4  ? 2.362   1.578   19.395  1.00 16.88  ? 3   ILE C CB    1 
ATOM   527  C CG1   . ILE C 1 4  ? 3.730   0.951   19.704  1.00 21.36  ? 3   ILE C CG1   1 
ATOM   528  C CG2   . ILE C 1 4  ? 1.446   0.641   18.576  1.00 18.03  ? 3   ILE C CG2   1 
ATOM   529  C CD1   . ILE C 1 4  ? 3.558   -0.206  20.676  1.00 20.91  ? 3   ILE C CD1   1 
ATOM   530  N N     . LYS C 1 5  ? 0.455   4.046   18.748  1.00 15.42  ? 4   LYS C N     1 
ATOM   531  C CA    . LYS C 1 5  ? -0.843  4.514   18.249  1.00 17.53  ? 4   LYS C CA    1 
ATOM   532  C C     . LYS C 1 5  ? -0.582  5.571   17.210  1.00 16.64  ? 4   LYS C C     1 
ATOM   533  O O     . LYS C 1 5  ? -1.223  5.556   16.137  1.00 17.81  ? 4   LYS C O     1 
ATOM   534  C CB    . LYS C 1 5  ? -1.708  5.103   19.359  1.00 19.05  ? 4   LYS C CB    1 
ATOM   535  C CG    . LYS C 1 5  ? -3.050  5.598   18.839  1.00 22.05  ? 4   LYS C CG    1 
ATOM   536  C CD    . LYS C 1 5  ? -3.878  6.049   20.034  1.00 26.49  ? 4   LYS C CD    1 
ATOM   537  C CE    . LYS C 1 5  ? -4.988  6.931   19.501  1.00 31.91  ? 4   LYS C CE    1 
ATOM   538  N NZ    . LYS C 1 5  ? -5.761  7.589   20.595  1.00 39.32  ? 4   LYS C NZ    1 
ATOM   539  N N     . ALA C 1 6  ? 0.335   6.485   17.450  1.00 15.43  ? 5   ALA C N     1 
ATOM   540  C CA    . ALA C 1 6  ? 0.614   7.586   16.509  1.00 16.59  ? 5   ALA C CA    1 
ATOM   541  C C     . ALA C 1 6  ? 1.141   7.003   15.193  1.00 17.86  ? 5   ALA C C     1 
ATOM   542  O O     . ALA C 1 6  ? 0.636   7.412   14.116  1.00 17.60  ? 5   ALA C O     1 
ATOM   543  C CB    . ALA C 1 6  ? 1.640   8.553   17.072  1.00 17.38  ? 5   ALA C CB    1 
ATOM   544  N N     . ILE C 1 7  ? 2.062   6.044   15.215  1.00 16.65  ? 6   ILE C N     1 
ATOM   545  C CA    . ILE C 1 7  ? 2.608   5.473   13.975  1.00 16.18  ? 6   ILE C CA    1 
ATOM   546  C C     . ILE C 1 7  ? 1.512   4.667   13.268  1.00 16.26  ? 6   ILE C C     1 
ATOM   547  O O     . ILE C 1 7  ? 1.334   4.787   12.027  1.00 15.02  ? 6   ILE C O     1 
ATOM   548  C CB    . ILE C 1 7  ? 3.800   4.563   14.283  1.00 14.85  ? 6   ILE C CB    1 
ATOM   549  C CG1   . ILE C 1 7  ? 4.946   5.332   14.932  1.00 17.86  ? 6   ILE C CG1   1 
ATOM   550  C CG2   . ILE C 1 7  ? 4.322   3.923   12.984  1.00 17.41  ? 6   ILE C CG2   1 
ATOM   551  C CD1   . ILE C 1 7  ? 6.001   4.412   15.505  1.00 20.95  ? 6   ILE C CD1   1 
ATOM   552  N N     . ALA C 1 8  ? 0.638   3.994   14.001  1.00 16.00  ? 7   ALA C N     1 
ATOM   553  C CA    . ALA C 1 8  ? -0.486  3.284   13.388  1.00 14.66  ? 7   ALA C CA    1 
ATOM   554  C C     . ALA C 1 8  ? -1.399  4.275   12.685  1.00 15.33  ? 7   ALA C C     1 
ATOM   555  O O     . ALA C 1 8  ? -1.861  3.960   11.578  1.00 14.30  ? 7   ALA C O     1 
ATOM   556  C CB    . ALA C 1 8  ? -1.324  2.484   14.396  1.00 17.62  ? 7   ALA C CB    1 
ATOM   557  N N     . GLN C 1 9  ? -1.667  5.438   13.262  1.00 15.47  ? 8   GLN C N     1 
ATOM   558  C CA    . GLN C 1 9  ? -2.611  6.372   12.620  1.00 17.05  ? 8   GLN C CA    1 
ATOM   559  C C     . GLN C 1 9  ? -1.890  6.927   11.400  1.00 15.45  ? 8   GLN C C     1 
ATOM   560  O O     . GLN C 1 9  ? -2.611  7.082   10.368  1.00 15.98  ? 8   GLN C O     1 
ATOM   561  C CB    . GLN C 1 9  ? -2.873  7.581   13.544  1.00 18.60  ? 8   GLN C CB    1 
ATOM   562  C CG    . GLN C 1 9  ? -3.813  7.119   14.634  1.00 22.90  ? 8   GLN C CG    1 
ATOM   563  C CD    . GLN C 1 9  ? -3.940  8.134   15.756  1.00 29.98  ? 8   GLN C CD    1 
ATOM   564  O OE1   . GLN C 1 9  ? -3.011  8.886   16.067  1.00 29.27  ? 8   GLN C OE1   1 
ATOM   565  N NE2   . GLN C 1 9  ? -5.081  8.083   16.430  1.00 38.09  ? 8   GLN C NE2   1 
ATOM   566  N N     . GLU C 1 10 ? -0.586  7.128   11.397  1.00 15.01  ? 9   GLU C N     1 
ATOM   567  C CA    . GLU C 1 10 ? 0.166   7.599   10.246  1.00 16.28  ? 9   GLU C CA    1 
ATOM   568  C C     . GLU C 1 10 ? 0.059   6.533   9.151   1.00 14.94  ? 9   GLU C C     1 
ATOM   569  O O     . GLU C 1 10 ? -0.096  6.882   7.941   1.00 15.15  ? 9   GLU C O     1 
ATOM   570  C CB    . GLU C 1 10 ? 1.610   7.956   10.574  1.00 17.65  ? 9   GLU C CB    1 
ATOM   571  C CG    . GLU C 1 10 ? 1.826   9.206   11.428  1.00 20.81  ? 9   GLU C CG    1 
ATOM   572  C CD    . GLU C 1 10 ? 3.155   9.309   12.150  1.00 28.79  ? 9   GLU C CD    1 
ATOM   573  O OE1   . GLU C 1 10 ? 4.022   8.419   12.002  1.00 31.23  ? 9   GLU C OE1   1 
ATOM   574  O OE2   . GLU C 1 10 ? 3.265   10.280  12.955  1.00 31.62  ? 9   GLU C OE2   1 
ATOM   575  N N     . ILE C 1 11 ? 0.338   5.283   9.500   1.00 14.65  ? 10  ILE C N     1 
ATOM   576  C CA    . ILE C 1 11 ? 0.202   4.190   8.495   1.00 14.47  ? 10  ILE C CA    1 
ATOM   577  C C     . ILE C 1 11 ? -1.184  4.180   7.889   1.00 14.05  ? 10  ILE C C     1 
ATOM   578  O O     . ILE C 1 11 ? -1.303  4.081   6.651   1.00 13.67  ? 10  ILE C O     1 
ATOM   579  C CB    . ILE C 1 11 ? 0.502   2.826   9.150   1.00 13.55  ? 10  ILE C CB    1 
ATOM   580  C CG1   . ILE C 1 11 ? 1.978   2.736   9.543   1.00 14.96  ? 10  ILE C CG1   1 
ATOM   581  C CG2   . ILE C 1 11 ? 0.187   1.730   8.143   1.00 15.55  ? 10  ILE C CG2   1 
ATOM   582  C CD1   . ILE C 1 11 ? 2.284   1.596   10.508  1.00 13.77  ? 10  ILE C CD1   1 
ATOM   583  N N     . LYS C 1 12 ? -2.276  4.305   8.638   1.00 13.32  ? 11  LYS C N     1 
ATOM   584  C CA    . LYS C 1 12 ? -3.641  4.186   8.101   1.00 13.26  ? 11  LYS C CA    1 
ATOM   585  C C     . LYS C 1 12 ? -3.839  5.393   7.193   1.00 14.46  ? 11  LYS C C     1 
ATOM   586  O O     . LYS C 1 12 ? -4.382  5.194   6.083   1.00 14.48  ? 11  LYS C O     1 
ATOM   587  C CB    . LYS C 1 12 ? -4.656  4.291   9.239   1.00 16.39  ? 11  LYS C CB    1 
ATOM   588  C CG    . LYS C 1 12 ? -6.093  4.139   8.762   1.00 19.02  ? 11  LYS C CG    1 
ATOM   589  C CD    . LYS C 1 12 ? -7.082  4.078   9.929   1.00 19.33  ? 11  LYS C CD    1 
ATOM   590  C CE    . LYS C 1 12 ? -8.468  3.924   9.309   1.00 28.28  ? 11  LYS C CE    1 
ATOM   591  N NZ    . LYS C 1 12 ? -9.461  4.094   10.418  1.00 29.62  ? 11  LYS C NZ    1 
ATOM   592  N N     . ALA C 1 13 ? -3.302  6.564   7.460   1.00 14.26  ? 12  ALA C N     1 
ATOM   593  C CA    . ALA C 1 13 ? -3.499  7.714   6.586   1.00 15.51  ? 12  ALA C CA    1 
ATOM   594  C C     . ALA C 1 13 ? -2.714  7.497   5.297   1.00 14.63  ? 12  ALA C C     1 
ATOM   595  O O     . ALA C 1 13 ? -3.265  7.826   4.217   1.00 15.56  ? 12  ALA C O     1 
ATOM   596  C CB    . ALA C 1 13 ? -3.024  8.999   7.247   1.00 16.85  ? 12  ALA C CB    1 
ATOM   597  N N     . ILE C 1 14 ? -1.506  6.948   5.316   1.00 14.07  ? 13  ILE C N     1 
ATOM   598  C CA    . ILE C 1 14 ? -0.734  6.730   4.082   1.00 14.07  ? 13  ILE C CA    1 
ATOM   599  C C     . ILE C 1 14 ? -1.454  5.622   3.304   1.00 13.62  ? 13  ILE C C     1 
ATOM   600  O O     . ILE C 1 14 ? -1.521  5.706   2.055   1.00 13.83  ? 13  ILE C O     1 
ATOM   601  C CB    . ILE C 1 14 ? 0.715   6.312   4.374   1.00 14.40  ? 13  ILE C CB    1 
ATOM   602  C CG1   . ILE C 1 14 ? 1.537   7.431   4.996   1.00 17.36  ? 13  ILE C CG1   1 
ATOM   603  C CG2   . ILE C 1 14 ? 1.391   5.914   3.034   1.00 17.28  ? 13  ILE C CG2   1 
ATOM   604  C CD1   . ILE C 1 14 ? 2.714   6.871   5.783   1.00 19.33  ? 13  ILE C CD1   1 
ATOM   605  N N     . ALA C 1 15 ? -1.970  4.587   3.945   1.00 13.34  ? 14  ALA C N     1 
ATOM   606  C CA    . ALA C 1 15 ? -2.678  3.535   3.237   1.00 13.33  ? 14  ALA C CA    1 
ATOM   607  C C     . ALA C 1 15 ? -3.872  4.126   2.504   1.00 12.64  ? 14  ALA C C     1 
ATOM   608  O O     . ALA C 1 15 ? -4.110  3.789   1.350   1.00 12.43  ? 14  ALA C O     1 
ATOM   609  C CB    . ALA C 1 15 ? -3.162  2.439   4.203   1.00 14.93  ? 14  ALA C CB    1 
ATOM   610  N N     . LYS C 1 16 ? -4.617  5.027   3.121   1.00 12.97  ? 15  LYS C N     1 
ATOM   611  C CA    . LYS C 1 16 ? -5.796  5.577   2.448   1.00 14.94  ? 15  LYS C CA    1 
ATOM   612  C C     . LYS C 1 16 ? -5.296  6.456   1.291   1.00 14.51  ? 15  LYS C C     1 
ATOM   613  O O     . LYS C 1 16 ? -5.960  6.400   0.215   1.00 14.20  ? 15  LYS C O     1 
ATOM   614  C CB    . LYS C 1 16 ? -6.605  6.497   3.382   1.00 16.34  ? 15  LYS C CB    1 
ATOM   615  C CG    . LYS C 1 16 ? -7.371  5.665   4.383   1.00 17.86  ? 15  LYS C CG    1 
ATOM   616  C CD    . LYS C 1 16 ? -8.161  6.579   5.323   1.00 21.90  ? 15  LYS C CD    1 
ATOM   617  C CE    . LYS C 1 16 ? -9.118  5.810   6.215   1.00 26.96  ? 15  LYS C CE    1 
ATOM   618  N NZ    . LYS C 1 16 ? -10.197 6.748   6.683   1.00 31.44  ? 15  LYS C NZ    1 
ATOM   619  N N     . GLU C 1 17 ? -4.170  7.161   1.356   1.00 13.15  ? 16  GLU C N     1 
ATOM   620  C CA    . GLU C 1 17 ? -3.629  7.985   0.239   1.00 13.86  ? 16  GLU C CA    1 
ATOM   621  C C     . GLU C 1 17 ? -3.280  6.977   -0.850  1.00 13.95  ? 16  GLU C C     1 
ATOM   622  O O     . GLU C 1 17 ? -3.499  7.269   -2.043  1.00 14.58  ? 16  GLU C O     1 
ATOM   623  C CB    . GLU C 1 17 ? -2.380  8.720   0.679   1.00 18.11  ? 16  GLU C CB    1 
ATOM   624  C CG    . GLU C 1 17 ? -2.596  9.898   1.619   1.00 19.97  ? 16  GLU C CG    1 
ATOM   625  C CD    . GLU C 1 17 ? -1.172  10.413  1.800   1.00 33.33  ? 16  GLU C CD    1 
ATOM   626  O OE1   . GLU C 1 17 ? -0.745  11.195  0.923   1.00 38.12  ? 16  GLU C OE1   1 
ATOM   627  O OE2   . GLU C 1 17 ? -0.359  9.869   2.587   1.00 31.16  ? 16  GLU C OE2   1 
ATOM   628  N N     . ILE C 1 18 ? -2.620  5.848   -0.565  1.00 12.74  ? 17  ILE C N     1 
ATOM   629  C CA    . ILE C 1 18 ? -2.179  4.926   -1.624  1.00 12.21  ? 17  ILE C CA    1 
ATOM   630  C C     . ILE C 1 18 ? -3.439  4.348   -2.290  1.00 12.62  ? 17  ILE C C     1 
ATOM   631  O O     . ILE C 1 18 ? -3.490  4.278   -3.524  1.00 12.23  ? 17  ILE C O     1 
ATOM   632  C CB    . ILE C 1 18 ? -1.389  3.754   -1.043  1.00 12.98  ? 17  ILE C CB    1 
ATOM   633  C CG1   . ILE C 1 18 ? -0.059  4.218   -0.498  1.00 13.78  ? 17  ILE C CG1   1 
ATOM   634  C CG2   . ILE C 1 18 ? -1.211  2.667   -2.101  1.00 13.79  ? 17  ILE C CG2   1 
ATOM   635  C CD1   . ILE C 1 18 ? 0.628   3.199   0.417   1.00 14.14  ? 17  ILE C CD1   1 
ATOM   636  N N     . LYS C 1 19 ? -4.510  4.042   -1.553  1.00 12.52  ? 18  LYS C N     1 
ATOM   637  C CA    . LYS C 1 19 ? -5.761  3.499   -2.129  1.00 12.95  ? 18  LYS C CA    1 
ATOM   638  C C     . LYS C 1 19 ? -6.306  4.587   -3.078  1.00 12.70  ? 18  LYS C C     1 
ATOM   639  O O     . LYS C 1 19 ? -6.773  4.245   -4.186  1.00 12.84  ? 18  LYS C O     1 
ATOM   640  C CB    . LYS C 1 19 ? -6.768  3.084   -1.012  1.00 13.99  ? 18  LYS C CB    1 
ATOM   641  C CG    . LYS C 1 19 ? -8.069  2.505   -1.575  1.00 18.98  ? 18  LYS C CG    1 
ATOM   642  C CD    . LYS C 1 19 ? -8.843  1.886   -0.410  1.00 22.24  ? 18  LYS C CD    1 
ATOM   643  C CE    . LYS C 1 19 ? -9.627  2.944   0.313   1.00 30.43  ? 18  LYS C CE    1 
ATOM   644  N NZ    . LYS C 1 19 ? -10.759 2.181   0.941   1.00 29.44  ? 18  LYS C NZ    1 
ATOM   645  N N     . ALA C 1 20 ? -6.307  5.844   -2.675  1.00 12.30  ? 19  ALA C N     1 
ATOM   646  C CA    . ALA C 1 20 ? -6.890  6.912   -3.524  1.00 13.45  ? 19  ALA C CA    1 
ATOM   647  C C     . ALA C 1 20 ? -6.037  6.994   -4.803  1.00 13.12  ? 19  ALA C C     1 
ATOM   648  O O     . ALA C 1 20 ? -6.621  7.148   -5.906  1.00 14.51  ? 19  ALA C O     1 
ATOM   649  C CB    . ALA C 1 20 ? -6.934  8.263   -2.829  1.00 13.27  ? 19  ALA C CB    1 
ATOM   650  N N     . ILE C 1 21 ? -4.725  6.931   -4.751  1.00 12.82  ? 20  ILE C N     1 
ATOM   651  C CA    . ILE C 1 21 ? -3.890  7.088   -5.954  1.00 12.38  ? 20  ILE C CA    1 
ATOM   652  C C     . ILE C 1 21 ? -4.199  5.848   -6.783  1.00 11.13  ? 20  ILE C C     1 
ATOM   653  O O     . ILE C 1 21 ? -4.278  5.960   -8.022  1.00 12.14  ? 20  ILE C O     1 
ATOM   654  C CB    . ILE C 1 21 ? -2.403  7.118   -5.579  1.00 11.97  ? 20  ILE C CB    1 
ATOM   655  C CG1   . ILE C 1 21 ? -2.079  8.405   -4.796  1.00 13.65  ? 20  ILE C CG1   1 
ATOM   656  C CG2   . ILE C 1 21 ? -1.554  7.113   -6.841  1.00 14.64  ? 20  ILE C CG2   1 
ATOM   657  C CD1   . ILE C 1 21 ? -0.752  8.343   -4.040  1.00 16.19  ? 20  ILE C CD1   1 
ATOM   658  N N     . ALA C 1 22 ? -4.297  4.645   -6.226  1.00 11.97  ? 21  ALA C N     1 
ATOM   659  C CA    . ALA C 1 22 ? -4.536  3.427   -7.036  1.00 13.12  ? 21  ALA C CA    1 
ATOM   660  C C     . ALA C 1 22 ? -5.865  3.525   -7.785  1.00 12.47  ? 21  ALA C C     1 
ATOM   661  O O     . ALA C 1 22 ? -5.897  3.225   -8.971  1.00 12.51  ? 21  ALA C O     1 
ATOM   662  C CB    . ALA C 1 22 ? -4.503  2.216   -6.126  1.00 15.41  ? 21  ALA C CB    1 
ATOM   663  N N     . TRP C 1 23 ? -6.911  4.088   -7.165  1.00 13.48  ? 22  TRP C N     1 
ATOM   664  C CA    . TRP C 1 23 ? -8.204  4.234   -7.834  1.00 13.76  ? 22  TRP C CA    1 
ATOM   665  C C     . TRP C 1 23 ? -8.054  5.288   -8.892  1.00 13.67  ? 22  TRP C C     1 
ATOM   666  O O     . TRP C 1 23 ? -8.662  5.104   -9.978  1.00 14.68  ? 22  TRP C O     1 
ATOM   667  C CB    . TRP C 1 23 ? -9.346  4.664   -6.872  1.00 16.43  ? 22  TRP C CB    1 
ATOM   668  C CG    . TRP C 1 23 ? -9.986  3.545   -6.119  1.00 22.53  ? 22  TRP C CG    1 
ATOM   669  C CD1   . TRP C 1 23 ? -9.974  3.297   -4.749  1.00 25.62  ? 22  TRP C CD1   1 
ATOM   670  C CD2   . TRP C 1 23 ? -10.690 2.391   -6.698  1.00 23.65  ? 22  TRP C CD2   1 
ATOM   671  N NE1   . TRP C 1 23 ? -10.699 2.180   -4.431  1.00 26.29  ? 22  TRP C NE1   1 
ATOM   672  C CE2   . TRP C 1 23 ? -11.145 1.576   -5.548  1.00 24.84  ? 22  TRP C CE2   1 
ATOM   673  C CE3   . TRP C 1 23 ? -11.079 2.029   -7.963  1.00 24.11  ? 22  TRP C CE3   1 
ATOM   674  C CZ2   . TRP C 1 23 ? -11.851 0.398   -5.734  1.00 25.94  ? 22  TRP C CZ2   1 
ATOM   675  C CZ3   . TRP C 1 23 ? -11.781 0.837   -8.130  1.00 29.76  ? 22  TRP C CZ3   1 
ATOM   676  C CH2   . TRP C 1 23 ? -12.176 0.066   -7.039  1.00 31.07  ? 22  TRP C CH2   1 
ATOM   677  N N     . GLU C 1 24 ? -7.265  6.349   -8.723  1.00 13.13  ? 23  GLU C N     1 
ATOM   678  C CA    . GLU C 1 24 ? -7.016  7.414   -9.746  1.00 13.15  ? 23  GLU C CA    1 
ATOM   679  C C     . GLU C 1 24 ? -6.293  6.751   -10.915 1.00 13.26  ? 23  GLU C C     1 
ATOM   680  O O     . GLU C 1 24 ? -6.639  7.009   -12.098 1.00 13.95  ? 23  GLU C O     1 
ATOM   681  C CB    . GLU C 1 24 ? -6.149  8.566   -9.229  1.00 15.32  ? 23  GLU C CB    1 
ATOM   682  C CG    . GLU C 1 24 ? -6.880  9.489   -8.261  1.00 19.96  ? 23  GLU C CG    1 
ATOM   683  C CD    . GLU C 1 24 ? -5.933  10.440  -7.528  1.00 28.40  ? 23  GLU C CD    1 
ATOM   684  O OE1   . GLU C 1 24 ? -4.676  10.385  -7.434  1.00 26.08  ? 23  GLU C OE1   1 
ATOM   685  O OE2   . GLU C 1 24 ? -6.544  11.286  -6.833  1.00 38.86  ? 23  GLU C OE2   1 
ATOM   686  N N     . ILE C 1 25 ? -5.303  5.887   -10.695 1.00 13.33  ? 24  ILE C N     1 
ATOM   687  C CA    . ILE C 1 25 ? -4.561  5.218   -11.773 1.00 12.31  ? 24  ILE C CA    1 
ATOM   688  C C     . ILE C 1 25 ? -5.556  4.341   -12.514 1.00 12.31  ? 24  ILE C C     1 
ATOM   689  O O     . ILE C 1 25 ? -5.548  4.362   -13.752 1.00 14.06  ? 24  ILE C O     1 
ATOM   690  C CB    . ILE C 1 25 ? -3.385  4.358   -11.256 1.00 11.61  ? 24  ILE C CB    1 
ATOM   691  C CG1   . ILE C 1 25 ? -2.273  5.230   -10.692 1.00 15.09  ? 24  ILE C CG1   1 
ATOM   692  C CG2   . ILE C 1 25 ? -2.918  3.509   -12.413 1.00 14.15  ? 24  ILE C CG2   1 
ATOM   693  C CD1   . ILE C 1 25 ? -1.381  4.415   -9.756  1.00 13.62  ? 24  ILE C CD1   1 
ATOM   694  N N     . LYS C 1 26 ? -6.446  3.572   -11.882 1.00 14.11  ? 25  LYS C N     1 
ATOM   695  C CA    . LYS C 1 26 ? -7.366  2.674   -12.585 1.00 13.92  ? 25  LYS C CA    1 
ATOM   696  C C     . LYS C 1 26 ? -8.306  3.575   -13.379 1.00 13.90  ? 25  LYS C C     1 
ATOM   697  O O     . LYS C 1 26 ? -8.584  3.308   -14.578 1.00 14.68  ? 25  LYS C O     1 
ATOM   698  C CB    . LYS C 1 26 ? -8.144  1.827   -11.564 1.00 16.45  ? 25  LYS C CB    1 
ATOM   699  C CG    . LYS C 1 26 ? -9.035  0.808   -12.270 1.00 22.75  ? 25  LYS C CG    1 
ATOM   700  C CD    . LYS C 1 26 ? -9.698  -0.105  -11.257 1.00 24.94  ? 25  LYS C CD    1 
ATOM   701  C CE    . LYS C 1 26 ? -10.566 -1.119  -11.989 1.00 31.41  ? 25  LYS C CE    1 
ATOM   702  N NZ    . LYS C 1 26 ? -11.530 -1.652  -10.984 1.00 29.36  ? 25  LYS C NZ    1 
ATOM   703  N N     . ALA C 1 27 ? -8.735  4.730   -12.879 1.00 14.21  ? 26  ALA C N     1 
ATOM   704  C CA    . ALA C 1 27 ? -9.688  5.595   -13.602 1.00 14.62  ? 26  ALA C CA    1 
ATOM   705  C C     . ALA C 1 27 ? -8.988  6.034   -14.869 1.00 14.80  ? 26  ALA C C     1 
ATOM   706  O O     . ALA C 1 27 ? -9.587  5.978   -15.967 1.00 16.41  ? 26  ALA C O     1 
ATOM   707  C CB    . ALA C 1 27 ? -10.071 6.815   -12.782 1.00 15.64  ? 26  ALA C CB    1 
ATOM   708  N N     . ILE C 1 28 ? -7.767  6.552   -14.769 1.00 14.56  ? 27  ILE C N     1 
ATOM   709  C CA    . ILE C 1 28 ? -7.039  7.097   -15.916 1.00 15.34  ? 27  ILE C CA    1 
ATOM   710  C C     . ILE C 1 28 ? -6.857  5.963   -16.938 1.00 13.54  ? 27  ILE C C     1 
ATOM   711  O O     . ILE C 1 28 ? -7.066  6.232   -18.155 1.00 16.45  ? 27  ILE C O     1 
ATOM   712  C CB    . ILE C 1 28 ? -5.699  7.699   -15.494 1.00 14.67  ? 27  ILE C CB    1 
ATOM   713  C CG1   . ILE C 1 28 ? -5.897  8.936   -14.618 1.00 18.12  ? 27  ILE C CG1   1 
ATOM   714  C CG2   . ILE C 1 28 ? -4.851  7.956   -16.748 1.00 16.07  ? 27  ILE C CG2   1 
ATOM   715  C CD1   . ILE C 1 28 ? -4.633  9.265   -13.829 1.00 20.24  ? 27  ILE C CD1   1 
ATOM   716  N N     . ALA C 1 29 ? -6.432  4.777   -16.520 1.00 14.68  ? 28  ALA C N     1 
ATOM   717  C CA    . ALA C 1 29 ? -6.127  3.667   -17.445 1.00 13.98  ? 28  ALA C CA    1 
ATOM   718  C C     . ALA C 1 29 ? -7.411  3.244   -18.136 1.00 17.21  ? 28  ALA C C     1 
ATOM   719  O O     . ALA C 1 29 ? -7.338  2.735   -19.270 1.00 19.00  ? 28  ALA C O     1 
ATOM   720  C CB    . ALA C 1 29 ? -5.520  2.543   -16.649 1.00 16.16  ? 28  ALA C CB    1 
ATOM   721  N N     . GLN C 1 30 ? -8.581  3.384   -17.522 1.00 15.79  ? 29  GLN C N     1 
ATOM   722  C CA    . GLN C 1 30 ? -9.900  2.980   -18.092 1.00 19.27  ? 29  GLN C CA    1 
ATOM   723  C C     . GLN C 1 30 ? -10.541 4.099   -18.861 1.00 19.89  ? 29  GLN C C     1 
ATOM   724  O O     . GLN C 1 30 ? -11.588 3.799   -19.471 1.00 26.49  ? 29  GLN C O     1 
ATOM   725  C CB    . GLN C 1 30 ? -10.835 2.450   -16.996 1.00 21.41  ? 29  GLN C CB    1 
ATOM   726  C CG    . GLN C 1 30 ? -10.327 1.101   -16.561 1.00 24.17  ? 29  GLN C CG    1 
ATOM   727  C CD    . GLN C 1 30 ? -11.212 0.419   -15.554 1.00 32.14  ? 29  GLN C CD    1 
ATOM   728  O OE1   . GLN C 1 30 ? -11.235 -0.815  -15.482 1.00 39.11  ? 29  GLN C OE1   1 
ATOM   729  N NE2   . GLN C 1 30 ? -11.954 1.226   -14.802 1.00 31.55  ? 29  GLN C NE2   1 
ATOM   730  N N     . GLY C 1 31 ? -9.956  5.281   -18.956 1.00 18.95  ? 30  GLY C N     1 
ATOM   731  C CA    . GLY C 1 31 ? -10.509 6.506   -19.509 1.00 22.92  ? 30  GLY C CA    1 
ATOM   732  C C     . GLY C 1 31 ? -11.766 6.978   -18.773 1.00 32.15  ? 30  GLY C C     1 
ATOM   733  O O     . GLY C 1 31 ? -12.635 7.597   -19.397 1.00 31.67  ? 30  GLY C O     1 
ATOM   734  N N     . TYR C 1 32 ? -11.895 6.734   -17.463 1.00 26.72  ? 31  TYR C N     1 
ATOM   735  C CA    . TYR C 1 32 ? -12.949 7.327   -16.620 1.00 26.20  ? 31  TYR C CA    1 
ATOM   736  C C     . TYR C 1 32 ? -12.288 8.489   -15.910 1.00 26.97  ? 31  TYR C C     1 
ATOM   737  O O     . TYR C 1 32 ? -12.626 8.834   -14.770 1.00 38.48  ? 31  TYR C O     1 
ATOM   738  C CB    . TYR C 1 32 ? -13.495 6.348   -15.602 1.00 26.81  ? 31  TYR C CB    1 
ATOM   739  C CG    . TYR C 1 32 ? -14.178 5.167   -16.210 1.00 29.30  ? 31  TYR C CG    1 
ATOM   740  C CD1   . TYR C 1 32 ? -13.596 3.914   -16.063 1.00 31.05  ? 31  TYR C CD1   1 
ATOM   741  C CD2   . TYR C 1 32 ? -15.442 5.305   -16.788 1.00 25.07  ? 31  TYR C CD2   1 
ATOM   742  C CE1   . TYR C 1 32 ? -14.200 2.777   -16.549 1.00 35.56  ? 31  TYR C CE1   1 
ATOM   743  C CE2   . TYR C 1 32 ? -16.089 4.170   -17.238 1.00 25.46  ? 31  TYR C CE2   1 
ATOM   744  C CZ    . TYR C 1 32 ? -15.448 2.927   -17.125 1.00 36.21  ? 31  TYR C CZ    1 
ATOM   745  O OH    . TYR C 1 32 ? -15.798 1.675   -17.579 1.00 30.81  ? 31  TYR C OH    1 
HETATM 746  N N     . NH2 C 1 33 ? -11.411 9.180   -16.633 1.00 37.99  ? 32  NH2 C N     1 
HETATM 747  C C     . ACE D 1 1  ? -7.143  -3.736  22.005  1.00 36.86  ? 0   ACE D C     1 
HETATM 748  O O     . ACE D 1 1  ? -6.347  -2.838  21.665  1.00 34.23  ? 0   ACE D O     1 
HETATM 749  C CH3   . ACE D 1 1  ? -6.682  -5.177  22.218  1.00 30.70  ? 0   ACE D CH3   1 
ATOM   750  N N     . GLY D 1 2  ? -8.454  -3.579  22.171  1.00 35.66  ? 1   GLY D N     1 
ATOM   751  C CA    . GLY D 1 2  ? -9.224  -2.347  21.966  1.00 26.10  ? 1   GLY D CA    1 
ATOM   752  C C     . GLY D 1 2  ? -8.869  -1.541  20.734  1.00 27.09  ? 1   GLY D C     1 
ATOM   753  O O     . GLY D 1 2  ? -8.865  -2.084  19.623  1.00 25.01  ? 1   GLY D O     1 
ATOM   754  N N     . GLU D 1 3  ? -8.634  -0.254  20.946  1.00 26.21  ? 2   GLU D N     1 
ATOM   755  C CA    . GLU D 1 3  ? -8.458  0.649   19.824  1.00 25.28  ? 2   GLU D CA    1 
ATOM   756  C C     . GLU D 1 3  ? -7.229  0.323   18.978  1.00 24.01  ? 2   GLU D C     1 
ATOM   757  O O     . GLU D 1 3  ? -7.349  0.468   17.751  1.00 22.98  ? 2   GLU D O     1 
ATOM   758  C CB    . GLU D 1 3  ? -8.376  2.132   20.179  1.00 31.80  ? 2   GLU D CB    1 
ATOM   759  C CG    . GLU D 1 3  ? -8.749  2.923   18.934  1.00 43.82  ? 2   GLU D CG    1 
ATOM   760  C CD    . GLU D 1 3  ? -8.524  4.419   19.061  1.00 61.29  ? 2   GLU D CD    1 
ATOM   761  O OE1   . GLU D 1 3  ? -8.202  4.890   20.183  1.00 57.45  ? 2   GLU D OE1   1 
ATOM   762  O OE2   . GLU D 1 3  ? -8.679  5.090   18.011  1.00 54.48  ? 2   GLU D OE2   1 
ATOM   763  N N     . ILE D 1 4  ? -6.100  -0.083  19.564  1.00 22.25  ? 3   ILE D N     1 
ATOM   764  C CA    . ILE D 1 4  ? -4.887  -0.350  18.738  1.00 21.32  ? 3   ILE D CA    1 
ATOM   765  C C     . ILE D 1 4  ? -5.177  -1.596  17.911  1.00 19.04  ? 3   ILE D C     1 
ATOM   766  O O     . ILE D 1 4  ? -4.817  -1.638  16.711  1.00 18.80  ? 3   ILE D O     1 
ATOM   767  C CB    . ILE D 1 4  ? -3.571  -0.553  19.523  1.00 22.43  ? 3   ILE D CB    1 
ATOM   768  C CG1   . ILE D 1 4  ? -3.279  0.712   20.339  1.00 30.64  ? 3   ILE D CG1   1 
ATOM   769  C CG2   . ILE D 1 4  ? -2.345  -0.832  18.663  1.00 25.55  ? 3   ILE D CG2   1 
ATOM   770  C CD1   . ILE D 1 4  ? -3.416  2.025   19.605  1.00 35.92  ? 3   ILE D CD1   1 
ATOM   771  N N     . LYS D 1 5  ? -5.804  -2.639  18.448  1.00 18.76  ? 4   LYS D N     1 
ATOM   772  C CA    . LYS D 1 5  ? -6.090  -3.812  17.641  1.00 21.33  ? 4   LYS D CA    1 
ATOM   773  C C     . LYS D 1 5  ? -7.043  -3.396  16.518  1.00 20.09  ? 4   LYS D C     1 
ATOM   774  O O     . LYS D 1 5  ? -6.859  -3.868  15.385  1.00 18.15  ? 4   LYS D O     1 
ATOM   775  C CB    . LYS D 1 5  ? -6.657  -4.887  18.580  1.00 21.39  ? 4   LYS D CB    1 
ATOM   776  C CG    . LYS D 1 5  ? -7.120  -6.156  17.877  1.00 22.78  ? 4   LYS D CG    1 
ATOM   777  C CD    . LYS D 1 5  ? -7.873  -7.106  18.812  1.00 26.60  ? 4   LYS D CD    1 
ATOM   778  C CE    . LYS D 1 5  ? -8.655  -8.080  17.950  1.00 33.63  ? 4   LYS D CE    1 
ATOM   779  N NZ    . LYS D 1 5  ? -9.312  -9.056  18.872  1.00 45.20  ? 4   LYS D NZ    1 
ATOM   780  N N     . ALA D 1 6  ? -8.000  -2.510  16.807  1.00 19.67  ? 5   ALA D N     1 
ATOM   781  C CA    . ALA D 1 6  ? -8.942  -2.134  15.745  1.00 17.71  ? 5   ALA D CA    1 
ATOM   782  C C     . ALA D 1 6  ? -8.259  -1.372  14.618  1.00 16.87  ? 5   ALA D C     1 
ATOM   783  O O     . ALA D 1 6  ? -8.602  -1.621  13.449  1.00 18.30  ? 5   ALA D O     1 
ATOM   784  C CB    . ALA D 1 6  ? -10.009 -1.242  16.355  1.00 22.15  ? 5   ALA D CB    1 
ATOM   785  N N     . ILE D 1 7  ? -7.368  -0.441  14.956  1.00 17.15  ? 6   ILE D N     1 
ATOM   786  C CA    A ILE D 1 7  ? -6.607  0.345   13.966  0.50 16.19  ? 6   ILE D CA    1 
ATOM   787  C CA    B ILE D 1 7  ? -6.699  0.305   13.900  0.50 16.82  ? 6   ILE D CA    1 
ATOM   788  C C     . ILE D 1 7  ? -5.803  -0.652  13.137  1.00 16.14  ? 6   ILE D C     1 
ATOM   789  O O     . ILE D 1 7  ? -5.741  -0.518  11.910  1.00 15.97  ? 6   ILE D O     1 
ATOM   790  C CB    A ILE D 1 7  ? -5.692  1.432   14.559  0.50 16.82  ? 6   ILE D CB    1 
ATOM   791  C CB    B ILE D 1 7  ? -5.868  1.485   14.389  0.50 18.20  ? 6   ILE D CB    1 
ATOM   792  C CG1   A ILE D 1 7  ? -6.580  2.499   15.213  0.50 17.94  ? 6   ILE D CG1   1 
ATOM   793  C CG1   B ILE D 1 7  ? -5.489  2.343   13.181  0.50 19.07  ? 6   ILE D CG1   1 
ATOM   794  C CG2   A ILE D 1 7  ? -4.890  2.155   13.481  0.50 18.85  ? 6   ILE D CG2   1 
ATOM   795  C CG2   B ILE D 1 7  ? -4.626  1.030   15.126  0.50 18.34  ? 6   ILE D CG2   1 
ATOM   796  C CD1   A ILE D 1 7  ? -5.831  3.371   16.191  0.50 15.44  ? 6   ILE D CD1   1 
ATOM   797  C CD1   B ILE D 1 7  ? -5.257  3.755   13.650  0.50 20.11  ? 6   ILE D CD1   1 
ATOM   798  N N     . ALA D 1 8  ? -5.254  -1.689  13.751  1.00 16.29  ? 7   ALA D N     1 
ATOM   799  C CA    . ALA D 1 8  ? -4.421  -2.610  12.983  1.00 16.21  ? 7   ALA D CA    1 
ATOM   800  C C     . ALA D 1 8  ? -5.313  -3.399  12.048  1.00 17.19  ? 7   ALA D C     1 
ATOM   801  O O     . ALA D 1 8  ? -4.926  -3.557  10.870  1.00 16.34  ? 7   ALA D O     1 
ATOM   802  C CB    . ALA D 1 8  ? -3.657  -3.530  13.941  1.00 17.08  ? 7   ALA D CB    1 
ATOM   803  N N     . GLN D 1 9  ? -6.511  -3.791  12.483  1.00 16.72  ? 8   GLN D N     1 
ATOM   804  C CA    . GLN D 1 9  ? -7.446  -4.518  11.596  1.00 17.76  ? 8   GLN D CA    1 
ATOM   805  C C     . GLN D 1 9  ? -7.868  -3.616  10.430  1.00 17.28  ? 8   GLN D C     1 
ATOM   806  O O     . GLN D 1 9  ? -8.033  -4.137  9.322   1.00 17.17  ? 8   GLN D O     1 
ATOM   807  C CB    . GLN D 1 9  ? -8.668  -5.053  12.367  1.00 17.99  ? 8   GLN D CB    1 
ATOM   808  C CG    . GLN D 1 9  ? -8.266  -6.128  13.357  1.00 21.58  ? 8   GLN D CG    1 
ATOM   809  C CD    . GLN D 1 9  ? -9.348  -6.474  14.359  1.00 27.02  ? 8   GLN D CD    1 
ATOM   810  O OE1   . GLN D 1 9  ? -10.186 -5.646  14.726  1.00 31.00  ? 8   GLN D OE1   1 
ATOM   811  N NE2   . GLN D 1 9  ? -9.382  -7.746  14.746  1.00 29.94  ? 8   GLN D NE2   1 
ATOM   812  N N     . GLU D 1 10 ? -8.026  -2.319  10.690  1.00 16.93  ? 9   GLU D N     1 
ATOM   813  C CA    . GLU D 1 10 ? -8.511  -1.358  9.694   1.00 16.70  ? 9   GLU D CA    1 
ATOM   814  C C     . GLU D 1 10 ? -7.416  -1.216  8.631   1.00 14.86  ? 9   GLU D C     1 
ATOM   815  O O     . GLU D 1 10 ? -7.704  -1.197  7.422   1.00 16.32  ? 9   GLU D O     1 
ATOM   816  C CB    . GLU D 1 10 ? -8.795  -0.007  10.316  1.00 18.17  ? 9   GLU D CB    1 
ATOM   817  C CG    . GLU D 1 10 ? -10.117 -0.069  11.085  1.00 23.43  ? 9   GLU D CG    1 
ATOM   818  C CD    . GLU D 1 10 ? -10.207 0.955   12.190  1.00 26.04  ? 9   GLU D CD    1 
ATOM   819  O OE1   . GLU D 1 10 ? -9.508  1.992   12.208  1.00 27.93  ? 9   GLU D OE1   1 
ATOM   820  O OE2   . GLU D 1 10 ? -11.093 0.737   13.064  1.00 32.68  ? 9   GLU D OE2   1 
ATOM   821  N N     . ILE D 1 11 ? -6.166  -1.139  9.071   1.00 13.88  ? 10  ILE D N     1 
ATOM   822  C CA    . ILE D 1 11 ? -4.997  -1.005  8.141   1.00 12.95  ? 10  ILE D CA    1 
ATOM   823  C C     . ILE D 1 11 ? -4.987  -2.257  7.292   1.00 14.53  ? 10  ILE D C     1 
ATOM   824  O O     . ILE D 1 11 ? -4.749  -2.183  6.078   1.00 14.01  ? 10  ILE D O     1 
ATOM   825  C CB    . ILE D 1 11 ? -3.684  -0.787  8.899   1.00 13.58  ? 10  ILE D CB    1 
ATOM   826  C CG1   . ILE D 1 11 ? -3.670  0.604   9.525   1.00 15.02  ? 10  ILE D CG1   1 
ATOM   827  C CG2   . ILE D 1 11 ? -2.557  -0.966  7.905   1.00 14.96  ? 10  ILE D CG2   1 
ATOM   828  C CD1   . ILE D 1 11 ? -2.643  0.706   10.640  1.00 16.58  ? 10  ILE D CD1   1 
ATOM   829  N N     . LYS D 1 12 ? -5.109  -3.460  7.856   1.00 14.47  ? 11  LYS D N     1 
ATOM   830  C CA    . LYS D 1 12 ? -5.030  -4.705  7.126   1.00 13.60  ? 11  LYS D CA    1 
ATOM   831  C C     . LYS D 1 12 ? -6.131  -4.717  6.064   1.00 14.24  ? 11  LYS D C     1 
ATOM   832  O O     . LYS D 1 12 ? -5.853  -5.122  4.928   1.00 15.21  ? 11  LYS D O     1 
ATOM   833  C CB    . LYS D 1 12 ? -5.197  -5.909  8.091   1.00 18.03  ? 11  LYS D CB    1 
ATOM   834  C CG    . LYS D 1 12 ? -5.030  -7.252  7.398   1.00 18.15  ? 11  LYS D CG    1 
ATOM   835  C CD    . LYS D 1 12 ? -5.218  -8.431  8.375   1.00 21.31  ? 11  LYS D CD    1 
ATOM   836  C CE    . LYS D 1 12 ? -5.435  -9.728  7.629   1.00 29.10  ? 11  LYS D CE    1 
ATOM   837  N NZ    . LYS D 1 12 ? -5.560  -10.782 8.679   1.00 30.30  ? 11  LYS D NZ    1 
ATOM   838  N N     . ALA D 1 13 ? -7.338  -4.256  6.383   1.00 14.91  ? 12  ALA D N     1 
ATOM   839  C CA    . ALA D 1 13 ? -8.426  -4.305  5.398   1.00 15.10  ? 12  ALA D CA    1 
ATOM   840  C C     . ALA D 1 13 ? -8.076  -3.347  4.250   1.00 14.23  ? 12  ALA D C     1 
ATOM   841  O O     . ALA D 1 13 ? -8.338  -3.694  3.068   1.00 15.86  ? 12  ALA D O     1 
ATOM   842  C CB    . ALA D 1 13 ? -9.713  -3.921  6.103   1.00 18.57  ? 12  ALA D CB    1 
ATOM   843  N N     . ILE D 1 14 ? -7.551  -2.164  4.550   1.00 14.58  ? 13  ILE D N     1 
ATOM   844  C CA    . ILE D 1 14 ? -7.230  -1.217  3.459   1.00 14.70  ? 13  ILE D CA    1 
ATOM   845  C C     . ILE D 1 14 ? -6.089  -1.792  2.631   1.00 14.65  ? 13  ILE D C     1 
ATOM   846  O O     . ILE D 1 14 ? -6.128  -1.703  1.408   1.00 13.94  ? 13  ILE D O     1 
ATOM   847  C CB    . ILE D 1 14 ? -6.829  0.153   4.003   1.00 13.70  ? 13  ILE D CB    1 
ATOM   848  C CG1   . ILE D 1 14 ? -8.006  0.853   4.691   1.00 16.88  ? 13  ILE D CG1   1 
ATOM   849  C CG2   . ILE D 1 14 ? -6.332  1.038   2.842   1.00 15.24  ? 13  ILE D CG2   1 
ATOM   850  C CD1   . ILE D 1 14 ? -7.582  1.902   5.689   1.00 18.26  ? 13  ILE D CD1   1 
ATOM   851  N N     . ALA D 1 15 ? -5.105  -2.428  3.261   1.00 13.37  ? 14  ALA D N     1 
ATOM   852  C CA    . ALA D 1 15 ? -4.022  -3.021  2.486   1.00 12.98  ? 14  ALA D CA    1 
ATOM   853  C C     . ALA D 1 15 ? -4.587  -4.095  1.545   1.00 14.41  ? 14  ALA D C     1 
ATOM   854  O O     . ALA D 1 15 ? -4.114  -4.197  0.404   1.00 13.81  ? 14  ALA D O     1 
ATOM   855  C CB    . ALA D 1 15 ? -3.000  -3.677  3.435   1.00 14.61  ? 14  ALA D CB    1 
ATOM   856  N N     . LYS D 1 16 ? -5.584  -4.877  1.961   1.00 14.26  ? 15  LYS D N     1 
ATOM   857  C CA    . LYS D 1 16 ? -6.109  -5.928  1.082   1.00 16.30  ? 15  LYS D CA    1 
ATOM   858  C C     . LYS D 1 16 ? -6.820  -5.284  -0.101  1.00 15.41  ? 15  LYS D C     1 
ATOM   859  O O     . LYS D 1 16 ? -6.707  -5.797  -1.224  1.00 16.92  ? 15  LYS D O     1 
ATOM   860  C CB    . LYS D 1 16 ? -7.018  -6.906  1.830   1.00 16.85  ? 15  LYS D CB    1 
ATOM   861  C CG    . LYS D 1 16 ? -6.177  -7.804  2.743   1.00 18.84  ? 15  LYS D CG    1 
ATOM   862  C CD    . LYS D 1 16 ? -7.149  -8.771  3.433   1.00 24.20  ? 15  LYS D CD    1 
ATOM   863  C CE    . LYS D 1 16 ? -6.385  -9.783  4.276   1.00 34.50  ? 15  LYS D CE    1 
ATOM   864  N NZ    . LYS D 1 16 ? -7.164  -11.000 4.667   1.00 39.91  ? 15  LYS D NZ    1 
ATOM   865  N N     . GLU D 1 17 ? -7.473  -4.166  0.158   1.00 15.45  ? 16  GLU D N     1 
ATOM   866  C CA    . GLU D 1 17 ? -8.176  -3.465  -0.929  1.00 16.17  ? 16  GLU D CA    1 
ATOM   867  C C     . GLU D 1 17 ? -7.147  -2.929  -1.921  1.00 14.54  ? 16  GLU D C     1 
ATOM   868  O O     . GLU D 1 17 ? -7.329  -2.988  -3.152  1.00 15.78  ? 16  GLU D O     1 
ATOM   869  C CB    . GLU D 1 17 ? -8.901  -2.266  -0.369  1.00 17.00  ? 16  GLU D CB    1 
ATOM   870  C CG    . GLU D 1 17 ? -10.161 -2.566  0.455   1.00 23.48  ? 16  GLU D CG    1 
ATOM   871  C CD    . GLU D 1 17 ? -10.749 -1.207  0.796   1.00 33.09  ? 16  GLU D CD    1 
ATOM   872  O OE1   . GLU D 1 17 ? -10.348 -0.510  1.767   1.00 28.39  ? 16  GLU D OE1   1 
ATOM   873  O OE2   . GLU D 1 17 ? -11.510 -0.799  -0.113  1.00 36.60  ? 16  GLU D OE2   1 
ATOM   874  N N     . ILE D 1 18 ? -6.076  -2.306  -1.434  1.00 13.85  ? 17  ILE D N     1 
ATOM   875  C CA    . ILE D 1 18 ? -5.018  -1.804  -2.313  1.00 12.87  ? 17  ILE D CA    1 
ATOM   876  C C     . ILE D 1 18 ? -4.441  -2.931  -3.145  1.00 13.96  ? 17  ILE D C     1 
ATOM   877  O O     . ILE D 1 18 ? -4.247  -2.770  -4.354  1.00 14.07  ? 17  ILE D O     1 
ATOM   878  C CB    . ILE D 1 18 ? -3.847  -1.205  -1.492  1.00 13.24  ? 17  ILE D CB    1 
ATOM   879  C CG1   . ILE D 1 18 ? -4.296  0.089   -0.812  1.00 12.30  ? 17  ILE D CG1   1 
ATOM   880  C CG2   . ILE D 1 18 ? -2.678  -0.921  -2.425  1.00 13.66  ? 17  ILE D CG2   1 
ATOM   881  C CD1   . ILE D 1 18 ? -3.392  0.603   0.286   1.00 14.06  ? 17  ILE D CD1   1 
ATOM   882  N N     . LYS D 1 19 ? -4.226  -4.124  -2.582  1.00 13.55  ? 18  LYS D N     1 
ATOM   883  C CA    . LYS D 1 19 ? -3.665  -5.220  -3.316  1.00 13.75  ? 18  LYS D CA    1 
ATOM   884  C C     . LYS D 1 19 ? -4.597  -5.633  -4.466  1.00 14.29  ? 18  LYS D C     1 
ATOM   885  O O     . LYS D 1 19 ? -4.098  -5.831  -5.604  1.00 14.77  ? 18  LYS D O     1 
ATOM   886  C CB    . LYS D 1 19 ? -3.362  -6.416  -2.420  1.00 17.36  ? 18  LYS D CB    1 
ATOM   887  C CG    . LYS D 1 19 ? -2.471  -7.408  -3.170  1.00 20.62  ? 18  LYS D CG    1 
ATOM   888  C CD    . LYS D 1 19 ? -2.019  -8.511  -2.231  1.00 20.46  ? 18  LYS D CD    1 
ATOM   889  C CE    . LYS D 1 19 ? -1.128  -9.437  -3.043  1.00 23.71  ? 18  LYS D CE    1 
ATOM   890  N NZ    . LYS D 1 19 ? -0.919  -10.718 -2.311  1.00 26.66  ? 18  LYS D NZ    1 
ATOM   891  N N     . ALA D 1 20 ? -5.902  -5.591  -4.203  1.00 15.41  ? 19  ALA D N     1 
ATOM   892  C CA    . ALA D 1 20 ? -6.878  -6.031  -5.231  1.00 14.81  ? 19  ALA D CA    1 
ATOM   893  C C     . ALA D 1 20 ? -6.855  -5.010  -6.379  1.00 16.06  ? 19  ALA D C     1 
ATOM   894  O O     . ALA D 1 20 ? -6.811  -5.385  -7.579  1.00 17.87  ? 19  ALA D O     1 
ATOM   895  C CB    . ALA D 1 20 ? -8.270  -6.111  -4.617  1.00 17.42  ? 19  ALA D CB    1 
ATOM   896  N N     . ILE D 1 21 ? -6.776  -3.713  -6.103  1.00 14.46  ? 20  ILE D N     1 
ATOM   897  C CA    . ILE D 1 21 ? -6.679  -2.676  -7.134  1.00 14.68  ? 20  ILE D CA    1 
ATOM   898  C C     . ILE D 1 21 ? -5.356  -2.809  -7.870  1.00 15.08  ? 20  ILE D C     1 
ATOM   899  O O     . ILE D 1 21 ? -5.303  -2.706  -9.112  1.00 15.98  ? 20  ILE D O     1 
ATOM   900  C CB    . ILE D 1 21 ? -6.913  -1.269  -6.597  1.00 15.95  ? 20  ILE D CB    1 
ATOM   901  C CG1   . ILE D 1 21 ? -8.247  -1.095  -5.881  1.00 19.53  ? 20  ILE D CG1   1 
ATOM   902  C CG2   . ILE D 1 21 ? -6.823  -0.252  -7.767  1.00 15.57  ? 20  ILE D CG2   1 
ATOM   903  C CD1   . ILE D 1 21 ? -8.164  0.090   -4.929  1.00 20.73  ? 20  ILE D CD1   1 
ATOM   904  N N     . ALA D 1 22 ? -4.246  -3.095  -7.203  1.00 14.89  ? 21  ALA D N     1 
ATOM   905  C CA    . ALA D 1 22 ? -2.945  -3.249  -7.871  1.00 14.18  ? 21  ALA D CA    1 
ATOM   906  C C     . ALA D 1 22 ? -3.026  -4.392  -8.858  1.00 15.90  ? 21  ALA D C     1 
ATOM   907  O O     . ALA D 1 22 ? -2.488  -4.207  -9.945  1.00 15.94  ? 21  ALA D O     1 
ATOM   908  C CB    . ALA D 1 22 ? -1.865  -3.552  -6.806  1.00 17.86  ? 21  ALA D CB    1 
ATOM   909  N N     . TRP D 1 23 ? -3.676  -5.509  -8.572  1.00 15.00  ? 22  TRP D N     1 
ATOM   910  C CA    . TRP D 1 23 ? -3.757  -6.620  -9.542  1.00 16.59  ? 22  TRP D CA    1 
ATOM   911  C C     . TRP D 1 23 ? -4.557  -6.114  -10.723 1.00 16.91  ? 22  TRP D C     1 
ATOM   912  O O     . TRP D 1 23 ? -4.180  -6.460  -11.867 1.00 17.11  ? 22  TRP D O     1 
ATOM   913  C CB    . TRP D 1 23 ? -4.442  -7.856  -8.934  1.00 17.07  ? 22  TRP D CB    1 
ATOM   914  C CG    . TRP D 1 23 ? -3.689  -8.798  -8.001  1.00 22.73  ? 22  TRP D CG    1 
ATOM   915  C CD1   . TRP D 1 23 ? -4.185  -9.327  -6.805  1.00 26.50  ? 22  TRP D CD1   1 
ATOM   916  C CD2   . TRP D 1 23 ? -2.381  -9.480  -8.189  1.00 30.14  ? 22  TRP D CD2   1 
ATOM   917  N NE1   . TRP D 1 23 ? -3.304  -10.185 -6.228  1.00 36.55  ? 22  TRP D NE1   1 
ATOM   918  C CE2   . TRP D 1 23 ? -2.201  -10.333 -6.980  1.00 31.01  ? 22  TRP D CE2   1 
ATOM   919  C CE3   . TRP D 1 23 ? -1.368  -9.427  -9.129  1.00 31.60  ? 22  TRP D CE3   1 
ATOM   920  C CZ2   . TRP D 1 23 ? -1.073  -11.135 -6.806  1.00 36.28  ? 22  TRP D CZ2   1 
ATOM   921  C CZ3   . TRP D 1 23 ? -0.232  -10.219 -8.921  1.00 36.58  ? 22  TRP D CZ3   1 
ATOM   922  C CH2   . TRP D 1 23 ? -0.080  -11.027 -7.784  1.00 35.83  ? 22  TRP D CH2   1 
ATOM   923  N N     . GLU D 1 24 ? -5.605  -5.324  -10.523 1.00 15.25  ? 23  GLU D N     1 
ATOM   924  C CA    . GLU D 1 24 ? -6.392  -4.866  -11.679 1.00 17.09  ? 23  GLU D CA    1 
ATOM   925  C C     . GLU D 1 24 ? -5.540  -3.958  -12.556 1.00 18.23  ? 23  GLU D C     1 
ATOM   926  O O     . GLU D 1 24 ? -5.615  -3.938  -13.800 1.00 17.08  ? 23  GLU D O     1 
ATOM   927  C CB    . GLU D 1 24 ? -7.614  -4.105  -11.183 1.00 18.10  ? 23  GLU D CB    1 
ATOM   928  C CG    . GLU D 1 24 ? -8.568  -5.063  -10.488 1.00 21.55  ? 23  GLU D CG    1 
ATOM   929  C CD    . GLU D 1 24 ? -9.793  -4.360  -9.928  1.00 31.16  ? 23  GLU D CD    1 
ATOM   930  O OE1   . GLU D 1 24 ? -9.710  -3.191  -9.467  1.00 30.00  ? 23  GLU D OE1   1 
ATOM   931  O OE2   . GLU D 1 24 ? -10.844 -5.050  -9.886  1.00 36.68  ? 23  GLU D OE2   1 
ATOM   932  N N     . ILE D 1 25 ? -4.764  -3.071  -11.941 1.00 14.45  ? 24  ILE D N     1 
ATOM   933  C CA    . ILE D 1 25 ? -3.879  -2.185  -12.693 1.00 14.20  ? 24  ILE D CA    1 
ATOM   934  C C     . ILE D 1 25 ? -2.867  -3.006  -13.443 1.00 13.38  ? 24  ILE D C     1 
ATOM   935  O O     . ILE D 1 25 ? -2.536  -2.698  -14.593 1.00 14.78  ? 24  ILE D O     1 
ATOM   936  C CB    . ILE D 1 25 ? -3.224  -1.114  -11.774 1.00 13.06  ? 24  ILE D CB    1 
ATOM   937  C CG1   . ILE D 1 25 ? -4.315  -0.195  -11.224 1.00 13.06  ? 24  ILE D CG1   1 
ATOM   938  C CG2   . ILE D 1 25 ? -2.080  -0.396  -12.489 1.00 14.90  ? 24  ILE D CG2   1 
ATOM   939  C CD1   . ILE D 1 25 ? -3.801  0.616   -10.031 1.00 15.94  ? 24  ILE D CD1   1 
ATOM   940  N N     . LYS D 1 26 ? -2.294  -4.045  -12.869 1.00 12.94  ? 25  LYS D N     1 
ATOM   941  C CA    . LYS D 1 26 ? -1.279  -4.907  -13.477 1.00 13.81  ? 25  LYS D CA    1 
ATOM   942  C C     . LYS D 1 26 ? -1.833  -5.584  -14.749 1.00 14.70  ? 25  LYS D C     1 
ATOM   943  O O     . LYS D 1 26 ? -1.133  -5.562  -15.777 1.00 15.36  ? 25  LYS D O     1 
ATOM   944  C CB    . LYS D 1 26 ? -0.788  -5.997  -12.518 1.00 14.71  ? 25  LYS D CB    1 
ATOM   945  C CG    . LYS D 1 26 ? 0.349   -6.836  -13.109 1.00 16.87  ? 25  LYS D CG    1 
ATOM   946  C CD    . LYS D 1 26 ? 0.955   -7.841  -12.138 1.00 19.80  ? 25  LYS D CD    1 
ATOM   947  C CE    . LYS D 1 26 ? 1.845   -8.845  -12.877 1.00 26.79  ? 25  LYS D CE    1 
ATOM   948  N NZ    . LYS D 1 26 ? 2.214   -9.950  -11.946 1.00 30.58  ? 25  LYS D NZ    1 
ATOM   949  N N     . ALA D 1 27 ? -3.064  -6.033  -14.656 1.00 15.35  ? 26  ALA D N     1 
ATOM   950  C CA    . ALA D 1 27 ? -3.661  -6.676  -15.855 1.00 14.45  ? 26  ALA D CA    1 
ATOM   951  C C     . ALA D 1 27 ? -3.723  -5.659  -16.999 1.00 16.52  ? 26  ALA D C     1 
ATOM   952  O O     . ALA D 1 27 ? -3.339  -6.019  -18.138 1.00 16.70  ? 26  ALA D O     1 
ATOM   953  C CB    . ALA D 1 27 ? -5.051  -7.107  -15.480 1.00 16.15  ? 26  ALA D CB    1 
ATOM   954  N N     . ILE D 1 28 ? -4.133  -4.425  -16.721 1.00 14.78  ? 27  ILE D N     1 
ATOM   955  C CA    . ILE D 1 28 ? -4.181  -3.415  -17.806 1.00 14.89  ? 27  ILE D CA    1 
ATOM   956  C C     . ILE D 1 28 ? -2.771  -3.106  -18.307 1.00 16.66  ? 27  ILE D C     1 
ATOM   957  O O     . ILE D 1 28 ? -2.522  -3.038  -19.518 1.00 16.12  ? 27  ILE D O     1 
ATOM   958  C CB    . ILE D 1 28 ? -4.840  -2.134  -17.270 1.00 16.59  ? 27  ILE D CB    1 
ATOM   959  C CG1   . ILE D 1 28 ? -6.277  -2.413  -16.899 1.00 18.54  ? 27  ILE D CG1   1 
ATOM   960  C CG2   . ILE D 1 28 ? -4.812  -1.002  -18.317 1.00 17.22  ? 27  ILE D CG2   1 
ATOM   961  C CD1   . ILE D 1 28 ? -7.042  -1.359  -16.106 1.00 22.39  ? 27  ILE D CD1   1 
ATOM   962  N N     . ALA D 1 29 ? -1.788  -3.022  -17.421 1.00 16.59  ? 28  ALA D N     1 
ATOM   963  C CA    . ALA D 1 29 ? -0.459  -2.686  -17.822 1.00 16.12  ? 28  ALA D CA    1 
ATOM   964  C C     . ALA D 1 29 ? 0.106   -3.785  -18.755 1.00 17.30  ? 28  ALA D C     1 
ATOM   965  O O     . ALA D 1 29 ? 0.866   -3.532  -19.697 1.00 18.13  ? 28  ALA D O     1 
ATOM   966  C CB    . ALA D 1 29 ? 0.368   -2.578  -16.532 1.00 16.62  ? 28  ALA D CB    1 
ATOM   967  N N     . GLN D 1 30 ? -0.327  -5.019  -18.512 1.00 15.76  ? 29  GLN D N     1 
ATOM   968  C CA    . GLN D 1 30 ? 0.081   -6.187  -19.330 1.00 16.87  ? 29  GLN D CA    1 
ATOM   969  C C     . GLN D 1 30 ? -0.611  -6.211  -20.674 1.00 18.29  ? 29  GLN D C     1 
ATOM   970  O O     . GLN D 1 30 ? -0.343  -7.158  -21.464 1.00 18.73  ? 29  GLN D O     1 
ATOM   971  C CB    . GLN D 1 30 ? -0.092  -7.509  -18.540 1.00 17.66  ? 29  GLN D CB    1 
ATOM   972  C CG    . GLN D 1 30 ? 0.909   -7.564  -17.391 1.00 19.52  ? 29  GLN D CG    1 
ATOM   973  C CD    . GLN D 1 30 ? 0.995   -8.908  -16.738 1.00 33.21  ? 29  GLN D CD    1 
ATOM   974  O OE1   . GLN D 1 30 ? 2.047   -9.545  -16.669 1.00 45.85  ? 29  GLN D OE1   1 
ATOM   975  N NE2   . GLN D 1 30 ? -0.142  -9.312  -16.225 1.00 34.68  ? 29  GLN D NE2   1 
ATOM   976  N N     . GLY D 1 31 ? -1.620  -5.346  -20.817 1.00 15.82  ? 30  GLY D N     1 
ATOM   977  C CA    . GLY D 1 31 ? -2.333  -5.339  -22.105 1.00 15.60  ? 30  GLY D CA    1 
ATOM   978  C C     . GLY D 1 31 ? -3.656  -6.064  -22.053 1.00 16.20  ? 30  GLY D C     1 
ATOM   979  O O     . GLY D 1 31 ? -4.226  -6.378  -23.136 1.00 18.64  ? 30  GLY D O     1 
ATOM   980  N N     . TYR D 1 32 ? -4.246  -6.428  -20.911 1.00 16.13  ? 31  TYR D N     1 
ATOM   981  C CA    . TYR D 1 32 ? -5.483  -7.177  -20.833 1.00 16.62  ? 31  TYR D CA    1 
ATOM   982  C C     . TYR D 1 32 ? -6.578  -6.344  -20.253 1.00 19.80  ? 31  TYR D C     1 
ATOM   983  O O     . TYR D 1 32 ? -6.394  -5.654  -19.254 1.00 19.34  ? 31  TYR D O     1 
ATOM   984  C CB    . TYR D 1 32 ? -5.299  -8.453  -19.989 1.00 17.78  ? 31  TYR D CB    1 
ATOM   985  C CG    . TYR D 1 32 ? -4.324  -9.449  -20.574 1.00 15.50  ? 31  TYR D CG    1 
ATOM   986  C CD1   . TYR D 1 32 ? -4.856  -10.389 -21.466 1.00 18.25  ? 31  TYR D CD1   1 
ATOM   987  C CD2   . TYR D 1 32 ? -2.955  -9.390  -20.434 1.00 17.25  ? 31  TYR D CD2   1 
ATOM   988  C CE1   . TYR D 1 32 ? -4.026  -11.323 -22.061 1.00 19.14  ? 31  TYR D CE1   1 
ATOM   989  C CE2   . TYR D 1 32 ? -2.092  -10.340 -20.997 1.00 17.96  ? 31  TYR D CE2   1 
ATOM   990  C CZ    . TYR D 1 32 ? -2.693  -11.322 -21.778 1.00 20.15  ? 31  TYR D CZ    1 
ATOM   991  O OH    . TYR D 1 32 ? -1.813  -12.165 -22.423 1.00 23.70  ? 31  TYR D OH    1 
HETATM 992  N N     . NH2 D 1 33 ? -7.782  -6.416  -20.818 1.00 20.76  ? 32  NH2 D N     1 
HETATM 993  C C1    A DIO E 2 .  ? -1.482  1.380   -17.256 0.50 29.21  ? 101 DIO B C1    1 
HETATM 994  C C1    B DIO E 2 .  ? -0.777  2.536   -15.252 0.50 24.70  ? 101 DIO B C1    1 
HETATM 995  C C2    A DIO E 2 .  ? -0.134  3.300   -17.134 0.50 28.59  ? 101 DIO B C2    1 
HETATM 996  C C2    B DIO E 2 .  ? 0.002   2.558   -17.375 0.50 26.14  ? 101 DIO B C2    1 
HETATM 997  C "C1'" A DIO E 2 .  ? -0.855  1.084   -15.894 0.50 30.95  ? 101 DIO B "C1'" 1 
HETATM 998  C "C1'" B DIO E 2 .  ? -1.905  2.059   -16.145 0.50 27.58  ? 101 DIO B "C1'" 1 
HETATM 999  C "C2'" A DIO E 2 .  ? 0.897   2.179   -17.048 0.50 34.26  ? 101 DIO B "C2'" 1 
HETATM 1000 C "C2'" B DIO E 2 .  ? -0.315  1.066   -17.453 0.50 23.03  ? 101 DIO B "C2'" 1 
HETATM 1001 O O1    A DIO E 2 .  ? -1.415  2.783   -17.483 0.50 31.74  ? 101 DIO B O1    1 
HETATM 1002 O O1    B DIO E 2 .  ? 0.399   2.784   -16.021 0.50 24.90  ? 101 DIO B O1    1 
HETATM 1003 O "O1'" A DIO E 2 .  ? 0.553   1.312   -15.970 0.50 30.41  ? 101 DIO B "O1'" 1 
HETATM 1004 O "O1'" B DIO E 2 .  ? -1.441  0.798   -16.612 0.50 29.65  ? 101 DIO B "O1'" 1 
HETATM 1005 C C1    . GOL F 3 .  ? 6.306   8.117   17.425  1.00 37.65  ? 101 GOL C C1    1 
HETATM 1006 O O1    . GOL F 3 .  ? 7.675   7.826   17.735  1.00 33.61  ? 101 GOL C O1    1 
HETATM 1007 C C2    . GOL F 3 .  ? 6.395   9.283   16.453  1.00 37.87  ? 101 GOL C C2    1 
HETATM 1008 O O2    . GOL F 3 .  ? 7.383   8.940   15.470  1.00 41.60  ? 101 GOL C O2    1 
HETATM 1009 C C3    . GOL F 3 .  ? 5.084   9.754   15.818  1.00 35.16  ? 101 GOL C C3    1 
HETATM 1010 O O3    . GOL F 3 .  ? 4.231   8.794   15.181  1.00 45.35  ? 101 GOL C O3    1 
HETATM 1011 C C1    A DIO G 2 .  ? 0.787   0.004   -5.870  0.50 17.82  ? 102 DIO C C1    1 
HETATM 1012 C C1    B DIO G 2 .  ? -0.359  -0.392  -5.678  0.50 24.28  ? 102 DIO C C1    1 
HETATM 1013 C C2    A DIO G 2 .  ? -0.468  0.412   -7.796  0.50 19.41  ? 102 DIO C C2    1 
HETATM 1014 C C2    B DIO G 2 .  ? -1.366  1.170   -7.192  0.50 25.74  ? 102 DIO C C2    1 
HETATM 1015 C "C1'" A DIO G 2 .  ? -0.590  0.252   -5.274  0.50 19.35  ? 102 DIO C "C1'" 1 
HETATM 1016 C "C1'" B DIO G 2 .  ? 0.445   0.890   -5.536  0.50 20.43  ? 102 DIO C "C1'" 1 
HETATM 1017 C "C2'" A DIO G 2 .  ? -0.638  1.749   -7.082  0.50 20.05  ? 102 DIO C "C2'" 1 
HETATM 1018 C "C2'" B DIO G 2 .  ? 0.008   1.076   -7.835  0.50 22.53  ? 102 DIO C "C2'" 1 
HETATM 1019 O O1    A DIO G 2 .  ? 0.543   -0.411  -7.218  0.50 23.00  ? 102 DIO C O1    1 
HETATM 1020 O O1    B DIO G 2 .  ? -1.538  0.016   -6.374  0.50 28.44  ? 102 DIO C O1    1 
HETATM 1021 O "O1'" A DIO G 2 .  ? -1.088  1.478   -5.756  0.50 23.41  ? 102 DIO C "O1'" 1 
HETATM 1022 O "O1'" B DIO G 2 .  ? 1.013   1.142   -6.820  0.50 24.59  ? 102 DIO C "O1'" 1 
HETATM 1023 C C1    . GOL H 3 .  ? 2.199   -12.623 -24.784 1.00 47.19  ? 101 GOL D C1    1 
HETATM 1024 O O1    . GOL H 3 .  ? 1.752   -11.902 -25.938 1.00 49.89  ? 101 GOL D O1    1 
HETATM 1025 C C2    . GOL H 3 .  ? 1.571   -11.674 -23.788 1.00 34.95  ? 101 GOL D C2    1 
HETATM 1026 O O2    . GOL H 3 .  ? 2.270   -10.464 -24.096 1.00 35.14  ? 101 GOL D O2    1 
HETATM 1027 C C3    . GOL H 3 .  ? 1.928   -12.174 -22.413 1.00 44.66  ? 101 GOL D C3    1 
HETATM 1028 O O3    . GOL H 3 .  ? 0.570   -12.128 -21.991 1.00 36.74  ? 101 GOL D O3    1 
HETATM 1029 C C1    A DIO I 2 .  ? -1.401  -0.717  3.297   0.50 23.53  ? 102 DIO D C1    1 
HETATM 1030 C C1    B DIO I 2 .  ? 0.145   -1.275  2.581   0.50 17.63  ? 102 DIO D C1    1 
HETATM 1031 C C2    A DIO I 2 .  ? 0.176   -1.016  5.026   0.50 24.23  ? 102 DIO D C2    1 
HETATM 1032 C C2    B DIO I 2 .  ? -0.180  -1.118  4.863   0.50 19.56  ? 102 DIO D C2    1 
HETATM 1033 C "C1'" A DIO I 2 .  ? -0.354  -0.100  2.381   0.50 25.47  ? 102 DIO D "C1'" 1 
HETATM 1034 C "C1'" B DIO I 2 .  ? -0.773  -0.076  2.715   0.50 21.88  ? 102 DIO D "C1'" 1 
HETATM 1035 C "C2'" A DIO I 2 .  ? 1.313   -0.455  4.207   0.50 21.50  ? 102 DIO D "C2'" 1 
HETATM 1036 C "C2'" B DIO I 2 .  ? 0.202   0.351   4.758   0.50 15.56  ? 102 DIO D "C2'" 1 
HETATM 1037 O O1    A DIO I 2 .  ? -1.085  -0.472  4.662   0.50 26.20  ? 102 DIO D O1    1 
HETATM 1038 O O1    B DIO I 2 .  ? -0.036  -2.006  3.772   0.50 22.17  ? 102 DIO D O1    1 
HETATM 1039 O "O1'" A DIO I 2 .  ? 0.969   -0.346  2.833   0.50 24.24  ? 102 DIO D "O1'" 1 
HETATM 1040 O "O1'" B DIO I 2 .  ? -0.033  0.873   3.462   0.50 18.83  ? 102 DIO D "O1'" 1 
HETATM 1041 C C1    A DIO J 2 .  ? 1.008   -2.072  14.966  0.50 22.78  ? 103 DIO D C1    1 
HETATM 1042 C C1    B DIO J 2 .  ? 0.127   -1.011  12.781  0.50 23.67  ? 103 DIO D C1    1 
HETATM 1043 C C2    A DIO J 2 .  ? 0.823   -0.210  13.633  0.50 13.65  ? 103 DIO D C2    1 
HETATM 1044 C C2    B DIO J 2 .  ? 1.608   -1.611  14.609  0.50 23.01  ? 103 DIO D C2    1 
HETATM 1045 C "C1'" A DIO J 2 .  ? -0.415  -2.471  14.638  0.50 17.98  ? 103 DIO D "C1'" 1 
HETATM 1046 C "C1'" B DIO J 2 .  ? -1.098  -1.081  13.686  0.50 20.76  ? 103 DIO D "C1'" 1 
HETATM 1047 C "C2'" A DIO J 2 .  ? 0.605   -1.445  12.762  0.50 16.95  ? 103 DIO D "C2'" 1 
HETATM 1048 C "C2'" B DIO J 2 .  ? 0.293   -1.975  15.300  0.50 21.51  ? 103 DIO D "C2'" 1 
HETATM 1049 O O1    A DIO J 2 .  ? 0.955   -0.648  14.970  0.50 20.39  ? 103 DIO D O1    1 
HETATM 1050 O O1    B DIO J 2 .  ? 1.364   -1.576  13.209  0.50 26.59  ? 103 DIO D O1    1 
HETATM 1051 O "O1'" A DIO J 2 .  ? -0.442  -2.284  13.223  0.50 21.93  ? 103 DIO D "O1'" 1 
HETATM 1052 O "O1'" B DIO J 2 .  ? -0.747  -1.054  15.068  0.50 25.52  ? 103 DIO D "O1'" 1 
HETATM 1053 O O     . HOH K 4 .  ? 5.250   -10.597 1.803   1.00 24.99  ? 101 HOH A O     1 
HETATM 1054 O O     . HOH K 4 .  ? -2.366  -7.790  21.788  1.00 21.37  ? 102 HOH A O     1 
HETATM 1055 O O     . HOH K 4 .  ? 5.683   -10.181 8.321   1.00 24.45  ? 103 HOH A O     1 
HETATM 1056 O O     . HOH K 4 .  ? 3.229   -9.802  -4.582  1.00 25.28  ? 104 HOH A O     1 
HETATM 1057 O O     . HOH K 4 .  ? 8.418   -7.303  -7.955  1.00 24.19  ? 105 HOH A O     1 
HETATM 1058 O O     . HOH K 4 .  ? 8.386   -6.417  -1.656  1.00 26.02  ? 106 HOH A O     1 
HETATM 1059 O O     . HOH K 4 .  ? -0.292  -12.477 3.232   1.00 28.83  ? 107 HOH A O     1 
HETATM 1060 O O     . HOH K 4 .  ? -0.476  -11.359 5.657   1.00 24.81  ? 108 HOH A O     1 
HETATM 1061 O O     . HOH K 4 .  ? 3.790   -12.830 1.640   1.00 35.83  ? 109 HOH A O     1 
HETATM 1062 O O     . HOH K 4 .  ? 5.274   -10.901 -3.093  1.00 30.33  ? 110 HOH A O     1 
HETATM 1063 O O     . HOH K 4 .  ? 1.252   -13.252 7.006   1.00 32.07  ? 111 HOH A O     1 
HETATM 1064 O O     . HOH K 4 .  ? 10.793  0.500   -3.598  1.00 27.71  ? 112 HOH A O     1 
HETATM 1065 O O     . HOH K 4 .  ? -5.357  -14.851 18.532  1.00 37.51  ? 113 HOH A O     1 
HETATM 1066 O O     . HOH K 4 .  ? 6.450   -10.029 -0.751  1.00 33.67  ? 114 HOH A O     1 
HETATM 1067 O O     . HOH K 4 .  ? 7.802   -9.881  -8.206  1.00 40.98  ? 115 HOH A O     1 
HETATM 1068 O O     . HOH K 4 .  ? 6.819   -7.234  -14.464 1.00 31.84  ? 116 HOH A O     1 
HETATM 1069 O O     . HOH K 4 .  ? -3.947  -11.467 16.074  1.00 27.83  ? 117 HOH A O     1 
HETATM 1070 O O     . HOH K 4 .  ? 10.743  3.895   -6.545  1.00 46.02  ? 118 HOH A O     1 
HETATM 1071 O O     . HOH K 4 .  ? 1.280   -12.900 11.926  1.00 32.75  ? 119 HOH A O     1 
HETATM 1072 O O     . HOH K 4 .  ? 5.268   -9.468  -13.775 1.00 38.50  ? 120 HOH A O     1 
HETATM 1073 O O     . HOH K 4 .  ? 2.780   -12.376 18.147  1.00 33.25  ? 121 HOH A O     1 
HETATM 1074 O O     . HOH K 4 .  ? -3.133  -13.809 17.167  1.00 29.80  ? 122 HOH A O     1 
HETATM 1075 O O     . HOH K 4 .  ? 10.326  -5.670  0.115   1.00 42.21  ? 123 HOH A O     1 
HETATM 1076 O O     . HOH K 4 .  ? -5.027  -7.569  21.483  1.00 37.52  ? 124 HOH A O     1 
HETATM 1077 O O     . HOH K 4 .  ? 7.025   -11.251 3.894   1.00 34.20  ? 125 HOH A O     1 
HETATM 1078 O O     . HOH K 4 .  ? 2.683   -12.711 9.263   1.00 40.73  ? 126 HOH A O     1 
HETATM 1079 O O     . HOH K 4 .  ? 5.468   -12.868 8.412   1.00 59.25  ? 127 HOH A O     1 
HETATM 1080 O O     . HOH K 4 .  ? -6.961  -11.000 16.376  1.00 45.26  ? 128 HOH A O     1 
HETATM 1081 O O     . HOH K 4 .  ? 3.874   -10.523 -6.998  1.00 37.05  ? 129 HOH A O     1 
HETATM 1082 O O     . HOH K 4 .  ? 10.377  -10.487 6.796   1.00 53.41  ? 130 HOH A O     1 
HETATM 1083 O O     . HOH K 4 .  ? 7.006   -9.669  6.102   1.00 32.33  ? 131 HOH A O     1 
HETATM 1084 O O     . HOH K 4 .  ? 8.278   -7.211  -16.801 1.00 43.30  ? 132 HOH A O     1 
HETATM 1085 O O     . HOH K 4 .  ? 12.270  4.156   -18.905 1.00 43.06  ? 133 HOH A O     1 
HETATM 1086 O O     . HOH K 4 .  ? 10.556  -4.016  1.931   1.00 46.03  ? 134 HOH A O     1 
HETATM 1087 O O     . HOH K 4 .  ? 7.184   4.698   -20.105 1.00 51.81  ? 135 HOH A O     1 
HETATM 1088 O O     . HOH K 4 .  ? 11.317  -6.760  -16.387 1.00 41.42  ? 136 HOH A O     1 
HETATM 1089 O O     . HOH K 4 .  ? 3.135   2.434   -20.852 1.00 32.84  ? 137 HOH A O     1 
HETATM 1090 O O     . HOH K 4 .  ? 11.392  -2.314  -24.432 1.00 41.67  ? 138 HOH A O     1 
HETATM 1091 O O     . HOH K 4 .  ? -3.861  -12.656 13.402  1.00 55.21  ? 139 HOH A O     1 
HETATM 1092 O O     . HOH K 4 .  ? -2.556  -14.684 8.118   1.00 45.68  ? 140 HOH A O     1 
HETATM 1093 O O     . HOH K 4 .  ? 12.043  -8.486  6.638   1.00 56.18  ? 141 HOH A O     1 
HETATM 1094 O O     . HOH K 4 .  ? -4.132  -11.509 24.136  1.00 40.29  ? 142 HOH A O     1 
HETATM 1095 O O     . HOH K 4 .  ? 9.022   -8.935  -1.237  1.00 38.09  ? 143 HOH A O     1 
HETATM 1096 O O     . HOH K 4 .  ? 7.585   -11.182 -5.095  1.00 41.15  ? 144 HOH A O     1 
HETATM 1097 O O     . HOH K 4 .  ? -0.604  -14.430 12.204  1.00 50.83  ? 145 HOH A O     1 
HETATM 1098 O O     . HOH K 4 .  ? -2.678  -10.820 0.554   1.00 63.19  ? 146 HOH A O     1 
HETATM 1099 O O     . HOH K 4 .  ? 12.699  -8.398  -17.599 1.00 52.00  ? 147 HOH A O     1 
HETATM 1100 O O     . HOH K 4 .  ? 11.165  -10.350 9.484   1.00 64.18  ? 148 HOH A O     1 
HETATM 1101 O O     . HOH K 4 .  ? 9.341   -9.701  -4.073  1.00 45.98  ? 149 HOH A O     1 
HETATM 1102 O O     . HOH K 4 .  ? 12.427  -8.021  1.965   1.00 62.15  ? 150 HOH A O     1 
HETATM 1103 O O     . HOH L 4 .  ? 3.041   7.256   -20.685 1.00 18.03  ? 201 HOH B O     1 
HETATM 1104 O O     . HOH L 4 .  ? 10.384  4.779   2.946   1.00 20.98  ? 202 HOH B O     1 
HETATM 1105 O O     . HOH L 4 .  ? 10.734  6.087   5.411   1.00 30.26  ? 203 HOH B O     1 
HETATM 1106 O O     . HOH L 4 .  ? 6.322   8.494   -0.295  1.00 23.06  ? 204 HOH B O     1 
HETATM 1107 O O     . HOH L 4 .  ? 9.487   4.432   9.525   1.00 26.09  ? 205 HOH B O     1 
HETATM 1108 O O     . HOH L 4 .  ? 7.211   9.373   -6.733  1.00 20.63  ? 206 HOH B O     1 
HETATM 1109 O O     . HOH L 4 .  ? 6.985   7.881   -13.659 1.00 22.91  ? 207 HOH B O     1 
HETATM 1110 O O     . HOH L 4 .  ? 12.502  3.347   2.571   1.00 39.17  ? 208 HOH B O     1 
HETATM 1111 O O     . HOH L 4 .  ? 9.737   3.393   -3.783  1.00 28.91  ? 209 HOH B O     1 
HETATM 1112 O O     . HOH L 4 .  ? -3.886  9.058   -20.217 1.00 30.72  ? 210 HOH B O     1 
HETATM 1113 O O     . HOH L 4 .  ? 12.074  -0.844  12.467  1.00 30.76  ? 211 HOH B O     1 
HETATM 1114 O O     . HOH L 4 .  ? 12.243  0.471   9.875   1.00 47.76  ? 212 HOH B O     1 
HETATM 1115 O O     . HOH L 4 .  ? 5.268   9.939   -2.413  1.00 28.11  ? 213 HOH B O     1 
HETATM 1116 O O     . HOH L 4 .  ? 8.910   6.150   7.504   1.00 27.03  ? 214 HOH B O     1 
HETATM 1117 O O     . HOH L 4 .  ? 9.243   6.127   -13.043 1.00 41.95  ? 215 HOH B O     1 
HETATM 1118 O O     . HOH L 4 .  ? 10.887  5.401   -1.998  1.00 31.34  ? 216 HOH B O     1 
HETATM 1119 O O     . HOH L 4 .  ? -3.521  5.350   -19.175 1.00 32.23  ? 217 HOH B O     1 
HETATM 1120 O O     . HOH L 4 .  ? 8.948   9.349   8.797   1.00 44.32  ? 218 HOH B O     1 
HETATM 1121 O O     . HOH L 4 .  ? -6.307  11.764  -11.071 1.00 44.59  ? 219 HOH B O     1 
HETATM 1122 O O     . HOH L 4 .  ? 6.786   15.212  -18.038 1.00 39.36  ? 220 HOH B O     1 
HETATM 1123 O O     . HOH L 4 .  ? 13.661  -7.370  17.366  1.00 46.31  ? 221 HOH B O     1 
HETATM 1124 O O     . HOH L 4 .  ? 11.857  -1.075  3.192   1.00 38.29  ? 222 HOH B O     1 
HETATM 1125 O O     . HOH L 4 .  ? 6.820   11.225  -8.799  1.00 38.40  ? 223 HOH B O     1 
HETATM 1126 O O     . HOH L 4 .  ? 10.027  6.183   0.485   1.00 34.78  ? 224 HOH B O     1 
HETATM 1127 O O     . HOH L 4 .  ? 12.638  -0.367  7.436   1.00 37.09  ? 225 HOH B O     1 
HETATM 1128 O O     . HOH L 4 .  ? 8.944   8.801   0.200   1.00 37.36  ? 226 HOH B O     1 
HETATM 1129 O O     . HOH L 4 .  ? 11.258  -0.304  19.004  1.00 26.49  ? 227 HOH B O     1 
HETATM 1130 O O     . HOH L 4 .  ? 13.529  -2.651  18.643  1.00 32.56  ? 228 HOH B O     1 
HETATM 1131 O O     . HOH L 4 .  ? 9.858   8.994   -7.075  1.00 42.42  ? 229 HOH B O     1 
HETATM 1132 O O     . HOH L 4 .  ? 7.150   8.882   -16.223 1.00 36.54  ? 230 HOH B O     1 
HETATM 1133 O O     . HOH L 4 .  ? 1.265   11.918  -23.228 1.00 39.52  ? 231 HOH B O     1 
HETATM 1134 O O     . HOH L 4 .  ? 5.515   10.167  1.789   1.00 43.50  ? 232 HOH B O     1 
HETATM 1135 O O     . HOH L 4 .  ? 7.360   10.509  -12.312 1.00 42.92  ? 233 HOH B O     1 
HETATM 1136 O O     . HOH L 4 .  ? 12.133  0.993   16.972  1.00 42.99  ? 234 HOH B O     1 
HETATM 1137 O O     . HOH L 4 .  ? 13.228  4.741   17.487  1.00 61.48  ? 235 HOH B O     1 
HETATM 1138 O O     . HOH L 4 .  ? 9.882   11.551  7.066   1.00 58.24  ? 236 HOH B O     1 
HETATM 1139 O O     . HOH L 4 .  ? 11.224  6.969   18.331  1.00 47.18  ? 237 HOH B O     1 
HETATM 1140 O O     . HOH L 4 .  ? 9.187   6.613   14.713  1.00 54.38  ? 238 HOH B O     1 
HETATM 1141 O O     . HOH L 4 .  ? 12.457  -4.881  18.316  1.00 44.03  ? 239 HOH B O     1 
HETATM 1142 O O     . HOH L 4 .  ? 6.676   10.845  -4.554  1.00 39.41  ? 240 HOH B O     1 
HETATM 1143 O O     . HOH L 4 .  ? 10.154  9.245   -2.487  1.00 46.07  ? 241 HOH B O     1 
HETATM 1144 O O     . HOH L 4 .  ? 13.020  4.686   6.879   1.00 53.38  ? 242 HOH B O     1 
HETATM 1145 O O     . HOH L 4 .  ? 11.472  9.117   3.635   1.00 55.85  ? 243 HOH B O     1 
HETATM 1146 O O     . HOH L 4 .  ? 11.376  0.196   23.152  1.00 52.06  ? 244 HOH B O     1 
HETATM 1147 O O     . HOH L 4 .  ? 5.273   10.051  -17.923 1.00 40.95  ? 245 HOH B O     1 
HETATM 1148 O O     . HOH L 4 .  ? 9.630   5.686   11.957  1.00 81.08  ? 246 HOH B O     1 
HETATM 1149 O O     . HOH L 4 .  ? -0.353  14.095  -22.302 1.00 63.58  ? 247 HOH B O     1 
HETATM 1150 O O     . HOH L 4 .  ? 4.363   12.512  3.139   1.00 123.43 ? 248 HOH B O     1 
HETATM 1151 O O     . HOH L 4 .  ? 14.701  -2.726  15.864  1.00 45.35  ? 249 HOH B O     1 
HETATM 1152 O O     . HOH M 4 .  ? -9.178  8.338   -5.820  1.00 23.32  ? 201 HOH C O     1 
HETATM 1153 O O     . HOH M 4 .  ? -8.747  6.302   0.256   1.00 20.61  ? 202 HOH C O     1 
HETATM 1154 O O     . HOH M 4 .  ? -5.199  9.805   4.196   1.00 21.47  ? 203 HOH C O     1 
HETATM 1155 O O     . HOH M 4 .  ? 0.563   9.676   7.489   1.00 26.93  ? 204 HOH C O     1 
HETATM 1156 O O     . HOH M 4 .  ? 9.883   9.375   20.346  1.00 31.04  ? 205 HOH C O     1 
HETATM 1157 O O     . HOH M 4 .  ? -5.427  2.279   -21.101 1.00 24.70  ? 206 HOH C O     1 
HETATM 1158 O O     . HOH M 4 .  ? -8.666  10.805  -5.455  1.00 41.62  ? 207 HOH C O     1 
HETATM 1159 O O     . HOH M 4 .  ? -10.108 5.665   -2.036  1.00 27.56  ? 208 HOH C O     1 
HETATM 1160 O O     . HOH M 4 .  ? -3.556  11.856  4.464   1.00 40.68  ? 209 HOH C O     1 
HETATM 1161 O O     . HOH M 4 .  ? 9.476   10.417  16.036  1.00 34.08  ? 210 HOH C O     1 
HETATM 1162 O O     . HOH M 4 .  ? -10.469 7.987   -3.322  1.00 36.69  ? 211 HOH C O     1 
HETATM 1163 O O     . HOH M 4 .  ? -6.682  9.906   6.575   1.00 27.10  ? 212 HOH C O     1 
HETATM 1164 O O     . HOH M 4 .  ? 7.491   12.060  14.939  1.00 30.23  ? 213 HOH C O     1 
HETATM 1165 O O     . HOH M 4 .  ? -7.888  9.959   -12.061 1.00 34.10  ? 214 HOH C O     1 
HETATM 1166 O O     . HOH M 4 .  ? -0.698  11.353  9.129   1.00 32.45  ? 215 HOH C O     1 
HETATM 1167 O O     . HOH M 4 .  ? -6.728  7.732   8.309   1.00 26.48  ? 216 HOH C O     1 
HETATM 1168 O O     . HOH M 4 .  ? -5.143  7.967   10.448  1.00 25.83  ? 217 HOH C O     1 
HETATM 1169 O O     . HOH M 4 .  ? 3.458   10.227  8.387   1.00 47.41  ? 218 HOH C O     1 
HETATM 1170 O O     . HOH M 4 .  ? -9.993  10.188  -1.229  1.00 47.26  ? 219 HOH C O     1 
HETATM 1171 O O     . HOH M 4 .  ? -5.662  11.492  8.617   1.00 41.76  ? 220 HOH C O     1 
HETATM 1172 O O     . HOH M 4 .  ? -4.421  11.486  -4.709  1.00 41.30  ? 221 HOH C O     1 
HETATM 1173 O O     . HOH M 4 .  ? -0.824  8.363   20.420  1.00 23.11  ? 222 HOH C O     1 
HETATM 1174 O O     . HOH M 4 .  ? -9.206  10.750  -14.189 1.00 44.64  ? 223 HOH C O     1 
HETATM 1175 O O     . HOH M 4 .  ? -1.179  11.920  -1.321  1.00 42.50  ? 224 HOH C O     1 
HETATM 1176 O O     . HOH M 4 .  ? -3.674  10.186  -2.240  1.00 29.49  ? 225 HOH C O     1 
HETATM 1177 O O     . HOH M 4 .  ? 1.102   11.043  14.377  1.00 38.29  ? 226 HOH C O     1 
HETATM 1178 O O     . HOH M 4 .  ? 10.608  6.587   23.060  1.00 36.95  ? 227 HOH C O     1 
HETATM 1179 O O     . HOH M 4 .  ? -14.552 -1.929  -15.033 1.00 65.14  ? 228 HOH C O     1 
HETATM 1180 O O     . HOH M 4 .  ? -12.511 -3.330  -13.400 1.00 65.67  ? 229 HOH C O     1 
HETATM 1181 O O     . HOH M 4 .  ? -6.907  7.222   12.594  1.00 41.39  ? 230 HOH C O     1 
HETATM 1182 O O     . HOH M 4 .  ? -14.195 -1.264  -9.547  1.00 45.88  ? 231 HOH C O     1 
HETATM 1183 O O     . HOH M 4 .  ? -10.279 3.530   3.254   1.00 46.16  ? 232 HOH C O     1 
HETATM 1184 O O     . HOH M 4 .  ? -0.337  10.724  4.955   1.00 41.15  ? 233 HOH C O     1 
HETATM 1185 O O     . HOH M 4 .  ? -6.504  9.814   1.763   1.00 36.76  ? 234 HOH C O     1 
HETATM 1186 O O     . HOH M 4 .  ? -9.031  8.931   1.105   1.00 33.50  ? 235 HOH C O     1 
HETATM 1187 O O     . HOH M 4 .  ? -12.828 4.781   -1.164  1.00 34.48  ? 236 HOH C O     1 
HETATM 1188 O O     . HOH M 4 .  ? -13.882 2.117   -2.283  1.00 51.83  ? 237 HOH C O     1 
HETATM 1189 O O     . HOH M 4 .  ? -5.864  11.022  -0.582  1.00 38.01  ? 238 HOH C O     1 
HETATM 1190 O O     . HOH M 4 .  ? -9.144  6.217   11.457  1.00 47.87  ? 239 HOH C O     1 
HETATM 1191 O O     . HOH M 4 .  ? -1.302  10.092  18.473  1.00 41.25  ? 240 HOH C O     1 
HETATM 1192 O O     . HOH M 4 .  ? -13.778 11.000  -13.480 1.00 41.68  ? 241 HOH C O     1 
HETATM 1193 O O     . HOH M 4 .  ? -1.917  10.353  11.481  1.00 38.35  ? 242 HOH C O     1 
HETATM 1194 O O     . HOH M 4 .  ? 11.753  8.956   22.532  1.00 37.06  ? 243 HOH C O     1 
HETATM 1195 O O     . HOH M 4 .  ? -4.698  10.638  10.803  1.00 42.45  ? 244 HOH C O     1 
HETATM 1196 O O     . HOH M 4 .  ? -8.066  11.882  -1.819  1.00 48.27  ? 245 HOH C O     1 
HETATM 1197 O O     . HOH M 4 .  ? -12.874 1.119   -20.312 1.00 35.10  ? 246 HOH C O     1 
HETATM 1198 O O     . HOH M 4 .  ? -9.607  7.710   9.432   1.00 48.64  ? 247 HOH C O     1 
HETATM 1199 O O     . HOH M 4 .  ? -15.826 -0.832  -6.447  1.00 64.44  ? 248 HOH C O     1 
HETATM 1200 O O     . HOH N 4 .  ? -8.946  -6.689  8.836   1.00 24.92  ? 201 HOH D O     1 
HETATM 1201 O O     . HOH N 4 .  ? -10.384 -0.380  7.100   1.00 23.43  ? 202 HOH D O     1 
HETATM 1202 O O     . HOH N 4 .  ? -6.608  -8.454  -1.628  1.00 23.67  ? 203 HOH D O     1 
HETATM 1203 O O     . HOH N 4 .  ? -8.107  -5.017  -14.760 1.00 21.85  ? 204 HOH D O     1 
HETATM 1204 O O     . HOH N 4 .  ? -10.447 -5.592  2.557   1.00 24.49  ? 205 HOH D O     1 
HETATM 1205 O O     . HOH N 4 .  ? -8.138  -7.956  -8.035  1.00 26.92  ? 206 HOH D O     1 
HETATM 1206 O O     . HOH N 4 .  ? -8.598  -7.820  6.484   1.00 26.54  ? 207 HOH D O     1 
HETATM 1207 O O     . HOH N 4 .  ? 1.034   -11.643 -3.918  1.00 24.73  ? 208 HOH D O     1 
HETATM 1208 O O     . HOH N 4 .  ? 2.302   -4.558  -21.770 1.00 26.86  ? 209 HOH D O     1 
HETATM 1209 O O     . HOH N 4 .  ? -11.279 -1.028  4.310   1.00 36.06  ? 210 HOH D O     1 
HETATM 1210 O O     . HOH N 4 .  ? 1.700   -9.050  -21.288 1.00 25.68  ? 211 HOH D O     1 
HETATM 1211 O O     . HOH N 4 .  ? -11.811 1.601   15.582  1.00 33.51  ? 212 HOH D O     1 
HETATM 1212 O O     . HOH N 4 .  ? 0.328   -3.939  -23.848 1.00 26.68  ? 213 HOH D O     1 
HETATM 1213 O O     . HOH N 4 .  ? -10.542 -7.418  4.575   1.00 30.30  ? 214 HOH D O     1 
HETATM 1214 O O     . HOH N 4 .  ? -10.483 -6.567  0.124   1.00 43.07  ? 215 HOH D O     1 
HETATM 1215 O O     . HOH N 4 .  ? -12.126 -1.629  13.363  1.00 35.77  ? 216 HOH D O     1 
HETATM 1216 O O     . HOH N 4 .  ? -10.242 -2.937  -3.735  1.00 29.97  ? 217 HOH D O     1 
HETATM 1217 O O     . HOH N 4 .  ? -5.913  -9.518  -4.024  1.00 34.84  ? 218 HOH D O     1 
HETATM 1218 O O     . HOH N 4 .  ? -10.182 -4.239  19.154  1.00 30.95  ? 219 HOH D O     1 
HETATM 1219 O O     . HOH N 4 .  ? -2.836  -15.025 4.839   1.00 35.92  ? 220 HOH D O     1 
HETATM 1220 O O     . HOH N 4 .  ? -11.285 -3.580  10.443  1.00 30.40  ? 221 HOH D O     1 
HETATM 1221 O O     . HOH N 4 .  ? -9.012  0.766   23.608  1.00 38.23  ? 222 HOH D O     1 
HETATM 1222 O O     . HOH N 4 .  ? -10.789 -7.081  -7.744  1.00 55.42  ? 223 HOH D O     1 
HETATM 1223 O O     . HOH N 4 .  ? -12.718 -6.572  6.374   1.00 39.24  ? 224 HOH D O     1 
HETATM 1224 O O     . HOH N 4 .  ? -8.756  -10.534 6.735   1.00 40.29  ? 225 HOH D O     1 
HETATM 1225 O O     . HOH N 4 .  ? -10.849 -4.929  -20.659 1.00 44.35  ? 226 HOH D O     1 
HETATM 1226 O O     . HOH N 4 .  ? -11.024 -3.034  24.726  1.00 46.46  ? 227 HOH D O     1 
HETATM 1227 O O     . HOH N 4 .  ? -11.461 -5.049  16.967  1.00 42.60  ? 228 HOH D O     1 
HETATM 1228 O O     . HOH N 4 .  ? -12.211 -1.748  8.576   1.00 34.51  ? 229 HOH D O     1 
HETATM 1229 O O     . HOH N 4 .  ? -11.421 -6.172  9.274   1.00 41.54  ? 230 HOH D O     1 
HETATM 1230 O O     . HOH N 4 .  ? -10.782 -10.631 17.126  1.00 59.22  ? 231 HOH D O     1 
HETATM 1231 O O     . HOH N 4 .  ? -10.244 -0.357  -2.757  1.00 43.84  ? 232 HOH D O     1 
HETATM 1232 O O     . HOH N 4 .  ? -9.874  3.967   14.127  1.00 51.75  ? 233 HOH D O     1 
HETATM 1233 O O     . HOH N 4 .  ? -5.216  -10.084 -0.139  1.00 43.75  ? 234 HOH D O     1 
HETATM 1234 O O     . HOH N 4 .  ? -8.399  -5.357  -17.430 1.00 27.47  ? 235 HOH D O     1 
HETATM 1235 O O     . HOH N 4 .  ? -3.194  -9.021  -12.443 1.00 33.19  ? 236 HOH D O     1 
HETATM 1236 O O     . HOH N 4 .  ? -8.684  -8.654  10.607  1.00 46.23  ? 237 HOH D O     1 
HETATM 1237 O O     . HOH N 4 .  ? -8.467  -7.443  -13.712 1.00 37.55  ? 238 HOH D O     1 
HETATM 1238 O O     . HOH N 4 .  ? -11.214 -5.052  -2.473  1.00 44.18  ? 239 HOH D O     1 
HETATM 1239 O O     . HOH N 4 .  ? -12.141 -3.942  14.452  1.00 43.32  ? 240 HOH D O     1 
HETATM 1240 O O     . HOH N 4 .  ? -7.595  -9.066  -10.434 1.00 46.66  ? 241 HOH D O     1 
HETATM 1241 O O     . HOH N 4 .  ? -11.535 -6.547  -12.039 1.00 48.06  ? 242 HOH D O     1 
HETATM 1242 O O     . HOH N 4 .  ? -9.094  -8.923  -1.189  1.00 44.35  ? 243 HOH D O     1 
HETATM 1243 O O     . HOH N 4 .  ? -10.162 -9.264  -3.913  1.00 41.47  ? 244 HOH D O     1 
HETATM 1244 O O     . HOH N 4 .  ? -3.960  -11.295 -3.845  1.00 42.18  ? 245 HOH D O     1 
HETATM 1245 O O     . HOH N 4 .  ? -8.172  -11.781 1.873   1.00 51.09  ? 246 HOH D O     1 
HETATM 1246 O O     . HOH N 4 .  ? 4.450   -9.767  -25.921 1.00 68.39  ? 247 HOH D O     1 
HETATM 1247 O O     . HOH N 4 .  ? 3.748   -6.906  -20.684 1.00 44.75  ? 248 HOH D O     1 
HETATM 1248 O O     . HOH N 4 .  ? -10.592 -6.315  21.853  1.00 35.80  ? 249 HOH D O     1 
HETATM 1249 O O     . HOH N 4 .  ? -12.905 2.610   11.180  1.00 47.81  ? 250 HOH D O     1 
HETATM 1250 O O     . HOH N 4 .  ? -10.777 -3.742  -6.542  1.00 50.30  ? 251 HOH D O     1 
HETATM 1251 O O     . HOH N 4 .  ? -7.672  -9.768  13.853  1.00 52.48  ? 252 HOH D O     1 
HETATM 1252 O O     . HOH N 4 .  ? -6.014  -0.765  22.586  1.00 44.51  ? 253 HOH D O     1 
HETATM 1253 O O     . HOH N 4 .  ? -1.650  -0.708  -21.034 1.00 33.67  ? 254 HOH D O     1 
HETATM 1254 O O     . HOH N 4 .  ? -0.192  -1.304  -23.094 1.00 34.59  ? 255 HOH D O     1 
HETATM 1255 O O     . HOH N 4 .  ? -6.335  4.726   21.584  1.00 49.85  ? 256 HOH D O     1 
HETATM 1256 O O     . HOH N 4 .  ? -4.600  -12.620 5.831   1.00 48.64  ? 257 HOH D O     1 
# 
